data_6Y5H
#
_entry.id   6Y5H
#
_cell.length_a   1.00
_cell.length_b   1.00
_cell.length_c   1.00
_cell.angle_alpha   90.00
_cell.angle_beta   90.00
_cell.angle_gamma   90.00
#
_symmetry.space_group_name_H-M   'P 1'
#
loop_
_entity.id
_entity.type
_entity.pdbx_description
1 polymer 'X-31 Influenza Haemagglutinin HA1'
2 polymer 'X-31 Influenza Haemagglutinin HA2'
3 branched alpha-D-mannopyranose-(1-3)-[alpha-D-mannopyranose-(1-6)]beta-D-mannopyranose-(1-4)-2-acetamido-2-deoxy-beta-D-glucopyranose-(1-4)-2-acetamido-2-deoxy-beta-D-glucopyranose
4 branched 2-acetamido-2-deoxy-beta-D-glucopyranose-(1-4)-2-acetamido-2-deoxy-beta-D-glucopyranose
5 non-polymer 2-acetamido-2-deoxy-beta-D-glucopyranose
#
loop_
_entity_poly.entity_id
_entity_poly.type
_entity_poly.pdbx_seq_one_letter_code
_entity_poly.pdbx_strand_id
1 'polypeptide(L)'
;NSTATLCLGHHAVPNGTLVKTITDDQIEVTNATELVQSSSTGKICNNPHRILDGIDCTLIDALLGDPHCDVFQNETWDLF
VERSKAFSNCYPYDVPDYASLRSLVASSGTLEFITEGFTWTGVTQNGGSNACKRGPGSGFFSRLNWLTKSGSTYPVLNVT
MPNNDNFDKLYIWGIHHPSTNQEQTSLYVQASGRVTVSTRRSQQTIIPNIGSRPWVRGLSSRISIYWTIVKPGDVLVINS
NGNLIAPRGYFKMRTGKSSIMRSDAPIDTCISECITPNGSIPNDKPFQNVNKITYGACPKYVKQNTLKLATGMRNVPE
;
A,C,E
2 'polypeptide(L)'
;GLFGAIAGFIENGWEGMIDGWYGFRHQNSEGTGQAADLKSTQAAIDQINGKLNRVIEKTNEKFHQIEKEFSEVEGRIQDL
EKYVEDTKIDLWSYNAELLVALENQHTIDLTDSEMNKLFEKTRRQLRENAEEMGNGCFKIYHKCDNACIESIRNGTYDHD
VYRDEALNNRFQ
;
B,D,F
#
loop_
_chem_comp.id
_chem_comp.type
_chem_comp.name
_chem_comp.formula
BMA D-saccharide, beta linking beta-D-mannopyranose 'C6 H12 O6'
MAN D-saccharide, alpha linking alpha-D-mannopyranose 'C6 H12 O6'
NAG D-saccharide, beta linking 2-acetamido-2-deoxy-beta-D-glucopyranose 'C8 H15 N O6'
#
# COMPACT_ATOMS: atom_id res chain seq x y z
N ASN A 1 -36.62 -11.07 61.16
CA ASN A 1 -35.24 -11.11 60.68
C ASN A 1 -34.47 -9.87 61.13
N SER A 2 -33.21 -10.08 61.52
CA SER A 2 -32.35 -9.00 61.99
C SER A 2 -31.17 -8.76 61.06
N THR A 3 -31.30 -9.14 59.79
CA THR A 3 -30.26 -8.90 58.79
C THR A 3 -30.86 -8.28 57.54
N ALA A 4 -30.06 -8.16 56.48
CA ALA A 4 -30.53 -7.65 55.21
C ALA A 4 -29.65 -8.21 54.10
N THR A 5 -29.98 -7.87 52.86
CA THR A 5 -29.20 -8.32 51.70
C THR A 5 -29.18 -7.21 50.65
N LEU A 6 -28.09 -7.17 49.88
CA LEU A 6 -27.91 -6.16 48.85
C LEU A 6 -27.18 -6.81 47.69
N CYS A 7 -27.89 -7.09 46.59
CA CYS A 7 -27.31 -7.73 45.43
C CYS A 7 -27.02 -6.72 44.33
N LEU A 8 -25.96 -6.99 43.56
CA LEU A 8 -25.55 -6.16 42.45
C LEU A 8 -25.62 -6.97 41.15
N GLY A 9 -25.85 -6.28 40.04
CA GLY A 9 -25.98 -6.96 38.77
C GLY A 9 -26.07 -5.98 37.64
N HIS A 10 -26.21 -6.52 36.42
CA HIS A 10 -26.29 -5.75 35.20
C HIS A 10 -27.51 -6.19 34.40
N HIS A 11 -27.76 -5.50 33.28
CA HIS A 11 -28.93 -5.76 32.47
C HIS A 11 -28.60 -6.73 31.33
N ALA A 12 -29.66 -7.30 30.76
CA ALA A 12 -29.53 -8.20 29.61
C ALA A 12 -30.74 -8.01 28.71
N VAL A 13 -30.62 -8.43 27.46
CA VAL A 13 -31.73 -8.33 26.53
C VAL A 13 -32.05 -9.73 26.02
N PRO A 14 -33.29 -9.97 25.58
CA PRO A 14 -33.65 -11.32 25.12
C PRO A 14 -32.93 -11.80 23.87
N ASN A 15 -33.00 -11.02 22.79
CA ASN A 15 -32.14 -11.17 21.62
C ASN A 15 -31.00 -10.18 21.64
N GLY A 16 -29.76 -10.68 21.63
CA GLY A 16 -28.62 -9.81 21.50
C GLY A 16 -28.03 -9.91 20.10
N THR A 17 -26.74 -9.63 19.95
CA THR A 17 -26.12 -9.60 18.63
C THR A 17 -24.77 -10.29 18.70
N LEU A 18 -24.42 -11.04 17.65
CA LEU A 18 -23.16 -11.76 17.63
C LEU A 18 -22.08 -10.88 17.00
N VAL A 19 -20.95 -10.74 17.70
CA VAL A 19 -19.81 -9.97 17.21
C VAL A 19 -18.56 -10.84 17.32
N LYS A 20 -17.51 -10.41 16.65
CA LYS A 20 -16.22 -11.09 16.68
C LYS A 20 -15.26 -10.34 17.62
N THR A 21 -14.42 -11.12 18.31
CA THR A 21 -13.45 -10.52 19.21
C THR A 21 -12.03 -11.00 18.89
N ILE A 22 -11.06 -10.64 19.72
CA ILE A 22 -9.70 -11.12 19.53
C ILE A 22 -9.62 -12.61 19.85
N THR A 23 -10.35 -13.06 20.87
CA THR A 23 -10.34 -14.46 21.27
C THR A 23 -11.44 -15.24 20.55
N ASP A 24 -12.69 -14.85 20.75
CA ASP A 24 -13.83 -15.56 20.20
C ASP A 24 -14.17 -15.04 18.81
N ASP A 25 -14.87 -15.87 18.04
CA ASP A 25 -15.35 -15.47 16.74
C ASP A 25 -16.84 -15.14 16.74
N GLN A 26 -17.59 -15.66 17.72
CA GLN A 26 -19.02 -15.36 17.85
C GLN A 26 -19.32 -15.22 19.34
N ILE A 27 -19.44 -13.98 19.80
CA ILE A 27 -19.78 -13.67 21.19
C ILE A 27 -20.99 -12.74 21.20
N GLU A 28 -21.93 -13.02 22.10
CA GLU A 28 -23.24 -12.37 22.08
C GLU A 28 -23.24 -11.19 23.04
N VAL A 29 -23.47 -9.99 22.49
CA VAL A 29 -23.52 -8.76 23.26
C VAL A 29 -24.94 -8.22 23.21
N THR A 30 -25.19 -7.15 23.99
CA THR A 30 -26.53 -6.59 24.06
C THR A 30 -26.86 -5.69 22.88
N ASN A 31 -25.87 -5.19 22.16
CA ASN A 31 -26.13 -4.22 21.09
C ASN A 31 -24.90 -4.13 20.19
N ALA A 32 -25.14 -3.85 18.91
CA ALA A 32 -24.07 -3.68 17.95
C ALA A 32 -24.54 -2.77 16.82
N THR A 33 -23.58 -2.14 16.15
CA THR A 33 -23.85 -1.24 15.04
C THR A 33 -23.08 -1.70 13.80
N GLU A 34 -23.63 -1.38 12.63
CA GLU A 34 -23.04 -1.80 11.37
C GLU A 34 -22.06 -0.76 10.87
N LEU A 35 -20.94 -1.21 10.31
CA LEU A 35 -19.87 -0.34 9.88
C LEU A 35 -19.65 -0.33 8.37
N VAL A 36 -20.22 -1.27 7.63
CA VAL A 36 -20.00 -1.40 6.20
C VAL A 36 -21.31 -1.07 5.47
N GLN A 37 -21.29 -0.02 4.66
CA GLN A 37 -22.45 0.36 3.86
C GLN A 37 -22.42 -0.45 2.57
N SER A 38 -23.47 -1.27 2.37
CA SER A 38 -23.44 -2.26 1.29
C SER A 38 -24.64 -2.16 0.37
N SER A 39 -25.37 -1.04 0.40
CA SER A 39 -26.50 -0.84 -0.49
C SER A 39 -26.44 0.56 -1.11
N SER A 40 -27.06 0.68 -2.27
CA SER A 40 -27.13 1.94 -3.00
C SER A 40 -28.58 2.28 -3.32
N THR A 41 -28.84 3.57 -3.50
CA THR A 41 -30.20 4.02 -3.78
C THR A 41 -30.61 3.73 -5.22
N GLY A 42 -29.67 3.82 -6.16
CA GLY A 42 -29.93 3.54 -7.56
C GLY A 42 -29.93 4.75 -8.46
N LYS A 43 -29.93 5.96 -7.90
CA LYS A 43 -29.95 7.19 -8.66
C LYS A 43 -28.75 8.05 -8.29
N ILE A 44 -28.40 8.96 -9.19
CA ILE A 44 -27.28 9.88 -8.99
C ILE A 44 -27.85 11.26 -8.68
N CYS A 45 -27.67 11.71 -7.45
CA CYS A 45 -28.15 13.02 -7.04
C CYS A 45 -27.30 14.11 -7.66
N ASN A 46 -27.93 15.22 -8.06
CA ASN A 46 -27.25 16.32 -8.73
C ASN A 46 -26.98 17.49 -7.80
N ASN A 47 -26.71 17.22 -6.53
CA ASN A 47 -26.38 18.25 -5.56
C ASN A 47 -25.49 17.61 -4.50
N PRO A 48 -24.44 18.33 -4.02
CA PRO A 48 -24.09 19.67 -4.47
C PRO A 48 -23.07 19.69 -5.61
N HIS A 49 -22.85 18.54 -6.23
CA HIS A 49 -21.97 18.46 -7.39
C HIS A 49 -22.72 18.83 -8.66
N ARG A 50 -21.96 19.25 -9.68
CA ARG A 50 -22.51 19.63 -10.97
C ARG A 50 -22.29 18.47 -11.93
N ILE A 51 -23.35 17.71 -12.18
CA ILE A 51 -23.28 16.51 -13.01
C ILE A 51 -23.74 16.85 -14.42
N LEU A 52 -22.99 16.36 -15.41
CA LEU A 52 -23.34 16.52 -16.82
C LEU A 52 -23.62 15.14 -17.41
N ASP A 53 -24.77 15.01 -18.06
CA ASP A 53 -25.25 13.74 -18.60
C ASP A 53 -24.90 13.65 -20.07
N GLY A 54 -23.89 12.85 -20.40
CA GLY A 54 -23.50 12.63 -21.78
C GLY A 54 -24.35 11.56 -22.43
N ILE A 55 -25.57 11.95 -22.84
CA ILE A 55 -26.60 10.98 -23.22
C ILE A 55 -26.09 10.06 -24.33
N ASP A 56 -25.82 10.63 -25.51
CA ASP A 56 -25.40 9.84 -26.66
C ASP A 56 -24.03 10.26 -27.19
N CYS A 57 -23.24 10.97 -26.39
CA CYS A 57 -21.95 11.47 -26.82
C CYS A 57 -20.87 11.09 -25.81
N THR A 58 -19.68 10.79 -26.32
CA THR A 58 -18.51 10.63 -25.47
C THR A 58 -17.86 12.00 -25.25
N LEU A 59 -16.74 11.99 -24.51
CA LEU A 59 -16.05 13.24 -24.24
C LEU A 59 -15.28 13.72 -25.47
N ILE A 60 -14.66 12.80 -26.22
CA ILE A 60 -13.83 13.20 -27.35
C ILE A 60 -14.68 13.71 -28.50
N ASP A 61 -15.86 13.11 -28.71
CA ASP A 61 -16.74 13.60 -29.77
C ASP A 61 -17.35 14.95 -29.40
N ALA A 62 -17.64 15.18 -28.12
CA ALA A 62 -18.09 16.49 -27.67
C ALA A 62 -16.97 17.52 -27.71
N LEU A 63 -15.72 17.06 -27.66
CA LEU A 63 -14.58 17.96 -27.81
C LEU A 63 -14.39 18.37 -29.27
N LEU A 64 -14.41 17.39 -30.18
CA LEU A 64 -14.14 17.67 -31.59
C LEU A 64 -15.27 18.44 -32.24
N GLY A 65 -16.51 18.25 -31.79
CA GLY A 65 -17.63 18.94 -32.40
C GLY A 65 -18.48 18.10 -33.32
N ASP A 66 -18.80 16.88 -32.89
CA ASP A 66 -19.69 16.03 -33.66
C ASP A 66 -21.04 16.72 -33.87
N PRO A 67 -21.67 16.57 -35.04
CA PRO A 67 -22.90 17.32 -35.32
C PRO A 67 -24.08 16.94 -34.43
N HIS A 68 -24.06 15.76 -33.81
CA HIS A 68 -25.10 15.38 -32.87
C HIS A 68 -24.70 15.63 -31.43
N CYS A 69 -23.60 16.36 -31.22
CA CYS A 69 -23.15 16.77 -29.90
C CYS A 69 -22.94 18.28 -29.86
N ASP A 70 -23.67 19.03 -30.69
CA ASP A 70 -23.52 20.47 -30.73
C ASP A 70 -24.19 21.16 -29.54
N VAL A 71 -24.97 20.43 -28.76
CA VAL A 71 -25.48 20.97 -27.50
C VAL A 71 -24.40 20.98 -26.43
N PHE A 72 -23.26 20.32 -26.67
CA PHE A 72 -22.21 20.30 -25.60
C PHE A 72 -21.13 21.36 -25.86
N GLN A 73 -21.44 22.48 -26.51
CA GLN A 73 -20.41 23.55 -26.67
C GLN A 73 -20.27 24.36 -25.37
N ASN A 74 -19.04 24.55 -24.87
CA ASN A 74 -18.77 25.32 -23.62
C ASN A 74 -19.58 24.72 -22.47
N GLU A 75 -19.60 23.39 -22.38
CA GLU A 75 -20.21 22.74 -21.21
C GLU A 75 -19.19 22.81 -20.08
N THR A 76 -19.63 23.23 -18.90
CA THR A 76 -18.72 23.22 -17.71
C THR A 76 -19.24 22.12 -16.79
N TRP A 77 -18.39 21.15 -16.48
CA TRP A 77 -18.85 20.01 -15.64
C TRP A 77 -18.01 19.95 -14.37
N ASP A 78 -18.61 19.34 -13.34
CA ASP A 78 -17.84 18.84 -12.20
C ASP A 78 -17.66 17.33 -12.24
N LEU A 79 -18.58 16.58 -12.83
CA LEU A 79 -18.39 15.16 -13.09
C LEU A 79 -19.11 14.79 -14.38
N PHE A 80 -18.35 14.30 -15.36
CA PHE A 80 -18.91 13.85 -16.63
C PHE A 80 -19.37 12.40 -16.51
N VAL A 81 -20.61 12.14 -16.93
CA VAL A 81 -21.18 10.79 -16.90
C VAL A 81 -21.29 10.29 -18.33
N GLU A 82 -20.62 9.18 -18.62
CA GLU A 82 -20.59 8.60 -19.96
C GLU A 82 -21.48 7.37 -20.01
N ARG A 83 -22.41 7.36 -20.96
CA ARG A 83 -23.31 6.22 -21.14
C ARG A 83 -22.72 5.23 -22.14
N SER A 84 -23.27 4.01 -22.11
CA SER A 84 -22.81 2.95 -23.00
C SER A 84 -23.51 2.96 -24.35
N LYS A 85 -24.63 3.66 -24.48
CA LYS A 85 -25.34 3.80 -25.74
C LYS A 85 -24.74 4.88 -26.65
N ALA A 86 -23.52 5.33 -26.37
CA ALA A 86 -22.92 6.39 -27.16
C ALA A 86 -22.34 5.84 -28.46
N PHE A 87 -22.38 6.66 -29.50
CA PHE A 87 -21.88 6.28 -30.81
C PHE A 87 -21.38 7.54 -31.52
N SER A 88 -20.69 7.32 -32.64
CA SER A 88 -20.17 8.41 -33.46
C SER A 88 -20.84 8.39 -34.83
N ASN A 89 -21.11 9.59 -35.36
CA ASN A 89 -21.82 9.74 -36.62
C ASN A 89 -21.16 10.81 -37.47
N CYS A 90 -19.83 10.76 -37.56
CA CYS A 90 -19.09 11.72 -38.36
C CYS A 90 -17.95 10.97 -39.06
N TYR A 91 -16.99 11.73 -39.57
CA TYR A 91 -15.84 11.15 -40.25
C TYR A 91 -15.11 10.17 -39.33
N PRO A 92 -14.83 8.94 -39.78
CA PRO A 92 -14.13 7.99 -38.91
C PRO A 92 -12.73 8.49 -38.58
N TYR A 93 -12.37 8.41 -37.31
CA TYR A 93 -11.13 8.99 -36.82
C TYR A 93 -10.43 8.01 -35.88
N ASP A 94 -9.30 8.44 -35.35
CA ASP A 94 -8.43 7.60 -34.53
C ASP A 94 -7.55 8.51 -33.68
N VAL A 95 -7.34 8.12 -32.43
CA VAL A 95 -6.52 8.91 -31.52
C VAL A 95 -5.40 8.05 -30.95
N PRO A 96 -4.14 8.31 -31.30
CA PRO A 96 -3.03 7.69 -30.56
C PRO A 96 -2.94 8.25 -29.16
N ASP A 97 -2.80 7.36 -28.18
CA ASP A 97 -2.84 7.71 -26.76
C ASP A 97 -4.20 8.32 -26.40
N TYR A 98 -5.24 7.52 -26.61
CA TYR A 98 -6.60 7.99 -26.38
C TYR A 98 -6.85 8.23 -24.89
N ALA A 99 -6.39 7.32 -24.03
CA ALA A 99 -6.66 7.45 -22.61
C ALA A 99 -5.99 8.69 -22.03
N SER A 100 -4.81 9.06 -22.54
CA SER A 100 -4.12 10.24 -22.04
C SER A 100 -4.93 11.50 -22.32
N LEU A 101 -5.44 11.64 -23.54
CA LEU A 101 -6.23 12.81 -23.89
C LEU A 101 -7.56 12.81 -23.14
N ARG A 102 -8.18 11.64 -23.00
CA ARG A 102 -9.45 11.55 -22.29
C ARG A 102 -9.29 11.96 -20.84
N SER A 103 -8.20 11.53 -20.20
CA SER A 103 -7.97 11.90 -18.80
C SER A 103 -7.49 13.33 -18.66
N LEU A 104 -6.85 13.88 -19.70
CA LEU A 104 -6.43 15.27 -19.65
C LEU A 104 -7.62 16.21 -19.77
N VAL A 105 -8.58 15.87 -20.63
CA VAL A 105 -9.74 16.74 -20.80
C VAL A 105 -10.79 16.49 -19.72
N ALA A 106 -10.87 15.26 -19.20
CA ALA A 106 -11.84 14.97 -18.16
C ALA A 106 -11.52 15.73 -16.88
N SER A 107 -10.24 15.80 -16.52
CA SER A 107 -9.82 16.46 -15.29
C SER A 107 -9.70 17.97 -15.44
N SER A 108 -9.91 18.51 -16.64
CA SER A 108 -9.83 19.96 -16.81
C SER A 108 -11.14 20.63 -16.45
N GLY A 109 -12.27 20.05 -16.87
CA GLY A 109 -13.56 20.50 -16.41
C GLY A 109 -14.25 21.53 -17.29
N THR A 110 -13.69 21.85 -18.45
CA THR A 110 -14.27 22.85 -19.32
C THR A 110 -14.13 22.42 -20.78
N LEU A 111 -15.09 22.84 -21.60
CA LEU A 111 -15.00 22.75 -23.05
C LEU A 111 -15.01 24.14 -23.68
N GLU A 112 -14.49 25.13 -22.96
CA GLU A 112 -14.49 26.50 -23.44
C GLU A 112 -13.49 26.66 -24.57
N PHE A 113 -13.96 27.12 -25.73
CA PHE A 113 -13.18 27.16 -26.96
C PHE A 113 -13.10 28.59 -27.44
N ILE A 114 -11.89 29.14 -27.48
CA ILE A 114 -11.65 30.49 -28.00
C ILE A 114 -11.17 30.32 -29.43
N THR A 115 -11.90 30.93 -30.37
CA THR A 115 -11.53 30.85 -31.78
C THR A 115 -10.44 31.87 -32.09
N GLU A 116 -9.51 31.48 -32.96
CA GLU A 116 -8.38 32.34 -33.32
C GLU A 116 -8.35 32.49 -34.84
N GLY A 117 -7.76 33.59 -35.29
CA GLY A 117 -7.66 33.86 -36.70
C GLY A 117 -6.36 33.40 -37.30
N PHE A 118 -6.38 32.20 -37.88
CA PHE A 118 -5.26 31.70 -38.66
C PHE A 118 -5.39 32.15 -40.11
N THR A 119 -4.25 32.33 -40.77
CA THR A 119 -4.21 32.77 -42.16
C THR A 119 -3.60 31.66 -43.00
N TRP A 120 -4.44 30.95 -43.75
CA TRP A 120 -4.03 29.90 -44.68
C TRP A 120 -4.19 30.44 -46.10
N THR A 121 -3.10 30.87 -46.70
CA THR A 121 -3.12 31.44 -48.05
C THR A 121 -2.63 30.41 -49.06
N GLY A 122 -3.39 30.23 -50.14
CA GLY A 122 -3.06 29.27 -51.17
C GLY A 122 -3.83 27.96 -51.12
N VAL A 123 -4.79 27.82 -50.19
CA VAL A 123 -5.55 26.59 -50.03
C VAL A 123 -7.03 26.95 -49.93
N THR A 124 -7.86 25.92 -50.01
CA THR A 124 -9.31 26.06 -49.85
C THR A 124 -9.71 25.56 -48.47
N GLN A 125 -10.50 26.36 -47.76
CA GLN A 125 -10.90 26.07 -46.39
C GLN A 125 -12.30 25.46 -46.34
N ASN A 126 -12.66 24.99 -45.14
CA ASN A 126 -13.99 24.50 -44.83
C ASN A 126 -14.36 23.30 -45.72
N GLY A 127 -13.50 22.28 -45.67
CA GLY A 127 -13.81 21.04 -46.35
C GLY A 127 -14.93 20.27 -45.66
N GLY A 128 -15.68 19.52 -46.47
CA GLY A 128 -16.85 18.81 -45.98
C GLY A 128 -16.78 17.34 -46.33
N SER A 129 -17.79 16.61 -45.84
CA SER A 129 -17.87 15.17 -46.04
C SER A 129 -19.34 14.77 -46.03
N ASN A 130 -19.67 13.71 -46.76
CA ASN A 130 -21.03 13.21 -46.79
C ASN A 130 -21.30 12.20 -45.70
N ALA A 131 -20.32 11.89 -44.85
CA ALA A 131 -20.54 11.03 -43.71
C ALA A 131 -20.79 11.83 -42.43
N CYS A 132 -20.74 13.16 -42.49
CA CYS A 132 -20.89 13.99 -41.31
C CYS A 132 -21.88 15.12 -41.58
N LYS A 133 -23.06 14.77 -42.10
CA LYS A 133 -24.08 15.75 -42.44
C LYS A 133 -24.51 16.56 -41.23
N ARG A 134 -24.32 17.87 -41.31
CA ARG A 134 -24.82 18.83 -40.33
C ARG A 134 -25.97 19.58 -41.00
N GLY A 135 -27.18 19.03 -40.85
CA GLY A 135 -28.36 19.53 -41.49
C GLY A 135 -28.72 18.74 -42.73
N PRO A 136 -29.09 19.44 -43.81
CA PRO A 136 -29.38 18.75 -45.07
C PRO A 136 -28.20 18.60 -46.01
N GLY A 137 -27.07 19.25 -45.74
CA GLY A 137 -25.91 19.19 -46.59
C GLY A 137 -24.72 18.53 -45.90
N SER A 138 -23.62 18.47 -46.65
CA SER A 138 -22.40 17.87 -46.11
C SER A 138 -21.81 18.75 -45.01
N GLY A 139 -20.98 18.13 -44.18
CA GLY A 139 -20.39 18.86 -43.08
C GLY A 139 -19.13 18.20 -42.59
N PHE A 140 -18.68 18.65 -41.41
CA PHE A 140 -17.45 18.17 -40.80
C PHE A 140 -17.50 18.51 -39.31
N PHE A 141 -16.43 18.20 -38.61
CA PHE A 141 -16.27 18.67 -37.24
C PHE A 141 -16.27 20.19 -37.20
N SER A 142 -16.81 20.74 -36.10
CA SER A 142 -16.96 22.18 -35.98
C SER A 142 -15.74 22.88 -35.39
N ARG A 143 -14.76 22.12 -34.89
CA ARG A 143 -13.56 22.69 -34.31
C ARG A 143 -12.32 22.47 -35.16
N LEU A 144 -12.47 21.87 -36.35
CA LEU A 144 -11.35 21.57 -37.22
C LEU A 144 -11.61 22.10 -38.62
N ASN A 145 -10.54 22.24 -39.39
CA ASN A 145 -10.58 22.87 -40.70
C ASN A 145 -9.85 21.96 -41.68
N TRP A 146 -10.58 21.46 -42.68
CA TRP A 146 -10.02 20.55 -43.67
C TRP A 146 -9.60 21.35 -44.89
N LEU A 147 -8.28 21.50 -45.06
CA LEU A 147 -7.71 22.27 -46.16
C LEU A 147 -7.30 21.35 -47.30
N THR A 148 -7.64 21.75 -48.52
CA THR A 148 -7.29 21.04 -49.73
C THR A 148 -6.68 22.01 -50.73
N LYS A 149 -6.29 21.50 -51.89
CA LYS A 149 -5.61 22.32 -52.88
C LYS A 149 -6.55 23.35 -53.47
N SER A 150 -5.99 24.49 -53.86
CA SER A 150 -6.75 25.62 -54.40
C SER A 150 -6.47 25.72 -55.89
N GLY A 151 -7.33 25.08 -56.68
CA GLY A 151 -7.21 25.09 -58.12
C GLY A 151 -6.25 24.04 -58.68
N SER A 152 -4.95 24.30 -58.61
CA SER A 152 -3.98 23.37 -59.17
C SER A 152 -2.71 23.21 -58.35
N THR A 153 -2.60 23.84 -57.18
CA THR A 153 -1.38 23.80 -56.39
C THR A 153 -1.72 23.75 -54.91
N TYR A 154 -0.74 23.34 -54.11
CA TYR A 154 -0.86 23.27 -52.66
C TYR A 154 0.47 23.72 -52.08
N PRO A 155 0.59 25.00 -51.73
CA PRO A 155 1.89 25.51 -51.26
C PRO A 155 2.25 24.99 -49.88
N VAL A 156 3.46 25.32 -49.42
CA VAL A 156 3.93 24.88 -48.11
C VAL A 156 3.39 25.84 -47.05
N LEU A 157 2.40 25.39 -46.30
CA LEU A 157 1.83 26.21 -45.23
C LEU A 157 2.84 26.36 -44.11
N ASN A 158 2.97 27.59 -43.61
CA ASN A 158 3.90 27.91 -42.52
C ASN A 158 3.29 29.05 -41.73
N VAL A 159 2.75 28.74 -40.55
CA VAL A 159 1.97 29.70 -39.76
C VAL A 159 2.51 29.70 -38.33
N THR A 160 2.25 30.80 -37.64
CA THR A 160 2.74 31.02 -36.29
C THR A 160 1.63 31.57 -35.41
N MET A 161 1.78 31.31 -34.10
CA MET A 161 0.82 31.79 -33.11
C MET A 161 1.49 31.96 -31.76
N PRO A 162 1.59 33.18 -31.25
CA PRO A 162 2.23 33.40 -29.94
C PRO A 162 1.21 33.35 -28.82
N ASN A 163 1.72 33.08 -27.62
CA ASN A 163 0.91 33.00 -26.42
C ASN A 163 1.34 34.14 -25.49
N ASN A 164 0.54 35.21 -25.46
CA ASN A 164 0.82 36.36 -24.61
C ASN A 164 -0.03 36.40 -23.36
N ASP A 165 -0.93 35.42 -23.17
CA ASP A 165 -1.81 35.41 -22.01
C ASP A 165 -1.06 34.83 -20.80
N ASN A 166 -1.80 34.51 -19.74
CA ASN A 166 -1.22 33.96 -18.53
C ASN A 166 -1.82 32.61 -18.16
N PHE A 167 -2.26 31.86 -19.17
CA PHE A 167 -2.76 30.50 -18.97
C PHE A 167 -2.27 29.62 -20.10
N ASP A 168 -2.44 28.31 -19.92
CA ASP A 168 -2.04 27.34 -20.93
C ASP A 168 -3.10 27.22 -22.01
N LYS A 169 -2.66 26.90 -23.22
CA LYS A 169 -3.55 26.74 -24.37
C LYS A 169 -3.43 25.33 -24.92
N LEU A 170 -4.56 24.71 -25.22
CA LEU A 170 -4.62 23.37 -25.77
C LEU A 170 -5.09 23.44 -27.21
N TYR A 171 -4.24 22.99 -28.14
CA TYR A 171 -4.56 22.97 -29.55
C TYR A 171 -4.78 21.53 -29.99
N ILE A 172 -5.84 21.30 -30.76
CA ILE A 172 -6.18 19.97 -31.27
C ILE A 172 -6.11 20.02 -32.78
N TRP A 173 -5.28 19.17 -33.37
CA TRP A 173 -5.11 19.11 -34.82
C TRP A 173 -5.14 17.64 -35.25
N GLY A 174 -4.98 17.42 -36.55
CA GLY A 174 -5.04 16.06 -37.05
C GLY A 174 -4.35 15.92 -38.40
N ILE A 175 -4.30 14.67 -38.86
CA ILE A 175 -3.74 14.33 -40.16
C ILE A 175 -4.68 13.36 -40.86
N HIS A 176 -4.75 13.47 -42.18
CA HIS A 176 -5.69 12.71 -42.99
C HIS A 176 -4.96 11.58 -43.70
N HIS A 177 -5.40 10.35 -43.45
CA HIS A 177 -4.84 9.19 -44.14
C HIS A 177 -5.78 8.81 -45.28
N PRO A 178 -5.38 9.00 -46.54
CA PRO A 178 -6.26 8.68 -47.67
C PRO A 178 -6.39 7.19 -47.92
N SER A 179 -7.17 6.82 -48.92
CA SER A 179 -7.47 5.42 -49.23
C SER A 179 -6.65 4.88 -50.38
N THR A 180 -6.50 5.64 -51.46
CA THR A 180 -5.74 5.22 -52.63
C THR A 180 -4.66 6.26 -52.93
N ASN A 181 -3.83 5.95 -53.92
CA ASN A 181 -2.79 6.88 -54.36
C ASN A 181 -3.30 7.87 -55.39
N GLN A 182 -4.56 7.75 -55.82
CA GLN A 182 -5.15 8.71 -56.76
C GLN A 182 -5.85 9.85 -56.04
N GLU A 183 -6.50 9.57 -54.91
CA GLU A 183 -7.17 10.62 -54.15
C GLU A 183 -6.20 11.47 -53.34
N GLN A 184 -4.98 10.98 -53.13
CA GLN A 184 -3.95 11.80 -52.50
C GLN A 184 -3.55 12.98 -53.40
N THR A 185 -3.21 12.69 -54.65
CA THR A 185 -2.78 13.72 -55.59
C THR A 185 -3.93 14.56 -56.14
N SER A 186 -5.18 14.16 -55.90
CA SER A 186 -6.31 14.96 -56.34
C SER A 186 -6.77 15.95 -55.28
N LEU A 187 -6.28 15.81 -54.05
CA LEU A 187 -6.56 16.74 -52.97
C LEU A 187 -5.33 17.54 -52.55
N TYR A 188 -4.15 16.92 -52.60
CA TYR A 188 -2.87 17.58 -52.31
C TYR A 188 -1.90 17.15 -53.40
N VAL A 189 -1.49 18.10 -54.26
CA VAL A 189 -0.76 17.77 -55.47
C VAL A 189 0.53 17.00 -55.18
N GLN A 190 1.05 17.07 -53.96
CA GLN A 190 2.27 16.37 -53.61
C GLN A 190 1.99 14.89 -53.38
N ALA A 191 2.92 14.04 -53.79
CA ALA A 191 2.76 12.60 -53.67
C ALA A 191 3.03 12.08 -52.27
N SER A 192 3.39 12.96 -51.33
CA SER A 192 3.61 12.57 -49.95
C SER A 192 3.44 13.79 -49.05
N GLY A 193 2.73 13.61 -47.93
CA GLY A 193 2.46 14.68 -47.01
C GLY A 193 3.29 14.58 -45.74
N ARG A 194 3.22 15.63 -44.95
CA ARG A 194 4.00 15.76 -43.72
C ARG A 194 3.48 16.96 -42.94
N VAL A 195 3.32 16.77 -41.62
CA VAL A 195 2.82 17.83 -40.75
C VAL A 195 3.77 17.96 -39.55
N THR A 196 4.27 19.16 -39.33
CA THR A 196 5.17 19.47 -38.22
C THR A 196 4.52 20.55 -37.36
N VAL A 197 4.41 20.29 -36.06
CA VAL A 197 3.89 21.26 -35.10
C VAL A 197 4.92 21.38 -33.98
N SER A 198 5.41 22.59 -33.74
CA SER A 198 6.56 22.77 -32.87
C SER A 198 6.36 23.94 -31.92
N THR A 199 6.80 23.76 -30.69
CA THR A 199 6.97 24.83 -29.72
C THR A 199 8.46 25.06 -29.49
N ARG A 200 8.79 25.95 -28.54
CA ARG A 200 10.19 26.21 -28.24
C ARG A 200 10.89 25.07 -27.53
N ARG A 201 10.15 24.02 -27.14
CA ARG A 201 10.74 22.94 -26.36
C ARG A 201 10.33 21.55 -26.83
N SER A 202 9.44 21.44 -27.81
CA SER A 202 9.01 20.13 -28.29
C SER A 202 8.65 20.24 -29.77
N GLN A 203 8.41 19.10 -30.39
CA GLN A 203 8.08 19.04 -31.81
C GLN A 203 7.41 17.70 -32.10
N GLN A 204 6.44 17.72 -33.01
CA GLN A 204 5.75 16.52 -33.47
C GLN A 204 5.66 16.56 -34.99
N THR A 205 6.15 15.52 -35.64
CA THR A 205 6.09 15.38 -37.09
C THR A 205 5.40 14.08 -37.44
N ILE A 206 4.35 14.17 -38.26
CA ILE A 206 3.54 13.02 -38.65
C ILE A 206 3.51 12.94 -40.17
N ILE A 207 3.51 11.71 -40.69
CA ILE A 207 3.44 11.48 -42.17
C ILE A 207 2.27 10.53 -42.48
N PRO A 208 1.38 10.88 -43.43
CA PRO A 208 0.22 10.03 -43.76
C PRO A 208 0.60 8.66 -44.31
N ASN A 209 -0.25 7.66 -44.02
CA ASN A 209 -0.04 6.27 -44.40
C ASN A 209 -1.15 5.88 -45.38
N ILE A 210 -0.83 5.88 -46.67
CA ILE A 210 -1.82 5.52 -47.68
C ILE A 210 -2.09 4.02 -47.63
N GLY A 211 -3.36 3.66 -47.69
CA GLY A 211 -3.76 2.26 -47.64
C GLY A 211 -5.26 2.16 -47.52
N SER A 212 -5.75 0.93 -47.59
CA SER A 212 -7.16 0.65 -47.47
C SER A 212 -7.52 0.18 -46.08
N ARG A 213 -8.70 0.55 -45.63
CA ARG A 213 -9.23 0.22 -44.31
C ARG A 213 -10.63 -0.36 -44.46
N PRO A 214 -11.17 -0.99 -43.41
CA PRO A 214 -12.57 -1.41 -43.45
C PRO A 214 -13.50 -0.23 -43.65
N TRP A 215 -14.60 -0.48 -44.36
CA TRP A 215 -15.60 0.55 -44.62
C TRP A 215 -16.33 0.90 -43.32
N VAL A 216 -16.31 2.16 -42.95
CA VAL A 216 -17.02 2.66 -41.78
C VAL A 216 -17.86 3.86 -42.22
N ARG A 217 -19.18 3.67 -42.27
CA ARG A 217 -20.14 4.69 -42.68
C ARG A 217 -19.94 5.14 -44.13
N GLY A 218 -19.29 4.34 -44.95
CA GLY A 218 -19.13 4.64 -46.35
C GLY A 218 -17.77 5.17 -46.75
N LEU A 219 -16.78 5.08 -45.88
CA LEU A 219 -15.45 5.63 -46.14
C LEU A 219 -14.40 4.62 -45.73
N SER A 220 -13.27 4.64 -46.43
CA SER A 220 -12.10 3.84 -46.07
C SER A 220 -10.88 4.70 -45.76
N SER A 221 -11.04 6.02 -45.68
CA SER A 221 -9.99 6.90 -45.23
C SER A 221 -10.08 7.09 -43.72
N ARG A 222 -9.06 7.70 -43.13
CA ARG A 222 -9.05 7.89 -41.69
C ARG A 222 -8.51 9.26 -41.33
N ILE A 223 -8.67 9.63 -40.06
CA ILE A 223 -8.10 10.84 -39.49
C ILE A 223 -7.44 10.47 -38.16
N SER A 224 -6.21 10.94 -37.96
CA SER A 224 -5.53 10.76 -36.69
C SER A 224 -5.46 12.10 -35.97
N ILE A 225 -5.71 12.07 -34.66
CA ILE A 225 -5.91 13.27 -33.85
C ILE A 225 -4.73 13.42 -32.90
N TYR A 226 -4.10 14.60 -32.90
CA TYR A 226 -3.01 14.93 -32.01
C TYR A 226 -3.32 16.25 -31.31
N TRP A 227 -2.54 16.54 -30.27
CA TRP A 227 -2.77 17.74 -29.48
C TRP A 227 -1.43 18.32 -29.03
N THR A 228 -1.45 19.61 -28.72
CA THR A 228 -0.28 20.36 -28.30
C THR A 228 -0.69 21.29 -27.17
N ILE A 229 0.25 21.55 -26.25
CA ILE A 229 0.01 22.44 -25.13
C ILE A 229 1.05 23.55 -25.18
N VAL A 230 0.57 24.80 -25.20
CA VAL A 230 1.42 25.98 -25.25
C VAL A 230 1.34 26.70 -23.92
N LYS A 231 2.47 26.89 -23.27
CA LYS A 231 2.58 27.53 -21.97
C LYS A 231 2.84 29.02 -22.14
N PRO A 232 2.54 29.83 -21.12
CA PRO A 232 2.69 31.28 -21.27
C PRO A 232 4.13 31.67 -21.56
N GLY A 233 4.31 32.51 -22.57
CA GLY A 233 5.62 32.90 -23.03
C GLY A 233 6.17 32.07 -24.17
N ASP A 234 5.49 31.00 -24.56
CA ASP A 234 5.96 30.11 -25.61
C ASP A 234 5.42 30.61 -26.96
N VAL A 235 5.56 29.78 -28.00
CA VAL A 235 5.11 30.10 -29.35
C VAL A 235 4.81 28.77 -30.04
N LEU A 236 3.89 28.80 -31.00
CA LEU A 236 3.51 27.63 -31.77
C LEU A 236 3.76 27.88 -33.24
N VAL A 237 4.38 26.92 -33.93
CA VAL A 237 4.62 27.02 -35.37
C VAL A 237 4.10 25.76 -36.03
N ILE A 238 3.34 25.93 -37.12
CA ILE A 238 2.77 24.82 -37.87
C ILE A 238 3.32 24.89 -39.30
N ASN A 239 3.96 23.80 -39.72
CA ASN A 239 4.53 23.67 -41.06
C ASN A 239 3.92 22.44 -41.72
N SER A 240 3.59 22.55 -43.00
CA SER A 240 2.94 21.43 -43.67
C SER A 240 3.01 21.60 -45.18
N ASN A 241 2.86 20.48 -45.89
CA ASN A 241 2.73 20.50 -47.34
C ASN A 241 1.71 19.49 -47.82
N GLY A 242 0.69 19.22 -47.01
CA GLY A 242 -0.40 18.34 -47.39
C GLY A 242 -0.83 17.49 -46.21
N ASN A 243 -2.10 17.07 -46.23
CA ASN A 243 -2.67 16.17 -45.22
C ASN A 243 -2.67 16.82 -43.83
N LEU A 244 -3.28 18.00 -43.76
CA LEU A 244 -3.37 18.76 -42.52
C LEU A 244 -4.82 19.05 -42.18
N ILE A 245 -5.22 18.66 -40.98
CA ILE A 245 -6.53 19.05 -40.42
C ILE A 245 -6.24 20.16 -39.42
N ALA A 246 -6.32 21.40 -39.88
CA ALA A 246 -5.88 22.54 -39.08
C ALA A 246 -6.84 22.80 -37.93
N PRO A 247 -6.38 23.47 -36.88
CA PRO A 247 -7.27 23.89 -35.80
C PRO A 247 -7.92 25.24 -36.12
N ARG A 248 -8.94 25.56 -35.33
CA ARG A 248 -9.63 26.84 -35.43
C ARG A 248 -9.42 27.73 -34.22
N GLY A 249 -8.80 27.21 -33.15
CA GLY A 249 -8.59 27.99 -31.94
C GLY A 249 -7.99 27.11 -30.86
N TYR A 250 -8.26 27.46 -29.61
CA TYR A 250 -7.69 26.74 -28.49
C TYR A 250 -8.72 26.56 -27.39
N PHE A 251 -8.57 25.49 -26.62
CA PHE A 251 -9.34 25.28 -25.41
C PHE A 251 -8.58 25.85 -24.22
N LYS A 252 -9.31 26.41 -23.26
CA LYS A 252 -8.69 26.91 -22.05
C LYS A 252 -8.50 25.77 -21.06
N MET A 253 -7.30 25.69 -20.48
CA MET A 253 -6.94 24.61 -19.59
C MET A 253 -6.96 25.10 -18.15
N ARG A 254 -7.68 24.38 -17.30
CA ARG A 254 -7.82 24.73 -15.90
C ARG A 254 -7.34 23.57 -15.04
N THR A 255 -7.25 23.81 -13.73
CA THR A 255 -6.90 22.77 -12.77
C THR A 255 -7.87 22.85 -11.60
N GLY A 256 -8.40 21.70 -11.20
CA GLY A 256 -9.32 21.65 -10.09
C GLY A 256 -9.76 20.26 -9.73
N LYS A 257 -11.01 20.12 -9.31
CA LYS A 257 -11.63 18.84 -8.98
C LYS A 257 -12.69 18.50 -10.03
N SER A 258 -12.35 17.59 -10.93
CA SER A 258 -13.25 17.13 -11.98
C SER A 258 -12.79 15.75 -12.44
N SER A 259 -13.73 14.95 -12.94
CA SER A 259 -13.42 13.59 -13.37
C SER A 259 -14.52 13.09 -14.29
N ILE A 260 -14.48 11.81 -14.61
CA ILE A 260 -15.41 11.18 -15.54
C ILE A 260 -15.73 9.78 -15.02
N MET A 261 -16.93 9.30 -15.34
CA MET A 261 -17.40 8.04 -14.78
C MET A 261 -18.41 7.40 -15.74
N ARG A 262 -18.21 6.12 -16.01
CA ARG A 262 -19.12 5.34 -16.85
C ARG A 262 -20.21 4.73 -15.99
N SER A 263 -21.46 5.09 -16.27
CA SER A 263 -22.58 4.61 -15.46
C SER A 263 -23.87 4.76 -16.27
N ASP A 264 -24.80 3.83 -16.03
CA ASP A 264 -26.10 3.82 -16.70
C ASP A 264 -27.23 4.05 -15.70
N ALA A 265 -26.98 4.85 -14.66
CA ALA A 265 -27.98 5.14 -13.65
C ALA A 265 -28.62 6.50 -13.92
N PRO A 266 -29.92 6.64 -13.71
CA PRO A 266 -30.58 7.94 -13.94
C PRO A 266 -30.15 8.97 -12.91
N ILE A 267 -30.59 10.21 -13.14
CA ILE A 267 -30.22 11.35 -12.33
C ILE A 267 -31.48 11.96 -11.72
N ASP A 268 -31.45 12.16 -10.39
CA ASP A 268 -32.56 12.74 -9.65
C ASP A 268 -32.08 14.00 -8.94
N THR A 269 -32.94 14.57 -8.11
CA THR A 269 -32.72 15.85 -7.46
C THR A 269 -32.58 15.71 -5.94
N CYS A 270 -31.88 14.67 -5.49
CA CYS A 270 -31.60 14.49 -4.08
C CYS A 270 -30.29 15.20 -3.73
N ILE A 271 -29.75 14.92 -2.54
CA ILE A 271 -28.52 15.54 -2.08
C ILE A 271 -27.63 14.45 -1.50
N SER A 272 -26.42 14.31 -2.05
CA SER A 272 -25.45 13.34 -1.54
C SER A 272 -24.05 13.79 -1.96
N GLU A 273 -23.07 13.45 -1.12
CA GLU A 273 -21.69 13.87 -1.32
C GLU A 273 -20.83 12.79 -1.96
N CYS A 274 -21.33 11.57 -2.10
CA CYS A 274 -20.57 10.47 -2.69
C CYS A 274 -21.34 9.93 -3.88
N ILE A 275 -20.61 9.54 -4.93
CA ILE A 275 -21.22 9.03 -6.16
C ILE A 275 -20.43 7.80 -6.62
N THR A 276 -21.13 6.69 -6.80
CA THR A 276 -20.59 5.46 -7.35
C THR A 276 -21.31 5.12 -8.65
N PRO A 277 -20.70 4.30 -9.52
CA PRO A 277 -21.38 3.91 -10.77
C PRO A 277 -22.72 3.21 -10.55
N ASN A 278 -23.06 2.84 -9.32
CA ASN A 278 -24.37 2.28 -9.03
C ASN A 278 -25.40 3.34 -8.63
N GLY A 279 -24.95 4.56 -8.36
CA GLY A 279 -25.77 5.61 -7.80
C GLY A 279 -25.09 6.24 -6.60
N SER A 280 -25.80 7.13 -5.94
CA SER A 280 -25.27 7.79 -4.76
C SER A 280 -25.45 6.91 -3.54
N ILE A 281 -24.44 6.89 -2.68
CA ILE A 281 -24.51 6.12 -1.44
C ILE A 281 -24.23 7.06 -0.27
N PRO A 282 -24.92 6.89 0.87
CA PRO A 282 -24.61 7.69 2.04
C PRO A 282 -23.20 7.41 2.56
N ASN A 283 -22.70 8.33 3.37
CA ASN A 283 -21.33 8.30 3.87
C ASN A 283 -21.32 8.53 5.37
N ASP A 284 -22.18 7.80 6.08
CA ASP A 284 -22.16 7.84 7.53
C ASP A 284 -21.22 6.82 8.14
N LYS A 285 -20.90 5.74 7.40
CA LYS A 285 -20.05 4.63 7.79
C LYS A 285 -18.66 4.77 7.17
N PRO A 286 -17.61 4.24 7.82
CA PRO A 286 -16.26 4.45 7.29
C PRO A 286 -15.93 3.57 6.10
N PHE A 287 -16.64 2.46 5.91
CA PHE A 287 -16.32 1.47 4.90
C PHE A 287 -17.55 1.22 4.03
N GLN A 288 -17.31 0.66 2.85
CA GLN A 288 -18.38 0.41 1.89
C GLN A 288 -17.99 -0.81 1.06
N ASN A 289 -19.00 -1.57 0.61
CA ASN A 289 -18.78 -2.75 -0.21
C ASN A 289 -19.71 -2.74 -1.42
N VAL A 290 -19.72 -1.63 -2.15
CA VAL A 290 -20.57 -1.45 -3.32
C VAL A 290 -19.77 -1.39 -4.61
N ASN A 291 -18.85 -0.42 -4.70
CA ASN A 291 -18.00 -0.27 -5.88
C ASN A 291 -16.67 0.33 -5.46
N LYS A 292 -15.60 -0.04 -6.17
CA LYS A 292 -14.28 0.51 -5.91
C LYS A 292 -14.01 1.77 -6.72
N ILE A 293 -14.94 2.20 -7.56
CA ILE A 293 -14.85 3.47 -8.28
C ILE A 293 -15.79 4.45 -7.60
N THR A 294 -15.25 5.57 -7.14
CA THR A 294 -16.00 6.49 -6.30
C THR A 294 -15.58 7.92 -6.59
N TYR A 295 -16.50 8.85 -6.36
CA TYR A 295 -16.22 10.28 -6.52
C TYR A 295 -16.81 11.00 -5.31
N GLY A 296 -16.02 11.88 -4.72
CA GLY A 296 -16.45 12.67 -3.60
C GLY A 296 -15.83 12.20 -2.30
N ALA A 297 -16.52 12.49 -1.20
CA ALA A 297 -16.09 12.04 0.12
C ALA A 297 -16.70 10.66 0.36
N CYS A 298 -16.04 9.64 -0.20
CA CYS A 298 -16.65 8.33 -0.12
C CYS A 298 -15.92 7.43 0.88
N PRO A 299 -16.67 6.52 1.52
CA PRO A 299 -16.02 5.47 2.32
C PRO A 299 -15.13 4.56 1.48
N LYS A 300 -14.28 3.81 2.18
CA LYS A 300 -13.33 2.92 1.52
C LYS A 300 -13.96 1.57 1.17
N TYR A 301 -13.53 1.02 0.04
CA TYR A 301 -14.04 -0.25 -0.44
C TYR A 301 -13.29 -1.39 0.23
N VAL A 302 -14.03 -2.25 0.94
CA VAL A 302 -13.48 -3.42 1.60
C VAL A 302 -14.06 -4.66 0.94
N LYS A 303 -13.46 -5.81 1.24
CA LYS A 303 -13.94 -7.06 0.68
C LYS A 303 -14.97 -7.76 1.56
N GLN A 304 -15.08 -7.36 2.82
CA GLN A 304 -16.05 -7.98 3.72
C GLN A 304 -17.43 -7.40 3.46
N ASN A 305 -18.45 -8.25 3.63
CA ASN A 305 -19.82 -7.83 3.40
C ASN A 305 -20.54 -7.36 4.67
N THR A 306 -19.98 -7.64 5.85
CA THR A 306 -20.57 -7.14 7.08
C THR A 306 -19.49 -7.07 8.15
N LEU A 307 -19.53 -6.00 8.95
CA LEU A 307 -18.63 -5.86 10.09
C LEU A 307 -19.38 -5.11 11.18
N LYS A 308 -19.61 -5.77 12.31
CA LYS A 308 -20.41 -5.22 13.40
C LYS A 308 -19.51 -4.82 14.56
N LEU A 309 -19.74 -3.63 15.11
CA LEU A 309 -18.99 -3.10 16.23
C LEU A 309 -19.88 -3.09 17.46
N ALA A 310 -19.37 -3.63 18.56
CA ALA A 310 -20.16 -3.73 19.78
C ALA A 310 -20.24 -2.39 20.49
N THR A 311 -21.45 -2.00 20.89
CA THR A 311 -21.68 -0.79 21.67
C THR A 311 -22.39 -1.11 22.98
N GLY A 312 -22.17 -2.31 23.51
CA GLY A 312 -22.77 -2.68 24.77
C GLY A 312 -21.97 -3.78 25.43
N MET A 313 -22.46 -4.22 26.59
CA MET A 313 -21.79 -5.27 27.35
C MET A 313 -22.20 -6.64 26.82
N ARG A 314 -21.69 -7.68 27.47
CA ARG A 314 -22.04 -9.05 27.09
C ARG A 314 -23.45 -9.40 27.55
N ASN A 315 -24.08 -10.31 26.81
CA ASN A 315 -25.48 -10.67 27.02
C ASN A 315 -25.52 -12.04 27.71
N VAL A 316 -25.91 -12.04 28.97
CA VAL A 316 -26.11 -13.26 29.74
C VAL A 316 -27.56 -13.30 30.20
N PRO A 317 -28.44 -13.98 29.48
CA PRO A 317 -29.86 -14.01 29.85
C PRO A 317 -30.10 -14.98 31.00
N GLU A 318 -31.33 -14.95 31.51
CA GLU A 318 -31.77 -15.85 32.57
C GLU A 318 -31.57 -17.31 32.16
N GLY B 1 -13.91 -9.66 30.19
CA GLY B 1 -13.78 -11.00 30.76
C GLY B 1 -12.46 -11.21 31.47
N LEU B 2 -11.68 -10.14 31.61
CA LEU B 2 -10.38 -10.24 32.27
C LEU B 2 -10.50 -10.13 33.79
N PHE B 3 -11.55 -9.47 34.28
CA PHE B 3 -11.74 -9.28 35.72
C PHE B 3 -12.65 -10.32 36.34
N GLY B 4 -13.44 -11.04 35.54
CA GLY B 4 -14.27 -12.10 36.07
C GLY B 4 -15.51 -11.65 36.79
N ALA B 5 -16.02 -10.45 36.48
CA ALA B 5 -17.23 -9.95 37.11
C ALA B 5 -18.47 -10.31 36.30
N ILE B 6 -18.52 -9.88 35.04
CA ILE B 6 -19.60 -10.27 34.14
C ILE B 6 -19.28 -11.65 33.58
N ALA B 7 -20.28 -12.53 33.60
CA ALA B 7 -20.11 -13.94 33.24
C ALA B 7 -19.09 -14.65 34.14
N GLY B 8 -18.81 -14.07 35.31
CA GLY B 8 -17.88 -14.67 36.26
C GLY B 8 -18.57 -15.07 37.53
N PHE B 9 -18.38 -14.32 38.62
CA PHE B 9 -19.05 -14.62 39.87
C PHE B 9 -20.46 -14.03 39.94
N ILE B 10 -20.91 -13.36 38.87
CA ILE B 10 -22.30 -12.95 38.74
C ILE B 10 -22.93 -13.85 37.68
N GLU B 11 -23.90 -14.67 38.11
CA GLU B 11 -24.35 -15.80 37.29
C GLU B 11 -25.00 -15.33 35.99
N ASN B 12 -26.03 -14.51 36.09
CA ASN B 12 -26.77 -14.07 34.91
C ASN B 12 -27.07 -12.58 35.02
N GLY B 13 -27.72 -12.04 33.97
CA GLY B 13 -28.14 -10.66 33.96
C GLY B 13 -29.57 -10.49 34.43
N TRP B 14 -29.99 -9.23 34.53
CA TRP B 14 -31.33 -8.87 34.99
C TRP B 14 -32.09 -8.25 33.81
N GLU B 15 -32.99 -9.03 33.22
CA GLU B 15 -33.77 -8.56 32.09
C GLU B 15 -34.89 -7.60 32.47
N GLY B 16 -35.20 -7.49 33.76
CA GLY B 16 -36.13 -6.50 34.25
C GLY B 16 -35.54 -5.13 34.51
N MET B 17 -34.26 -4.95 34.21
CA MET B 17 -33.56 -3.69 34.43
C MET B 17 -33.70 -2.85 33.16
N ILE B 18 -34.44 -1.74 33.26
CA ILE B 18 -34.68 -0.86 32.12
C ILE B 18 -34.26 0.57 32.38
N ASP B 19 -33.82 0.90 33.60
CA ASP B 19 -33.41 2.27 33.89
C ASP B 19 -31.97 2.53 33.42
N GLY B 20 -31.04 1.68 33.83
CA GLY B 20 -29.64 1.83 33.46
C GLY B 20 -28.98 0.51 33.12
N TRP B 21 -27.65 0.51 33.03
CA TRP B 21 -26.91 -0.72 32.74
C TRP B 21 -26.53 -1.47 34.00
N TYR B 22 -26.15 -0.76 35.05
CA TYR B 22 -25.80 -1.35 36.33
C TYR B 22 -26.76 -0.84 37.40
N GLY B 23 -27.05 -1.69 38.37
CA GLY B 23 -28.00 -1.32 39.41
C GLY B 23 -27.92 -2.25 40.59
N PHE B 24 -28.80 -2.00 41.56
CA PHE B 24 -28.87 -2.75 42.81
C PHE B 24 -30.20 -3.47 42.90
N ARG B 25 -30.29 -4.37 43.88
CA ARG B 25 -31.53 -5.08 44.16
C ARG B 25 -31.41 -5.64 45.57
N HIS B 26 -32.19 -5.10 46.49
CA HIS B 26 -32.06 -5.40 47.91
C HIS B 26 -33.25 -6.23 48.40
N GLN B 27 -33.01 -6.99 49.47
CA GLN B 27 -34.04 -7.79 50.12
C GLN B 27 -34.00 -7.42 51.59
N ASN B 28 -35.04 -6.72 52.06
CA ASN B 28 -34.98 -6.04 53.34
C ASN B 28 -35.95 -6.70 54.32
N SER B 29 -36.08 -6.09 55.51
CA SER B 29 -37.09 -6.50 56.47
C SER B 29 -38.47 -5.91 56.18
N GLU B 30 -38.61 -5.04 55.18
CA GLU B 30 -39.90 -4.47 54.83
C GLU B 30 -40.39 -4.90 53.45
N GLY B 31 -39.61 -5.68 52.72
CA GLY B 31 -39.96 -6.13 51.40
C GLY B 31 -38.74 -6.16 50.51
N THR B 32 -38.98 -6.11 49.20
CA THR B 32 -37.92 -6.09 48.22
C THR B 32 -37.96 -4.78 47.44
N GLY B 33 -36.96 -4.57 46.61
CA GLY B 33 -36.87 -3.34 45.83
C GLY B 33 -35.86 -3.49 44.71
N GLN B 34 -35.68 -2.39 43.99
CA GLN B 34 -34.73 -2.36 42.87
C GLN B 34 -34.47 -0.90 42.50
N ALA B 35 -33.26 -0.63 42.02
CA ALA B 35 -32.85 0.71 41.61
C ALA B 35 -31.67 0.58 40.67
N ALA B 36 -31.16 1.73 40.24
CA ALA B 36 -30.00 1.78 39.35
C ALA B 36 -28.96 2.75 39.90
N ASP B 37 -27.77 2.69 39.30
CA ASP B 37 -26.65 3.56 39.64
C ASP B 37 -26.25 4.32 38.38
N LEU B 38 -26.36 5.65 38.42
CA LEU B 38 -26.17 6.44 37.22
C LEU B 38 -24.70 6.61 36.84
N LYS B 39 -23.79 6.61 37.82
CA LYS B 39 -22.40 7.00 37.54
C LYS B 39 -21.68 5.95 36.69
N SER B 40 -21.79 4.67 37.05
CA SER B 40 -21.12 3.63 36.28
C SER B 40 -21.69 3.56 34.86
N THR B 41 -23.02 3.58 34.75
CA THR B 41 -23.65 3.58 33.44
C THR B 41 -23.18 4.76 32.60
N GLN B 42 -23.08 5.95 33.23
CA GLN B 42 -22.66 7.14 32.51
C GLN B 42 -21.22 7.02 32.05
N ALA B 43 -20.34 6.49 32.91
CA ALA B 43 -18.94 6.33 32.52
C ALA B 43 -18.82 5.38 31.33
N ALA B 44 -19.53 4.24 31.39
CA ALA B 44 -19.47 3.28 30.28
C ALA B 44 -20.02 3.89 29.00
N ILE B 45 -21.17 4.58 29.09
CA ILE B 45 -21.78 5.17 27.91
C ILE B 45 -20.87 6.23 27.29
N ASP B 46 -20.27 7.08 28.14
CA ASP B 46 -19.38 8.11 27.62
C ASP B 46 -18.16 7.50 26.94
N GLN B 47 -17.57 6.46 27.55
CA GLN B 47 -16.40 5.84 26.93
C GLN B 47 -16.75 5.20 25.59
N ILE B 48 -17.88 4.47 25.54
CA ILE B 48 -18.23 3.78 24.31
C ILE B 48 -18.61 4.78 23.22
N ASN B 49 -19.32 5.86 23.58
CA ASN B 49 -19.64 6.88 22.61
C ASN B 49 -18.40 7.60 22.10
N GLY B 50 -17.47 7.92 23.00
CA GLY B 50 -16.22 8.53 22.56
C GLY B 50 -15.48 7.66 21.57
N LYS B 51 -15.35 6.36 21.88
CA LYS B 51 -14.71 5.44 20.95
C LYS B 51 -15.43 5.42 19.60
N LEU B 52 -16.75 5.25 19.63
CA LEU B 52 -17.53 5.13 18.40
C LEU B 52 -17.35 6.37 17.54
N ASN B 53 -17.66 7.55 18.09
CA ASN B 53 -17.52 8.78 17.33
C ASN B 53 -16.07 9.13 17.04
N ARG B 54 -15.11 8.45 17.69
CA ARG B 54 -13.71 8.56 17.30
C ARG B 54 -13.44 7.85 15.98
N VAL B 55 -13.98 6.64 15.80
CA VAL B 55 -13.58 5.89 14.62
C VAL B 55 -14.35 6.33 13.36
N ILE B 56 -15.59 6.81 13.49
CA ILE B 56 -16.45 6.93 12.30
C ILE B 56 -16.32 8.27 11.59
N GLU B 57 -15.56 9.22 12.14
CA GLU B 57 -15.35 10.46 11.39
C GLU B 57 -14.45 10.21 10.18
N LYS B 58 -14.73 10.95 9.12
CA LYS B 58 -14.22 10.69 7.78
C LYS B 58 -12.83 11.30 7.61
N THR B 59 -12.06 10.75 6.67
CA THR B 59 -10.71 11.25 6.43
C THR B 59 -10.39 11.42 4.95
N ASN B 60 -11.11 10.80 4.03
CA ASN B 60 -10.71 10.77 2.64
C ASN B 60 -11.67 11.61 1.80
N GLU B 61 -11.14 12.15 0.70
CA GLU B 61 -11.92 12.88 -0.31
C GLU B 61 -11.12 12.83 -1.60
N LYS B 62 -11.57 11.99 -2.54
CA LYS B 62 -10.87 11.74 -3.79
C LYS B 62 -11.75 12.18 -4.95
N PHE B 63 -11.14 12.87 -5.92
CA PHE B 63 -11.86 13.41 -7.06
C PHE B 63 -11.42 12.77 -8.37
N HIS B 64 -10.13 12.81 -8.70
CA HIS B 64 -9.62 12.17 -9.89
C HIS B 64 -8.67 11.05 -9.50
N GLN B 65 -8.80 9.92 -10.18
CA GLN B 65 -8.03 8.72 -9.86
C GLN B 65 -7.64 8.04 -11.17
N ILE B 66 -7.23 6.79 -11.08
CA ILE B 66 -6.83 6.02 -12.24
C ILE B 66 -8.01 5.19 -12.72
N GLU B 67 -7.88 4.61 -13.91
CA GLU B 67 -8.90 3.71 -14.42
C GLU B 67 -8.78 2.34 -13.77
N LYS B 68 -9.93 1.76 -13.42
CA LYS B 68 -9.98 0.49 -12.72
C LYS B 68 -10.77 -0.58 -13.45
N GLU B 69 -11.38 -0.26 -14.58
CA GLU B 69 -12.08 -1.24 -15.40
C GLU B 69 -11.71 -1.02 -16.86
N PHE B 70 -11.27 -2.08 -17.52
CA PHE B 70 -10.75 -2.01 -18.87
C PHE B 70 -11.55 -2.92 -19.78
N SER B 71 -11.58 -2.57 -21.07
CA SER B 71 -12.33 -3.34 -22.06
C SER B 71 -11.43 -4.13 -23.00
N GLU B 72 -10.12 -3.89 -22.96
CA GLU B 72 -9.15 -4.53 -23.84
C GLU B 72 -8.12 -5.27 -23.00
N VAL B 73 -7.17 -5.90 -23.69
CA VAL B 73 -5.93 -6.37 -23.08
C VAL B 73 -4.78 -5.64 -23.74
N GLU B 74 -3.96 -4.97 -22.92
CA GLU B 74 -2.96 -4.03 -23.43
C GLU B 74 -1.54 -4.43 -23.07
N GLY B 75 -1.25 -4.66 -21.80
CA GLY B 75 0.11 -5.00 -21.43
C GLY B 75 0.59 -4.53 -20.06
N ARG B 76 1.74 -3.86 -20.04
CA ARG B 76 2.41 -3.57 -18.78
C ARG B 76 1.63 -2.58 -17.93
N ILE B 77 1.13 -1.50 -18.53
CA ILE B 77 0.49 -0.45 -17.74
C ILE B 77 -0.77 -0.98 -17.07
N GLN B 78 -1.57 -1.76 -17.80
CA GLN B 78 -2.79 -2.33 -17.23
C GLN B 78 -2.47 -3.31 -16.11
N ASP B 79 -1.43 -4.12 -16.30
CA ASP B 79 -1.00 -5.04 -15.24
C ASP B 79 -0.60 -4.28 -13.99
N LEU B 80 0.17 -3.20 -14.15
CA LEU B 80 0.62 -2.44 -12.99
C LEU B 80 -0.56 -1.77 -12.29
N GLU B 81 -1.53 -1.25 -13.05
CA GLU B 81 -2.70 -0.64 -12.44
C GLU B 81 -3.51 -1.67 -11.64
N LYS B 82 -3.72 -2.85 -12.22
CA LYS B 82 -4.48 -3.88 -11.52
C LYS B 82 -3.74 -4.34 -10.27
N TYR B 83 -2.41 -4.43 -10.35
CA TYR B 83 -1.63 -4.81 -9.16
C TYR B 83 -1.76 -3.77 -8.07
N VAL B 84 -1.67 -2.48 -8.43
CA VAL B 84 -1.80 -1.40 -7.45
C VAL B 84 -3.16 -1.47 -6.76
N GLU B 85 -4.22 -1.65 -7.55
CA GLU B 85 -5.56 -1.69 -6.98
C GLU B 85 -5.72 -2.90 -6.06
N ASP B 86 -5.22 -4.07 -6.49
CA ASP B 86 -5.35 -5.25 -5.64
C ASP B 86 -4.60 -5.08 -4.33
N THR B 87 -3.39 -4.50 -4.40
CA THR B 87 -2.61 -4.27 -3.18
C THR B 87 -3.31 -3.30 -2.24
N LYS B 88 -3.86 -2.21 -2.78
CA LYS B 88 -4.56 -1.24 -1.93
C LYS B 88 -5.77 -1.87 -1.24
N ILE B 89 -6.57 -2.63 -2.00
CA ILE B 89 -7.77 -3.24 -1.42
C ILE B 89 -7.38 -4.25 -0.34
N ASP B 90 -6.40 -5.10 -0.63
CA ASP B 90 -5.98 -6.11 0.34
C ASP B 90 -5.36 -5.49 1.58
N LEU B 91 -4.69 -4.34 1.44
CA LEU B 91 -4.10 -3.70 2.59
C LEU B 91 -5.10 -2.92 3.42
N TRP B 92 -6.21 -2.47 2.82
CA TRP B 92 -7.21 -1.77 3.61
C TRP B 92 -8.19 -2.73 4.30
N SER B 93 -8.47 -3.89 3.69
CA SER B 93 -9.37 -4.85 4.33
C SER B 93 -8.78 -5.39 5.62
N TYR B 94 -7.46 -5.60 5.67
CA TYR B 94 -6.82 -6.09 6.89
C TYR B 94 -6.97 -5.09 8.02
N ASN B 95 -6.77 -3.79 7.73
CA ASN B 95 -6.96 -2.77 8.75
C ASN B 95 -8.41 -2.73 9.21
N ALA B 96 -9.36 -2.79 8.27
CA ALA B 96 -10.77 -2.82 8.64
C ALA B 96 -11.08 -3.96 9.60
N GLU B 97 -10.49 -5.13 9.36
CA GLU B 97 -10.73 -6.28 10.24
C GLU B 97 -10.10 -6.08 11.61
N LEU B 98 -8.82 -5.69 11.63
CA LEU B 98 -8.08 -5.62 12.89
C LEU B 98 -8.61 -4.52 13.82
N LEU B 99 -9.03 -3.38 13.26
CA LEU B 99 -9.57 -2.32 14.11
C LEU B 99 -10.78 -2.81 14.89
N VAL B 100 -11.73 -3.45 14.20
CA VAL B 100 -12.93 -3.96 14.85
C VAL B 100 -12.58 -5.04 15.85
N ALA B 101 -11.67 -5.96 15.48
CA ALA B 101 -11.31 -7.04 16.38
C ALA B 101 -10.70 -6.52 17.68
N LEU B 102 -9.89 -5.47 17.59
CA LEU B 102 -9.28 -4.93 18.82
C LEU B 102 -10.29 -4.15 19.65
N GLU B 103 -11.11 -3.31 18.99
CA GLU B 103 -12.01 -2.46 19.74
C GLU B 103 -13.14 -3.23 20.41
N ASN B 104 -13.60 -4.34 19.81
CA ASN B 104 -14.63 -5.13 20.47
C ASN B 104 -14.10 -5.73 21.77
N GLN B 105 -12.87 -6.24 21.74
CA GLN B 105 -12.25 -6.78 22.95
C GLN B 105 -12.10 -5.71 24.01
N HIS B 106 -11.64 -4.52 23.62
CA HIS B 106 -11.47 -3.46 24.61
C HIS B 106 -12.81 -3.02 25.19
N THR B 107 -13.85 -2.94 24.37
CA THR B 107 -15.17 -2.57 24.86
C THR B 107 -15.69 -3.60 25.87
N ILE B 108 -15.59 -4.89 25.53
CA ILE B 108 -16.03 -5.94 26.44
C ILE B 108 -15.27 -5.86 27.75
N ASP B 109 -13.96 -5.67 27.69
CA ASP B 109 -13.17 -5.67 28.92
C ASP B 109 -13.48 -4.45 29.78
N LEU B 110 -13.75 -3.29 29.17
CA LEU B 110 -14.05 -2.11 29.97
C LEU B 110 -15.44 -2.20 30.60
N THR B 111 -16.41 -2.72 29.85
CA THR B 111 -17.74 -2.92 30.42
C THR B 111 -17.74 -4.01 31.48
N ASP B 112 -16.76 -4.93 31.45
CA ASP B 112 -16.59 -5.87 32.55
C ASP B 112 -15.89 -5.22 33.73
N SER B 113 -14.97 -4.29 33.49
CA SER B 113 -14.22 -3.64 34.56
C SER B 113 -15.10 -2.70 35.37
N GLU B 114 -16.07 -2.04 34.73
CA GLU B 114 -16.93 -1.11 35.46
C GLU B 114 -17.71 -1.83 36.55
N MET B 115 -18.19 -3.04 36.27
CA MET B 115 -18.93 -3.81 37.26
C MET B 115 -18.05 -4.15 38.46
N ASN B 116 -16.83 -4.60 38.20
CA ASN B 116 -15.90 -4.92 39.28
C ASN B 116 -15.59 -3.68 40.11
N LYS B 117 -15.45 -2.52 39.45
CA LYS B 117 -15.19 -1.28 40.18
C LYS B 117 -16.35 -0.93 41.11
N LEU B 118 -17.59 -1.05 40.60
CA LEU B 118 -18.76 -0.78 41.43
C LEU B 118 -18.82 -1.74 42.61
N PHE B 119 -18.57 -3.03 42.35
CA PHE B 119 -18.59 -4.03 43.42
C PHE B 119 -17.55 -3.70 44.48
N GLU B 120 -16.33 -3.35 44.06
CA GLU B 120 -15.27 -3.09 45.03
C GLU B 120 -15.55 -1.83 45.83
N LYS B 121 -16.14 -0.81 45.20
CA LYS B 121 -16.55 0.38 45.94
C LYS B 121 -17.60 0.04 46.99
N THR B 122 -18.61 -0.75 46.60
CA THR B 122 -19.65 -1.12 47.55
C THR B 122 -19.07 -1.96 48.69
N ARG B 123 -18.08 -2.80 48.40
CA ARG B 123 -17.43 -3.57 49.46
C ARG B 123 -16.64 -2.67 50.40
N ARG B 124 -15.95 -1.68 49.85
CA ARG B 124 -15.16 -0.76 50.66
C ARG B 124 -16.05 0.13 51.52
N GLN B 125 -17.30 0.36 51.11
CA GLN B 125 -18.19 1.19 51.90
C GLN B 125 -18.61 0.47 53.18
N LEU B 126 -19.13 -0.75 53.05
CA LEU B 126 -19.49 -1.58 54.20
C LEU B 126 -18.22 -2.17 54.80
N ARG B 127 -17.61 -1.44 55.73
CA ARG B 127 -16.27 -1.76 56.21
C ARG B 127 -16.21 -3.13 56.85
N GLU B 128 -16.90 -3.32 57.99
CA GLU B 128 -16.94 -4.63 58.63
C GLU B 128 -18.35 -4.98 59.11
N ASN B 129 -19.39 -4.37 58.54
CA ASN B 129 -20.76 -4.73 58.84
C ASN B 129 -21.37 -5.69 57.83
N ALA B 130 -20.60 -6.13 56.83
CA ALA B 130 -21.14 -6.99 55.79
C ALA B 130 -20.15 -8.09 55.46
N GLU B 131 -20.67 -9.18 54.90
CA GLU B 131 -19.87 -10.28 54.40
C GLU B 131 -20.28 -10.60 52.97
N GLU B 132 -19.31 -10.90 52.12
CA GLU B 132 -19.59 -11.23 50.73
C GLU B 132 -19.98 -12.69 50.62
N MET B 133 -21.16 -12.95 50.06
CA MET B 133 -21.71 -14.30 49.99
C MET B 133 -21.24 -15.07 48.77
N GLY B 134 -20.39 -14.47 47.92
CA GLY B 134 -19.74 -15.20 46.85
C GLY B 134 -20.45 -15.21 45.52
N ASN B 135 -21.71 -14.75 45.46
CA ASN B 135 -22.46 -14.77 44.21
C ASN B 135 -22.91 -13.37 43.78
N GLY B 136 -22.29 -12.33 44.33
CA GLY B 136 -22.61 -10.96 43.97
C GLY B 136 -23.37 -10.17 45.01
N CYS B 137 -23.82 -10.80 46.08
CA CYS B 137 -24.60 -10.14 47.12
C CYS B 137 -23.80 -10.01 48.41
N PHE B 138 -24.17 -9.01 49.20
CA PHE B 138 -23.61 -8.82 50.53
C PHE B 138 -24.67 -9.15 51.57
N LYS B 139 -24.25 -9.89 52.61
CA LYS B 139 -25.08 -10.11 53.79
C LYS B 139 -24.69 -9.07 54.82
N ILE B 140 -25.62 -8.19 55.15
CA ILE B 140 -25.40 -7.10 56.09
C ILE B 140 -25.90 -7.56 57.44
N TYR B 141 -25.03 -7.53 58.45
CA TYR B 141 -25.28 -8.22 59.70
C TYR B 141 -25.98 -7.34 60.73
N HIS B 142 -26.35 -6.12 60.36
CA HIS B 142 -27.26 -5.30 61.16
C HIS B 142 -28.53 -5.06 60.36
N LYS B 143 -29.51 -4.46 61.02
CA LYS B 143 -30.86 -4.32 60.47
C LYS B 143 -31.05 -2.92 59.90
N CYS B 144 -31.26 -2.85 58.58
CA CYS B 144 -31.51 -1.61 57.87
C CYS B 144 -32.98 -1.43 57.52
N ASP B 145 -33.32 -0.17 57.21
CA ASP B 145 -34.61 0.21 56.67
C ASP B 145 -34.45 0.47 55.17
N ASN B 146 -35.55 0.89 54.53
CA ASN B 146 -35.47 1.37 53.16
C ASN B 146 -34.67 2.66 53.03
N ALA B 147 -34.36 3.32 54.16
CA ALA B 147 -33.51 4.50 54.17
C ALA B 147 -32.05 4.15 54.47
N CYS B 148 -31.78 2.95 54.96
CA CYS B 148 -30.39 2.51 55.16
C CYS B 148 -29.77 2.04 53.85
N ILE B 149 -30.53 1.33 53.01
CA ILE B 149 -30.00 0.92 51.71
C ILE B 149 -29.75 2.13 50.81
N GLU B 150 -30.61 3.16 50.91
CA GLU B 150 -30.41 4.33 50.07
C GLU B 150 -29.21 5.15 50.51
N SER B 151 -28.79 5.03 51.78
CA SER B 151 -27.56 5.71 52.17
C SER B 151 -26.35 4.99 51.61
N ILE B 152 -26.46 3.67 51.42
CA ILE B 152 -25.41 2.90 50.78
C ILE B 152 -25.39 3.17 49.28
N ARG B 153 -26.52 3.57 48.71
CA ARG B 153 -26.58 3.77 47.27
C ARG B 153 -26.04 5.14 46.85
N ASN B 154 -26.32 6.19 47.63
CA ASN B 154 -25.82 7.53 47.28
C ASN B 154 -24.55 7.89 48.04
N GLY B 155 -23.82 6.91 48.55
CA GLY B 155 -22.47 7.11 49.05
C GLY B 155 -22.33 7.95 50.31
N THR B 156 -23.19 7.71 51.31
CA THR B 156 -23.05 8.40 52.59
C THR B 156 -23.36 7.45 53.75
N TYR B 157 -23.04 6.17 53.58
CA TYR B 157 -23.21 5.19 54.65
C TYR B 157 -22.22 5.44 55.78
N ASP B 158 -22.73 5.48 57.01
CA ASP B 158 -21.91 5.69 58.20
C ASP B 158 -21.77 4.34 58.90
N HIS B 159 -20.60 3.73 58.77
CA HIS B 159 -20.40 2.37 59.26
C HIS B 159 -20.28 2.29 60.78
N ASP B 160 -19.81 3.35 61.42
CA ASP B 160 -19.46 3.28 62.84
C ASP B 160 -20.70 3.32 63.75
N VAL B 161 -21.87 3.65 63.21
CA VAL B 161 -23.08 3.65 64.03
C VAL B 161 -23.59 2.25 64.28
N TYR B 162 -23.42 1.33 63.32
CA TYR B 162 -23.91 -0.03 63.43
C TYR B 162 -22.79 -1.03 63.69
N ARG B 163 -21.62 -0.55 64.09
CA ARG B 163 -20.45 -1.42 64.19
C ARG B 163 -20.60 -2.43 65.31
N ASP B 164 -20.98 -1.97 66.50
CA ASP B 164 -21.04 -2.86 67.66
C ASP B 164 -22.11 -3.93 67.47
N GLU B 165 -23.27 -3.54 66.94
CA GLU B 165 -24.35 -4.49 66.70
C GLU B 165 -23.96 -5.53 65.66
N ALA B 166 -23.34 -5.09 64.56
CA ALA B 166 -22.92 -6.03 63.53
C ALA B 166 -21.83 -6.97 64.04
N LEU B 167 -20.86 -6.44 64.80
CA LEU B 167 -19.79 -7.28 65.31
C LEU B 167 -20.32 -8.31 66.30
N ASN B 168 -21.28 -7.93 67.14
CA ASN B 168 -21.86 -8.93 68.02
C ASN B 168 -22.76 -9.92 67.27
N ASN B 169 -23.31 -9.51 66.12
CA ASN B 169 -24.18 -10.41 65.36
C ASN B 169 -23.42 -11.41 64.51
N ARG B 170 -22.26 -11.04 63.97
CA ARG B 170 -21.60 -11.87 62.96
C ARG B 170 -20.57 -12.80 63.58
N PHE B 171 -19.94 -12.38 64.68
CA PHE B 171 -18.82 -13.06 65.30
C PHE B 171 -19.21 -13.83 66.54
N GLN B 172 -20.44 -13.60 67.03
CA GLN B 172 -21.00 -14.33 68.15
C GLN B 172 -22.50 -14.57 67.92
N ASN C 1 -1.63 -31.35 64.99
CA ASN C 1 -1.98 -30.07 64.37
C ASN C 1 -3.48 -29.97 64.16
N SER C 2 -4.03 -28.77 64.40
CA SER C 2 -5.46 -28.53 64.25
C SER C 2 -5.76 -27.53 63.14
N THR C 3 -4.86 -27.40 62.18
CA THR C 3 -5.06 -26.51 61.03
C THR C 3 -4.74 -27.25 59.74
N ALA C 4 -4.73 -26.53 58.62
CA ALA C 4 -4.37 -27.10 57.33
C ALA C 4 -3.83 -25.99 56.43
N THR C 5 -3.43 -26.36 55.22
CA THR C 5 -2.91 -25.41 54.26
C THR C 5 -3.33 -25.82 52.86
N LEU C 6 -3.51 -24.82 51.99
CA LEU C 6 -3.93 -25.06 50.62
C LEU C 6 -3.23 -24.04 49.73
N CYS C 7 -2.23 -24.48 48.97
CA CYS C 7 -1.47 -23.59 48.10
C CYS C 7 -1.92 -23.72 46.65
N LEU C 8 -1.83 -22.62 45.91
CA LEU C 8 -2.18 -22.56 44.51
C LEU C 8 -0.95 -22.18 43.69
N GLY C 9 -0.92 -22.63 42.44
CA GLY C 9 0.23 -22.35 41.59
C GLY C 9 -0.02 -22.81 40.18
N HIS C 10 1.00 -22.62 39.34
CA HIS C 10 0.95 -22.97 37.93
C HIS C 10 2.17 -23.80 37.57
N HIS C 11 2.21 -24.27 36.32
CA HIS C 11 3.27 -25.15 35.86
C HIS C 11 4.39 -24.35 35.20
N ALA C 12 5.54 -25.00 35.07
CA ALA C 12 6.69 -24.41 34.38
C ALA C 12 7.45 -25.53 33.68
N VAL C 13 8.28 -25.14 32.71
CA VAL C 13 9.09 -26.13 31.99
C VAL C 13 10.54 -25.75 32.15
N PRO C 14 11.46 -26.71 32.04
CA PRO C 14 12.88 -26.41 32.23
C PRO C 14 13.50 -25.47 31.20
N ASN C 15 13.38 -25.82 29.92
CA ASN C 15 13.64 -24.92 28.80
C ASN C 15 12.35 -24.34 28.24
N GLY C 16 12.21 -23.02 28.26
CA GLY C 16 11.09 -22.38 27.62
C GLY C 16 11.52 -21.73 26.32
N THR C 17 10.81 -20.70 25.86
CA THR C 17 11.09 -20.08 24.58
C THR C 17 11.02 -18.56 24.73
N LEU C 18 11.93 -17.85 24.04
CA LEU C 18 11.96 -16.40 24.14
C LEU C 18 11.08 -15.80 23.05
N VAL C 19 10.18 -14.91 23.45
CA VAL C 19 9.29 -14.20 22.53
C VAL C 19 9.39 -12.71 22.81
N LYS C 20 8.88 -11.92 21.87
CA LYS C 20 8.86 -10.47 21.99
C LYS C 20 7.45 -10.02 22.38
N THR C 21 7.40 -8.96 23.20
CA THR C 21 6.11 -8.41 23.62
C THR C 21 6.03 -6.92 23.32
N ILE C 22 4.95 -6.27 23.78
CA ILE C 22 4.85 -4.83 23.60
C ILE C 22 5.84 -4.10 24.49
N THR C 23 6.08 -4.62 25.70
CA THR C 23 7.01 -4.00 26.63
C THR C 23 8.42 -4.57 26.47
N ASP C 24 8.56 -5.87 26.67
CA ASP C 24 9.85 -6.54 26.64
C ASP C 24 10.18 -7.00 25.23
N ASP C 25 11.47 -7.20 24.98
CA ASP C 25 11.94 -7.73 23.71
C ASP C 25 12.30 -9.20 23.80
N GLN C 26 12.61 -9.70 24.99
CA GLN C 26 12.94 -11.11 25.21
C GLN C 26 12.31 -11.53 26.54
N ILE C 27 11.19 -12.23 26.45
CA ILE C 27 10.49 -12.76 27.62
C ILE C 27 10.26 -14.25 27.43
N GLU C 28 10.50 -15.02 28.49
CA GLU C 28 10.56 -16.47 28.40
C GLU C 28 9.20 -17.06 28.77
N VAL C 29 8.60 -17.78 27.83
CA VAL C 29 7.30 -18.42 28.02
C VAL C 29 7.51 -19.93 27.97
N THR C 30 6.43 -20.67 28.25
CA THR C 30 6.53 -22.12 28.29
C THR C 30 6.47 -22.77 26.91
N ASN C 31 5.96 -22.06 25.90
CA ASN C 31 5.77 -22.65 24.58
C ASN C 31 5.55 -21.54 23.55
N ALA C 32 5.99 -21.82 22.33
CA ALA C 32 5.81 -20.88 21.23
C ALA C 32 5.78 -21.64 19.92
N THR C 33 5.16 -21.03 18.91
CA THR C 33 5.04 -21.60 17.58
C THR C 33 5.60 -20.64 16.54
N GLU C 34 6.10 -21.20 15.44
CA GLU C 34 6.73 -20.41 14.39
C GLU C 34 5.69 -19.98 13.37
N LEU C 35 5.82 -18.73 12.89
CA LEU C 35 4.84 -18.15 11.97
C LEU C 35 5.39 -17.86 10.58
N VAL C 36 6.71 -17.91 10.40
CA VAL C 36 7.33 -17.58 9.12
C VAL C 36 7.96 -18.84 8.53
N GLN C 37 7.46 -19.24 7.37
CA GLN C 37 8.00 -20.40 6.65
C GLN C 37 9.20 -19.93 5.83
N SER C 38 10.39 -20.48 6.13
CA SER C 38 11.63 -19.95 5.58
C SER C 38 12.45 -21.01 4.87
N SER C 39 11.87 -22.16 4.55
CA SER C 39 12.59 -23.20 3.83
C SER C 39 11.72 -23.74 2.70
N SER C 40 12.39 -24.28 1.68
CA SER C 40 11.73 -24.86 0.52
C SER C 40 12.23 -26.29 0.31
N THR C 41 11.40 -27.09 -0.35
CA THR C 41 11.75 -28.49 -0.58
C THR C 41 12.77 -28.64 -1.70
N GLY C 42 12.71 -27.78 -2.72
CA GLY C 42 13.65 -27.80 -3.83
C GLY C 42 13.08 -28.30 -5.13
N LYS C 43 11.87 -28.87 -5.12
CA LYS C 43 11.24 -29.39 -6.31
C LYS C 43 9.87 -28.74 -6.51
N ILE C 44 9.39 -28.78 -7.74
CA ILE C 44 8.10 -28.21 -8.11
C ILE C 44 7.11 -29.36 -8.32
N CYS C 45 6.15 -29.48 -7.41
CA CYS C 45 5.14 -30.53 -7.52
C CYS C 45 4.17 -30.21 -8.65
N ASN C 46 3.75 -31.25 -9.37
CA ASN C 46 2.87 -31.09 -10.53
C ASN C 46 1.43 -31.45 -10.21
N ASN C 47 0.97 -31.15 -8.99
CA ASN C 47 -0.41 -31.38 -8.60
C ASN C 47 -0.74 -30.37 -7.51
N PRO C 48 -1.96 -29.79 -7.54
CA PRO C 48 -2.98 -30.05 -8.54
C PRO C 48 -2.95 -29.09 -9.72
N HIS C 49 -1.86 -28.33 -9.84
CA HIS C 49 -1.68 -27.44 -10.97
C HIS C 49 -1.10 -28.21 -12.16
N ARG C 50 -1.32 -27.66 -13.36
CA ARG C 50 -0.82 -28.23 -14.60
C ARG C 50 0.41 -27.46 -15.02
N ILE C 51 1.58 -28.04 -14.79
CA ILE C 51 2.86 -27.39 -15.04
C ILE C 51 3.40 -27.86 -16.38
N LEU C 52 3.91 -26.92 -17.18
CA LEU C 52 4.54 -27.21 -18.46
C LEU C 52 6.00 -26.81 -18.39
N ASP C 53 6.88 -27.75 -18.76
CA ASP C 53 8.32 -27.56 -18.63
C ASP C 53 8.88 -27.12 -19.98
N GLY C 54 9.22 -25.83 -20.10
CA GLY C 54 9.82 -25.30 -21.30
C GLY C 54 11.32 -25.55 -21.32
N ILE C 55 11.72 -26.78 -21.67
CA ILE C 55 13.09 -27.23 -21.46
C ILE C 55 14.08 -26.31 -22.16
N ASP C 56 14.02 -26.25 -23.50
CA ASP C 56 14.96 -25.45 -24.27
C ASP C 56 14.27 -24.38 -25.11
N CYS C 57 13.02 -24.06 -24.80
CA CYS C 57 12.25 -23.11 -25.58
C CYS C 57 11.66 -22.04 -24.68
N THR C 58 11.60 -20.80 -25.19
CA THR C 58 10.86 -19.75 -24.53
C THR C 58 9.40 -19.79 -24.99
N LEU C 59 8.60 -18.84 -24.48
CA LEU C 59 7.20 -18.80 -24.86
C LEU C 59 7.02 -18.25 -26.28
N ILE C 60 7.80 -17.24 -26.66
CA ILE C 60 7.63 -16.62 -27.96
C ILE C 60 8.08 -17.54 -29.08
N ASP C 61 9.16 -18.30 -28.85
CA ASP C 61 9.60 -19.24 -29.88
C ASP C 61 8.63 -20.41 -30.02
N ALA C 62 8.03 -20.84 -28.90
CA ALA C 62 6.99 -21.87 -29.00
C ALA C 62 5.71 -21.33 -29.61
N LEU C 63 5.51 -20.01 -29.56
CA LEU C 63 4.37 -19.40 -30.23
C LEU C 63 4.60 -19.32 -31.74
N LEU C 64 5.78 -18.84 -32.15
CA LEU C 64 6.04 -18.64 -33.57
C LEU C 64 6.20 -19.97 -34.31
N GLY C 65 6.69 -21.01 -33.64
CA GLY C 65 6.89 -22.28 -34.32
C GLY C 65 8.33 -22.60 -34.66
N ASP C 66 9.24 -22.36 -33.74
CA ASP C 66 10.64 -22.73 -33.95
C ASP C 66 10.76 -24.23 -34.21
N PRO C 67 11.65 -24.65 -35.12
CA PRO C 67 11.71 -26.08 -35.50
C PRO C 67 12.13 -27.00 -34.37
N HIS C 68 12.79 -26.50 -33.33
CA HIS C 68 13.13 -27.31 -32.18
C HIS C 68 12.14 -27.13 -31.04
N CYS C 69 11.00 -26.49 -31.32
CA CYS C 69 9.90 -26.37 -30.36
C CYS C 69 8.60 -26.86 -30.97
N ASP C 70 8.69 -27.79 -31.93
CA ASP C 70 7.49 -28.31 -32.58
C ASP C 70 6.73 -29.29 -31.69
N VAL C 71 7.30 -29.71 -30.57
CA VAL C 71 6.54 -30.48 -29.59
C VAL C 71 5.61 -29.59 -28.79
N PHE C 72 5.74 -28.26 -28.89
CA PHE C 72 4.84 -27.39 -28.09
C PHE C 72 3.65 -26.88 -28.91
N GLN C 73 3.18 -27.63 -29.91
CA GLN C 73 1.96 -27.17 -30.63
C GLN C 73 0.69 -27.50 -29.82
N ASN C 74 -0.21 -26.51 -29.65
CA ASN C 74 -1.47 -26.71 -28.88
C ASN C 74 -1.13 -27.22 -27.47
N GLU C 75 -0.11 -26.65 -26.84
CA GLU C 75 0.16 -26.96 -25.43
C GLU C 75 -0.82 -26.16 -24.59
N THR C 76 -1.48 -26.81 -23.63
CA THR C 76 -2.38 -26.07 -22.70
C THR C 76 -1.69 -26.08 -21.35
N TRP C 77 -1.42 -24.91 -20.78
CA TRP C 77 -0.68 -24.86 -19.50
C TRP C 77 -1.54 -24.17 -18.44
N ASP C 78 -1.25 -24.48 -17.19
CA ASP C 78 -1.66 -23.65 -16.07
C ASP C 78 -0.54 -22.80 -15.50
N LEU C 79 0.71 -23.26 -15.60
CA LEU C 79 1.87 -22.42 -15.27
C LEU C 79 3.02 -22.82 -16.18
N PHE C 80 3.51 -21.87 -16.97
CA PHE C 80 4.66 -22.09 -17.84
C PHE C 80 5.96 -21.84 -17.08
N VAL C 81 6.87 -22.80 -17.16
CA VAL C 81 8.17 -22.71 -16.50
C VAL C 81 9.24 -22.50 -17.56
N GLU C 82 9.96 -21.38 -17.47
CA GLU C 82 10.98 -21.01 -18.44
C GLU C 82 12.36 -21.25 -17.85
N ARG C 83 13.18 -22.02 -18.56
CA ARG C 83 14.54 -22.30 -18.12
C ARG C 83 15.51 -21.27 -18.70
N SER C 84 16.70 -21.19 -18.08
CA SER C 84 17.73 -20.26 -18.52
C SER C 84 18.60 -20.81 -19.64
N LYS C 85 18.59 -22.12 -19.87
CA LYS C 85 19.32 -22.73 -20.97
C LYS C 85 18.61 -22.63 -22.31
N ALA C 86 17.61 -21.76 -22.42
CA ALA C 86 16.84 -21.66 -23.66
C ALA C 86 17.60 -20.82 -24.69
N PHE C 87 17.41 -21.16 -25.96
CA PHE C 87 18.06 -20.45 -27.06
C PHE C 87 17.16 -20.53 -28.28
N SER C 88 17.52 -19.76 -29.30
CA SER C 88 16.79 -19.73 -30.56
C SER C 88 17.68 -20.25 -31.68
N ASN C 89 17.09 -20.99 -32.61
CA ASN C 89 17.82 -21.61 -33.71
C ASN C 89 17.04 -21.45 -35.01
N CYS C 90 16.55 -20.25 -35.27
CA CYS C 90 15.82 -19.96 -36.49
C CYS C 90 16.23 -18.57 -36.98
N TYR C 91 15.43 -18.02 -37.90
CA TYR C 91 15.70 -16.69 -38.43
C TYR C 91 15.76 -15.66 -37.31
N PRO C 92 16.80 -14.84 -37.24
CA PRO C 92 16.88 -13.83 -36.17
C PRO C 92 15.74 -12.84 -36.29
N TYR C 93 15.10 -12.55 -35.16
CA TYR C 93 13.89 -11.73 -35.15
C TYR C 93 13.97 -10.74 -34.01
N ASP C 94 12.90 -9.95 -33.87
CA ASP C 94 12.84 -8.85 -32.92
C ASP C 94 11.38 -8.54 -32.65
N VAL C 95 11.06 -8.25 -31.39
CA VAL C 95 9.67 -7.92 -31.03
C VAL C 95 9.63 -6.56 -30.33
N PRO C 96 9.03 -5.54 -30.93
CA PRO C 96 8.74 -4.31 -30.18
C PRO C 96 7.64 -4.57 -29.16
N ASP C 97 7.87 -4.11 -27.92
CA ASP C 97 6.99 -4.39 -26.78
C ASP C 97 6.94 -5.89 -26.51
N TYR C 98 8.11 -6.45 -26.22
CA TYR C 98 8.23 -7.89 -26.01
C TYR C 98 7.50 -8.31 -24.74
N ALA C 99 7.64 -7.54 -23.66
CA ALA C 99 7.04 -7.92 -22.39
C ALA C 99 5.52 -7.93 -22.48
N SER C 100 4.95 -7.00 -23.25
CA SER C 100 3.50 -6.95 -23.39
C SER C 100 2.97 -8.22 -24.04
N LEU C 101 3.61 -8.67 -25.13
CA LEU C 101 3.16 -9.88 -25.80
C LEU C 101 3.42 -11.12 -24.94
N ARG C 102 4.56 -11.14 -24.24
CA ARG C 102 4.86 -12.28 -23.38
C ARG C 102 3.83 -12.40 -22.26
N SER C 103 3.43 -11.27 -21.67
CA SER C 103 2.44 -11.33 -20.60
C SER C 103 1.03 -11.56 -21.14
N LEU C 104 0.78 -11.17 -22.39
CA LEU C 104 -0.53 -11.42 -22.98
C LEU C 104 -0.72 -12.89 -23.29
N VAL C 105 0.34 -13.55 -23.79
CA VAL C 105 0.23 -14.96 -24.13
C VAL C 105 0.41 -15.84 -22.90
N ALA C 106 1.21 -15.40 -21.93
CA ALA C 106 1.40 -16.20 -20.72
C ALA C 106 0.10 -16.33 -19.93
N SER C 107 -0.66 -15.24 -19.81
CA SER C 107 -1.90 -15.24 -19.04
C SER C 107 -3.08 -15.81 -19.82
N SER C 108 -2.91 -16.16 -21.10
CA SER C 108 -4.01 -16.74 -21.86
C SER C 108 -4.13 -18.23 -21.62
N GLY C 109 -3.01 -18.95 -21.59
CA GLY C 109 -3.00 -20.33 -21.16
C GLY C 109 -3.15 -21.35 -22.28
N THR C 110 -3.14 -20.92 -23.54
CA THR C 110 -3.30 -21.84 -24.65
C THR C 110 -2.39 -21.43 -25.80
N LEU C 111 -1.96 -22.43 -26.58
CA LEU C 111 -1.30 -22.22 -27.85
C LEU C 111 -2.13 -22.81 -28.99
N GLU C 112 -3.45 -22.83 -28.82
CA GLU C 112 -4.33 -23.43 -29.82
C GLU C 112 -4.40 -22.53 -31.05
N PHE C 113 -4.05 -23.10 -32.20
CA PHE C 113 -3.88 -22.35 -33.45
C PHE C 113 -4.84 -22.89 -34.49
N ILE C 114 -5.79 -22.06 -34.92
CA ILE C 114 -6.72 -22.41 -35.98
C ILE C 114 -6.19 -21.83 -37.28
N THR C 115 -5.95 -22.70 -38.26
CA THR C 115 -5.44 -22.25 -39.54
C THR C 115 -6.57 -21.72 -40.40
N GLU C 116 -6.30 -20.65 -41.16
CA GLU C 116 -7.30 -20.02 -42.02
C GLU C 116 -6.78 -19.95 -43.44
N GLY C 117 -7.71 -19.90 -44.38
CA GLY C 117 -7.36 -19.86 -45.78
C GLY C 117 -7.29 -18.44 -46.32
N PHE C 118 -6.08 -17.90 -46.35
CA PHE C 118 -5.82 -16.62 -47.01
C PHE C 118 -5.51 -16.86 -48.48
N THR C 119 -5.86 -15.88 -49.31
CA THR C 119 -5.62 -15.97 -50.75
C THR C 119 -4.63 -14.87 -51.14
N TRP C 120 -3.39 -15.26 -51.39
CA TRP C 120 -2.33 -14.35 -51.87
C TRP C 120 -2.08 -14.67 -53.34
N THR C 121 -2.63 -13.84 -54.22
CA THR C 121 -2.48 -14.04 -55.66
C THR C 121 -1.43 -13.07 -56.21
N GLY C 122 -0.50 -13.60 -57.00
CA GLY C 122 0.56 -12.81 -57.58
C GLY C 122 1.90 -12.91 -56.88
N VAL C 123 2.03 -13.75 -55.86
CA VAL C 123 3.26 -13.89 -55.10
C VAL C 123 3.57 -15.37 -54.93
N THR C 124 4.78 -15.66 -54.45
CA THR C 124 5.22 -17.02 -54.16
C THR C 124 5.19 -17.24 -52.65
N GLN C 125 4.59 -18.35 -52.23
CA GLN C 125 4.40 -18.65 -50.82
C GLN C 125 5.47 -19.61 -50.32
N ASN C 126 5.47 -19.80 -48.99
CA ASN C 126 6.30 -20.79 -48.31
C ASN C 126 7.80 -20.52 -48.57
N GLY C 127 8.21 -19.30 -48.23
CA GLY C 127 9.63 -18.97 -48.28
C GLY C 127 10.41 -19.67 -47.19
N GLY C 128 11.68 -19.95 -47.48
CA GLY C 128 12.54 -20.70 -46.59
C GLY C 128 13.82 -19.95 -46.30
N SER C 129 14.62 -20.55 -45.42
CA SER C 129 15.88 -19.97 -45.00
C SER C 129 16.83 -21.10 -44.60
N ASN C 130 18.12 -20.86 -44.79
CA ASN C 130 19.12 -21.85 -44.39
C ASN C 130 19.57 -21.71 -42.95
N ALA C 131 19.02 -20.75 -42.22
CA ALA C 131 19.30 -20.62 -40.80
C ALA C 131 18.23 -21.28 -39.95
N CYS C 132 17.19 -21.83 -40.56
CA CYS C 132 16.08 -22.41 -39.82
C CYS C 132 15.72 -23.79 -40.37
N LYS C 133 16.74 -24.65 -40.52
CA LYS C 133 16.54 -25.98 -41.09
C LYS C 133 15.55 -26.80 -40.27
N ARG C 134 14.47 -27.21 -40.91
CA ARG C 134 13.50 -28.15 -40.35
C ARG C 134 13.70 -29.48 -41.09
N GLY C 135 14.58 -30.31 -40.55
CA GLY C 135 14.97 -31.56 -41.15
C GLY C 135 16.28 -31.44 -41.90
N PRO C 136 16.36 -32.02 -43.10
CA PRO C 136 17.57 -31.89 -43.91
C PRO C 136 17.60 -30.71 -44.86
N GLY C 137 16.48 -30.01 -45.05
CA GLY C 137 16.39 -28.90 -45.96
C GLY C 137 16.11 -27.59 -45.25
N SER C 138 16.01 -26.54 -46.05
CA SER C 138 15.73 -25.21 -45.50
C SER C 138 14.30 -25.15 -44.96
N GLY C 139 14.07 -24.19 -44.08
CA GLY C 139 12.77 -24.06 -43.48
C GLY C 139 12.53 -22.65 -42.95
N PHE C 140 11.48 -22.54 -42.15
CA PHE C 140 11.06 -21.26 -41.58
C PHE C 140 10.17 -21.56 -40.38
N PHE C 141 9.65 -20.49 -39.77
CA PHE C 141 8.61 -20.66 -38.75
C PHE C 141 7.39 -21.35 -39.34
N SER C 142 6.72 -22.13 -38.50
CA SER C 142 5.59 -22.93 -38.96
C SER C 142 4.26 -22.18 -38.90
N ARG C 143 4.22 -21.01 -38.28
CA ARG C 143 3.00 -20.23 -38.17
C ARG C 143 3.01 -18.97 -39.03
N LEU C 144 4.06 -18.77 -39.83
CA LEU C 144 4.20 -17.58 -40.65
C LEU C 144 4.49 -17.96 -42.08
N ASN C 145 4.25 -17.02 -43.00
CA ASN C 145 4.33 -17.26 -44.43
C ASN C 145 5.18 -16.15 -45.05
N TRP C 146 6.30 -16.51 -45.63
CA TRP C 146 7.23 -15.54 -46.23
C TRP C 146 6.92 -15.45 -47.72
N LEU C 147 6.32 -14.33 -48.12
CA LEU C 147 5.94 -14.11 -49.51
C LEU C 147 6.99 -13.26 -50.22
N THR C 148 7.34 -13.67 -51.43
CA THR C 148 8.28 -12.96 -52.29
C THR C 148 7.68 -12.80 -53.67
N LYS C 149 8.42 -12.15 -54.56
CA LYS C 149 7.91 -11.85 -55.89
C LYS C 149 7.75 -13.13 -56.70
N SER C 150 6.78 -13.11 -57.61
CA SER C 150 6.43 -14.27 -58.44
C SER C 150 6.89 -13.97 -59.86
N GLY C 151 8.10 -14.39 -60.19
CA GLY C 151 8.67 -14.19 -61.51
C GLY C 151 9.33 -12.84 -61.72
N SER C 152 8.52 -11.81 -61.95
CA SER C 152 9.09 -10.49 -62.22
C SER C 152 8.32 -9.34 -61.60
N THR C 153 7.27 -9.60 -60.82
CA THR C 153 6.42 -8.53 -60.27
C THR C 153 5.98 -8.91 -58.88
N TYR C 154 5.54 -7.89 -58.13
CA TYR C 154 5.02 -8.06 -56.78
C TYR C 154 3.84 -7.12 -56.63
N PRO C 155 2.61 -7.61 -56.87
CA PRO C 155 1.45 -6.71 -56.84
C PRO C 155 1.11 -6.23 -55.44
N VAL C 156 0.13 -5.34 -55.34
CA VAL C 156 -0.29 -4.79 -54.05
C VAL C 156 -1.27 -5.78 -53.43
N LEU C 157 -0.82 -6.50 -52.41
CA LEU C 157 -1.68 -7.44 -51.71
C LEU C 157 -2.73 -6.68 -50.89
N ASN C 158 -3.98 -7.14 -50.97
CA ASN C 158 -5.10 -6.53 -50.26
C ASN C 158 -6.08 -7.64 -49.93
N VAL C 159 -6.11 -8.05 -48.66
CA VAL C 159 -6.88 -9.21 -48.24
C VAL C 159 -7.72 -8.83 -47.03
N THR C 160 -8.79 -9.60 -46.82
CA THR C 160 -9.76 -9.34 -45.77
C THR C 160 -10.10 -10.62 -45.04
N MET C 161 -10.52 -10.46 -43.78
CA MET C 161 -10.91 -11.59 -42.95
C MET C 161 -11.92 -11.16 -41.89
N PRO C 162 -13.16 -11.64 -41.95
CA PRO C 162 -14.16 -11.25 -40.97
C PRO C 162 -14.18 -12.20 -39.78
N ASN C 163 -14.70 -11.69 -38.67
CA ASN C 163 -14.81 -12.46 -37.43
C ASN C 163 -16.29 -12.65 -37.12
N ASN C 164 -16.81 -13.84 -37.43
CA ASN C 164 -18.22 -14.16 -37.18
C ASN C 164 -18.42 -15.02 -35.94
N ASP C 165 -17.35 -15.39 -35.24
CA ASP C 165 -17.46 -16.23 -34.06
C ASP C 165 -17.84 -15.38 -32.85
N ASN C 166 -17.72 -15.96 -31.65
CA ASN C 166 -18.06 -15.26 -30.42
C ASN C 166 -16.89 -15.22 -29.45
N PHE C 167 -15.67 -15.20 -29.97
CA PHE C 167 -14.47 -15.06 -29.16
C PHE C 167 -13.49 -14.15 -29.89
N ASP C 168 -12.46 -13.73 -29.17
CA ASP C 168 -11.44 -12.86 -29.74
C ASP C 168 -10.40 -13.69 -30.50
N LYS C 169 -9.83 -13.08 -31.53
CA LYS C 169 -8.81 -13.73 -32.36
C LYS C 169 -7.52 -12.95 -32.29
N LEU C 170 -6.41 -13.67 -32.14
CA LEU C 170 -5.08 -13.08 -32.08
C LEU C 170 -4.30 -13.45 -33.33
N TYR C 171 -3.92 -12.44 -34.11
CA TYR C 171 -3.15 -12.61 -35.33
C TYR C 171 -1.72 -12.15 -35.09
N ILE C 172 -0.76 -12.93 -35.53
CA ILE C 172 0.67 -12.61 -35.40
C ILE C 172 1.24 -12.48 -36.80
N TRP C 173 1.83 -11.32 -37.10
CA TRP C 173 2.43 -11.05 -38.39
C TRP C 173 3.79 -10.40 -38.18
N GLY C 174 4.46 -10.08 -39.28
CA GLY C 174 5.77 -9.48 -39.16
C GLY C 174 6.17 -8.73 -40.41
N ILE C 175 7.34 -8.10 -40.32
CA ILE C 175 7.93 -7.36 -41.43
C ILE C 175 9.41 -7.71 -41.52
N HIS C 176 9.91 -7.74 -42.75
CA HIS C 176 11.28 -8.20 -43.03
C HIS C 176 12.17 -6.99 -43.32
N HIS C 177 13.22 -6.84 -42.51
CA HIS C 177 14.20 -5.79 -42.74
C HIS C 177 15.40 -6.38 -43.47
N PRO C 178 15.62 -6.03 -44.74
CA PRO C 178 16.74 -6.60 -45.49
C PRO C 178 18.08 -6.03 -45.09
N SER C 179 19.15 -6.50 -45.72
CA SER C 179 20.51 -6.12 -45.38
C SER C 179 21.09 -5.07 -46.31
N THR C 180 20.90 -5.21 -47.61
CA THR C 180 21.40 -4.28 -48.61
C THR C 180 20.24 -3.77 -49.46
N ASN C 181 20.55 -2.83 -50.35
CA ASN C 181 19.56 -2.30 -51.29
C ASN C 181 19.44 -3.14 -52.55
N GLN C 182 20.26 -4.17 -52.70
CA GLN C 182 20.17 -5.08 -53.84
C GLN C 182 19.26 -6.26 -53.57
N GLU C 183 19.27 -6.78 -52.34
CA GLU C 183 18.40 -7.90 -52.00
C GLU C 183 16.95 -7.46 -51.75
N GLN C 184 16.73 -6.17 -51.55
CA GLN C 184 15.36 -5.66 -51.47
C GLN C 184 14.65 -5.78 -52.81
N THR C 185 15.27 -5.26 -53.88
CA THR C 185 14.67 -5.29 -55.21
C THR C 185 14.75 -6.65 -55.87
N SER C 186 15.50 -7.61 -55.31
CA SER C 186 15.54 -8.96 -55.87
C SER C 186 14.49 -9.87 -55.26
N LEU C 187 13.85 -9.44 -54.17
CA LEU C 187 12.76 -10.18 -53.54
C LEU C 187 11.42 -9.47 -53.67
N TYR C 188 11.43 -8.14 -53.63
CA TYR C 188 10.24 -7.32 -53.83
C TYR C 188 10.63 -6.19 -54.78
N VAL C 189 10.08 -6.21 -55.99
CA VAL C 189 10.55 -5.32 -57.06
C VAL C 189 10.47 -3.85 -56.67
N GLN C 190 9.67 -3.50 -55.68
CA GLN C 190 9.55 -2.11 -55.25
C GLN C 190 10.74 -1.71 -54.40
N ALA C 191 11.18 -0.47 -54.56
CA ALA C 191 12.35 0.02 -53.83
C ALA C 191 12.04 0.41 -52.40
N SER C 192 10.78 0.28 -51.96
CA SER C 192 10.41 0.57 -50.59
C SER C 192 9.12 -0.18 -50.27
N GLY C 193 9.08 -0.80 -49.08
CA GLY C 193 7.94 -1.58 -48.65
C GLY C 193 7.13 -0.87 -47.58
N ARG C 194 5.97 -1.46 -47.29
CA ARG C 194 5.01 -0.90 -46.35
C ARG C 194 3.95 -1.95 -46.07
N VAL C 195 3.59 -2.09 -44.79
CA VAL C 195 2.58 -3.06 -44.37
C VAL C 195 1.57 -2.35 -43.48
N THR C 196 0.29 -2.45 -43.85
CA THR C 196 -0.81 -1.86 -43.10
C THR C 196 -1.77 -2.97 -42.68
N VAL C 197 -2.07 -3.03 -41.39
CA VAL C 197 -3.03 -3.98 -40.85
C VAL C 197 -4.05 -3.19 -40.05
N SER C 198 -5.33 -3.33 -40.40
CA SER C 198 -6.34 -2.43 -39.87
C SER C 198 -7.59 -3.20 -39.46
N THR C 199 -8.18 -2.79 -38.33
CA THR C 199 -9.52 -3.19 -37.93
C THR C 199 -10.44 -1.97 -38.04
N ARG C 200 -11.68 -2.13 -37.59
CA ARG C 200 -12.63 -1.02 -37.65
C ARG C 200 -12.33 0.07 -36.64
N ARG C 201 -11.36 -0.14 -35.74
CA ARG C 201 -11.09 0.82 -34.68
C ARG C 201 -9.61 1.11 -34.47
N SER C 202 -8.70 0.44 -35.18
CA SER C 202 -7.28 0.66 -35.02
C SER C 202 -6.58 0.39 -36.35
N GLN C 203 -5.30 0.73 -36.39
CA GLN C 203 -4.49 0.53 -37.59
C GLN C 203 -3.02 0.56 -37.21
N GLN C 204 -2.23 -0.26 -37.90
CA GLN C 204 -0.79 -0.30 -37.71
C GLN C 204 -0.12 -0.31 -39.07
N THR C 205 0.77 0.65 -39.31
CA THR C 205 1.53 0.74 -40.55
C THR C 205 3.02 0.72 -40.22
N ILE C 206 3.75 -0.19 -40.85
CA ILE C 206 5.18 -0.37 -40.61
C ILE C 206 5.93 -0.28 -41.93
N ILE C 207 7.13 0.32 -41.90
CA ILE C 207 7.97 0.44 -43.12
C ILE C 207 9.36 -0.16 -42.84
N PRO C 208 9.88 -1.04 -43.71
CA PRO C 208 11.19 -1.68 -43.49
C PRO C 208 12.36 -0.69 -43.47
N ASN C 209 13.38 -1.01 -42.68
CA ASN C 209 14.57 -0.17 -42.47
C ASN C 209 15.77 -0.93 -43.03
N ILE C 210 16.20 -0.58 -44.23
CA ILE C 210 17.34 -1.22 -44.86
C ILE C 210 18.61 -0.79 -44.16
N GLY C 211 19.48 -1.76 -43.87
CA GLY C 211 20.73 -1.48 -43.20
C GLY C 211 21.41 -2.79 -42.83
N SER C 212 22.63 -2.66 -42.31
CA SER C 212 23.40 -3.81 -41.89
C SER C 212 23.32 -3.98 -40.38
N ARG C 213 23.35 -5.25 -39.95
CA ARG C 213 23.27 -5.65 -38.55
C ARG C 213 24.40 -6.62 -38.25
N PRO C 214 24.67 -6.88 -36.97
CA PRO C 214 25.63 -7.93 -36.63
C PRO C 214 25.18 -9.29 -37.15
N TRP C 215 26.16 -10.11 -37.53
CA TRP C 215 25.88 -11.44 -38.03
C TRP C 215 25.36 -12.33 -36.90
N VAL C 216 24.18 -12.90 -37.09
CA VAL C 216 23.59 -13.84 -36.14
C VAL C 216 23.19 -15.10 -36.91
N ARG C 217 23.93 -16.19 -36.68
CA ARG C 217 23.71 -17.48 -37.33
C ARG C 217 23.90 -17.41 -38.85
N GLY C 218 24.60 -16.42 -39.35
CA GLY C 218 24.90 -16.33 -40.76
C GLY C 218 24.08 -15.33 -41.54
N LEU C 219 23.33 -14.46 -40.86
CA LEU C 219 22.45 -13.51 -41.52
C LEU C 219 22.62 -12.15 -40.89
N SER C 220 22.43 -11.11 -41.70
CA SER C 220 22.39 -9.73 -41.21
C SER C 220 21.06 -9.04 -41.47
N SER C 221 20.04 -9.78 -41.92
CA SER C 221 18.69 -9.27 -42.02
C SER C 221 17.94 -9.53 -40.72
N ARG C 222 16.76 -8.94 -40.59
CA ARG C 222 15.98 -9.10 -39.37
C ARG C 222 14.51 -9.25 -39.70
N ILE C 223 13.73 -9.64 -38.69
CA ILE C 223 12.28 -9.71 -38.76
C ILE C 223 11.72 -9.03 -37.51
N SER C 224 10.73 -8.17 -37.70
CA SER C 224 10.02 -7.55 -36.59
C SER C 224 8.63 -8.14 -36.49
N ILE C 225 8.19 -8.43 -35.27
CA ILE C 225 6.98 -9.19 -35.01
C ILE C 225 5.93 -8.27 -34.38
N TYR C 226 4.74 -8.25 -34.96
CA TYR C 226 3.61 -7.47 -34.45
C TYR C 226 2.41 -8.38 -34.33
N TRP C 227 1.38 -7.89 -33.62
CA TRP C 227 0.18 -8.67 -33.37
C TRP C 227 -1.04 -7.77 -33.40
N THR C 228 -2.18 -8.39 -33.65
CA THR C 228 -3.47 -7.71 -33.75
C THR C 228 -4.52 -8.56 -33.06
N ILE C 229 -5.52 -7.90 -32.48
CA ILE C 229 -6.61 -8.58 -31.80
C ILE C 229 -7.92 -8.16 -32.46
N VAL C 230 -8.69 -9.14 -32.92
CA VAL C 230 -9.97 -8.91 -33.58
C VAL C 230 -11.08 -9.40 -32.65
N LYS C 231 -12.00 -8.50 -32.32
CA LYS C 231 -13.11 -8.78 -31.43
C LYS C 231 -14.34 -9.21 -32.23
N PRO C 232 -15.30 -9.90 -31.60
CA PRO C 232 -16.44 -10.41 -32.36
C PRO C 232 -17.24 -9.28 -32.99
N GLY C 233 -17.54 -9.44 -34.28
CA GLY C 233 -18.22 -8.41 -35.03
C GLY C 233 -17.31 -7.49 -35.81
N ASP C 234 -16.00 -7.60 -35.62
CA ASP C 234 -15.05 -6.71 -36.26
C ASP C 234 -14.62 -7.32 -37.60
N VAL C 235 -13.58 -6.77 -38.21
CA VAL C 235 -13.04 -7.23 -39.50
C VAL C 235 -11.57 -6.86 -39.53
N LEU C 236 -10.78 -7.63 -40.26
CA LEU C 236 -9.35 -7.39 -40.42
C LEU C 236 -9.03 -7.20 -41.90
N VAL C 237 -8.23 -6.18 -42.21
CA VAL C 237 -7.79 -5.92 -43.57
C VAL C 237 -6.29 -5.78 -43.58
N ILE C 238 -5.63 -6.46 -44.51
CA ILE C 238 -4.18 -6.42 -44.65
C ILE C 238 -3.84 -5.87 -46.04
N ASN C 239 -3.08 -4.79 -46.06
CA ASN C 239 -2.63 -4.14 -47.29
C ASN C 239 -1.11 -4.09 -47.29
N SER C 240 -0.50 -4.36 -48.45
CA SER C 240 0.95 -4.39 -48.49
C SER C 240 1.43 -4.32 -49.93
N ASN C 241 2.69 -3.91 -50.09
CA ASN C 241 3.36 -3.94 -51.38
C ASN C 241 4.81 -4.37 -51.25
N GLY C 242 5.11 -5.20 -50.26
CA GLY C 242 6.44 -5.75 -50.07
C GLY C 242 6.78 -5.83 -48.60
N ASN C 243 7.68 -6.77 -48.26
CA ASN C 243 8.20 -6.93 -46.91
C ASN C 243 7.08 -7.30 -45.93
N LEU C 244 6.39 -8.39 -46.25
CA LEU C 244 5.28 -8.88 -45.44
C LEU C 244 5.53 -10.33 -45.03
N ILE C 245 5.50 -10.58 -43.74
CA ILE C 245 5.50 -11.95 -43.21
C ILE C 245 4.06 -12.25 -42.80
N ALA C 246 3.31 -12.86 -43.71
CA ALA C 246 1.89 -13.02 -43.53
C ALA C 246 1.59 -14.07 -42.46
N PRO C 247 0.40 -14.02 -41.86
CA PRO C 247 -0.02 -15.08 -40.93
C PRO C 247 -0.66 -16.24 -41.67
N ARG C 248 -0.83 -17.34 -40.94
CA ARG C 248 -1.50 -18.53 -41.45
C ARG C 248 -2.82 -18.81 -40.76
N GLY C 249 -3.13 -18.09 -39.69
CA GLY C 249 -4.35 -18.33 -38.95
C GLY C 249 -4.39 -17.46 -37.71
N TYR C 250 -5.10 -17.95 -36.68
CA TYR C 250 -5.25 -17.17 -35.46
C TYR C 250 -5.14 -18.08 -34.25
N PHE C 251 -4.69 -17.50 -33.14
CA PHE C 251 -4.72 -18.18 -31.85
C PHE C 251 -6.01 -17.82 -31.13
N LYS C 252 -6.55 -18.78 -30.39
CA LYS C 252 -7.74 -18.53 -29.59
C LYS C 252 -7.36 -17.90 -28.26
N MET C 253 -8.04 -16.84 -27.89
CA MET C 253 -7.73 -16.08 -26.69
C MET C 253 -8.74 -16.42 -25.59
N ARG C 254 -8.23 -16.78 -24.43
CA ARG C 254 -9.05 -17.15 -23.28
C ARG C 254 -8.70 -16.24 -22.10
N THR C 255 -9.51 -16.35 -21.05
CA THR C 255 -9.25 -15.64 -19.80
C THR C 255 -9.40 -16.61 -18.65
N GLY C 256 -8.43 -16.58 -17.74
CA GLY C 256 -8.49 -17.45 -16.58
C GLY C 256 -7.34 -17.24 -15.61
N LYS C 257 -6.88 -18.31 -14.99
CA LYS C 257 -5.74 -18.30 -14.08
C LYS C 257 -4.57 -19.04 -14.73
N SER C 258 -3.58 -18.27 -15.21
CA SER C 258 -2.38 -18.80 -15.84
C SER C 258 -1.30 -17.74 -15.74
N SER C 259 -0.04 -18.18 -15.74
CA SER C 259 1.09 -17.27 -15.61
C SER C 259 2.36 -17.98 -16.07
N ILE C 260 3.50 -17.33 -15.84
CA ILE C 260 4.80 -17.83 -16.28
C ILE C 260 5.81 -17.51 -15.19
N MET C 261 6.85 -18.35 -15.10
CA MET C 261 7.82 -18.23 -14.01
C MET C 261 9.16 -18.78 -14.47
N ARG C 262 10.22 -18.01 -14.20
CA ARG C 262 11.59 -18.42 -14.52
C ARG C 262 12.16 -19.18 -13.32
N SER C 263 12.55 -20.43 -13.54
CA SER C 263 13.06 -21.26 -12.45
C SER C 263 13.84 -22.42 -13.05
N ASP C 264 14.88 -22.85 -12.33
CA ASP C 264 15.72 -23.96 -12.72
C ASP C 264 15.61 -25.13 -11.76
N ALA C 265 14.42 -25.33 -11.19
CA ALA C 265 14.18 -26.43 -10.26
C ALA C 265 13.48 -27.58 -10.96
N PRO C 266 13.84 -28.82 -10.64
CA PRO C 266 13.20 -29.98 -11.28
C PRO C 266 11.75 -30.12 -10.84
N ILE C 267 11.06 -31.06 -11.49
CA ILE C 267 9.64 -31.29 -11.28
C ILE C 267 9.43 -32.72 -10.80
N ASP C 268 8.70 -32.87 -9.70
CA ASP C 268 8.39 -34.16 -9.10
C ASP C 268 6.87 -34.34 -9.06
N THR C 269 6.44 -35.42 -8.41
CA THR C 269 5.04 -35.84 -8.39
C THR C 269 4.44 -35.75 -6.99
N CYS C 270 4.77 -34.67 -6.26
CA CYS C 270 4.18 -34.44 -4.95
C CYS C 270 2.90 -33.61 -5.12
N ILE C 271 2.39 -33.08 -4.02
CA ILE C 271 1.16 -32.28 -4.03
C ILE C 271 1.39 -31.03 -3.20
N SER C 272 1.22 -29.86 -3.81
CA SER C 272 1.35 -28.60 -3.10
C SER C 272 0.58 -27.53 -3.86
N GLU C 273 0.05 -26.56 -3.11
CA GLU C 273 -0.78 -25.49 -3.68
C GLU C 273 -0.03 -24.20 -3.93
N CYS C 274 1.22 -24.09 -3.47
CA CYS C 274 2.02 -22.89 -3.67
C CYS C 274 3.30 -23.25 -4.41
N ILE C 275 3.74 -22.36 -5.29
CA ILE C 275 4.94 -22.59 -6.10
C ILE C 275 5.77 -21.32 -6.13
N THR C 276 7.03 -21.43 -5.73
CA THR C 276 8.01 -20.36 -5.80
C THR C 276 9.15 -20.76 -6.73
N PRO C 277 9.92 -19.80 -7.25
CA PRO C 277 11.06 -20.16 -8.11
C PRO C 277 12.10 -21.05 -7.44
N ASN C 278 12.00 -21.27 -6.13
CA ASN C 278 12.89 -22.20 -5.44
C ASN C 278 12.31 -23.60 -5.37
N GLY C 279 11.03 -23.79 -5.70
CA GLY C 279 10.31 -25.02 -5.51
C GLY C 279 9.01 -24.77 -4.78
N SER C 280 8.32 -25.85 -4.45
CA SER C 280 7.06 -25.74 -3.74
C SER C 280 7.31 -25.57 -2.25
N ILE C 281 6.51 -24.72 -1.62
CA ILE C 281 6.61 -24.50 -0.17
C ILE C 281 5.24 -24.76 0.45
N PRO C 282 5.20 -25.36 1.64
CA PRO C 282 3.90 -25.52 2.32
C PRO C 282 3.31 -24.17 2.70
N ASN C 283 2.02 -24.18 2.97
CA ASN C 283 1.22 -22.98 3.23
C ASN C 283 0.40 -23.17 4.49
N ASP C 284 1.04 -23.65 5.56
CA ASP C 284 0.36 -23.73 6.84
C ASP C 284 0.51 -22.47 7.67
N LYS C 285 1.55 -21.65 7.40
CA LYS C 285 1.90 -20.42 8.09
C LYS C 285 1.45 -19.21 7.27
N PRO C 286 1.14 -18.07 7.91
CA PRO C 286 0.62 -16.93 7.15
C PRO C 286 1.69 -16.17 6.39
N PHE C 287 2.96 -16.29 6.79
CA PHE C 287 4.04 -15.50 6.23
C PHE C 287 5.15 -16.43 5.74
N GLN C 288 6.00 -15.90 4.87
CA GLN C 288 7.08 -16.67 4.26
C GLN C 288 8.23 -15.73 3.97
N ASN C 289 9.45 -16.26 4.01
CA ASN C 289 10.66 -15.49 3.73
C ASN C 289 11.57 -16.25 2.79
N VAL C 290 11.01 -16.70 1.67
CA VAL C 290 11.75 -17.48 0.66
C VAL C 290 11.89 -16.70 -0.63
N ASN C 291 10.78 -16.33 -1.26
CA ASN C 291 10.81 -15.55 -2.50
C ASN C 291 9.57 -14.68 -2.56
N LYS C 292 9.72 -13.51 -3.20
CA LYS C 292 8.60 -12.60 -3.40
C LYS C 292 7.83 -12.87 -4.68
N ILE C 293 8.27 -13.84 -5.48
CA ILE C 293 7.54 -14.29 -6.66
C ILE C 293 6.86 -15.62 -6.31
N THR C 294 5.53 -15.66 -6.44
CA THR C 294 4.76 -16.80 -5.95
C THR C 294 3.58 -17.05 -6.87
N TYR C 295 3.14 -18.31 -6.91
CA TYR C 295 1.97 -18.69 -7.67
C TYR C 295 1.12 -19.61 -6.81
N GLY C 296 -0.18 -19.34 -6.74
CA GLY C 296 -1.11 -20.15 -6.00
C GLY C 296 -1.56 -19.45 -4.73
N ALA C 297 -1.98 -20.27 -3.75
CA ALA C 297 -2.37 -19.77 -2.44
C ALA C 297 -1.11 -19.71 -1.57
N CYS C 298 -0.36 -18.62 -1.75
CA CYS C 298 0.93 -18.58 -1.06
C CYS C 298 0.90 -17.59 0.11
N PRO C 299 1.65 -17.88 1.17
CA PRO C 299 1.85 -16.88 2.23
C PRO C 299 2.56 -15.63 1.72
N LYS C 300 2.49 -14.57 2.53
CA LYS C 300 3.08 -13.29 2.15
C LYS C 300 4.55 -13.21 2.49
N TYR C 301 5.29 -12.52 1.64
CA TYR C 301 6.74 -12.37 1.80
C TYR C 301 7.03 -11.23 2.77
N VAL C 302 7.72 -11.55 3.87
CA VAL C 302 8.12 -10.56 4.86
C VAL C 302 9.64 -10.49 4.87
N LYS C 303 10.16 -9.46 5.52
CA LYS C 303 11.61 -9.28 5.60
C LYS C 303 12.22 -9.95 6.83
N GLN C 304 11.41 -10.29 7.82
CA GLN C 304 11.92 -10.93 9.02
C GLN C 304 12.17 -12.41 8.75
N ASN C 305 13.21 -12.95 9.40
CA ASN C 305 13.56 -14.34 9.22
C ASN C 305 12.95 -15.26 10.28
N THR C 306 12.42 -14.72 11.38
CA THR C 306 11.76 -15.54 12.37
C THR C 306 10.77 -14.68 13.14
N LEU C 307 9.59 -15.24 13.42
CA LEU C 307 8.59 -14.58 14.26
C LEU C 307 7.86 -15.65 15.05
N LYS C 308 7.99 -15.62 16.37
CA LYS C 308 7.43 -16.65 17.24
C LYS C 308 6.22 -16.09 17.98
N LEU C 309 5.15 -16.87 18.02
CA LEU C 309 3.91 -16.50 18.69
C LEU C 309 3.75 -17.38 19.93
N ALA C 310 3.49 -16.74 21.07
CA ALA C 310 3.38 -17.48 22.33
C ALA C 310 2.04 -18.20 22.42
N THR C 311 2.08 -19.48 22.79
CA THR C 311 0.89 -20.27 23.04
C THR C 311 0.88 -20.84 24.45
N GLY C 312 1.50 -20.14 25.40
CA GLY C 312 1.52 -20.58 26.77
C GLY C 312 1.75 -19.41 27.69
N MET C 313 1.81 -19.73 28.99
CA MET C 313 2.02 -18.69 30.01
C MET C 313 3.52 -18.41 30.16
N ARG C 314 3.84 -17.52 31.10
CA ARG C 314 5.23 -17.20 31.36
C ARG C 314 5.92 -18.33 32.13
N ASN C 315 7.24 -18.43 31.94
CA ASN C 315 8.03 -19.53 32.48
C ASN C 315 8.84 -19.00 33.66
N VAL C 316 8.46 -19.42 34.86
CA VAL C 316 9.19 -19.09 36.08
C VAL C 316 9.63 -20.40 36.73
N PRO C 317 10.86 -20.83 36.48
CA PRO C 317 11.33 -22.10 37.04
C PRO C 317 11.71 -21.95 38.50
N GLU C 318 12.00 -23.10 39.13
CA GLU C 318 12.45 -23.14 40.52
C GLU C 318 13.70 -22.29 40.73
N ASN D 1 -2.78 8.80 71.61
CA ASN D 1 -3.34 7.93 70.59
C ASN D 1 -2.64 6.57 70.58
N SER D 2 -3.42 5.51 70.41
CA SER D 2 -2.90 4.15 70.39
C SER D 2 -3.07 3.48 69.03
N THR D 3 -3.16 4.28 67.96
CA THR D 3 -3.26 3.77 66.60
C THR D 3 -2.27 4.47 65.68
N ALA D 4 -2.35 4.21 64.39
CA ALA D 4 -1.51 4.88 63.41
C ALA D 4 -2.24 4.89 62.07
N THR D 5 -1.61 5.51 61.07
CA THR D 5 -2.17 5.58 59.73
C THR D 5 -1.05 5.48 58.71
N LEU D 6 -1.38 4.93 57.54
CA LEU D 6 -0.41 4.76 56.47
C LEU D 6 -1.13 4.94 55.15
N CYS D 7 -0.92 6.07 54.48
CA CYS D 7 -1.58 6.38 53.23
C CYS D 7 -0.64 6.15 52.05
N LEU D 8 -1.23 5.76 50.92
CA LEU D 8 -0.51 5.52 49.68
C LEU D 8 -1.01 6.47 48.61
N GLY D 9 -0.13 6.80 47.66
CA GLY D 9 -0.50 7.72 46.61
C GLY D 9 0.58 7.82 45.56
N HIS D 10 0.33 8.68 44.57
CA HIS D 10 1.23 8.89 43.45
C HIS D 10 1.48 10.38 43.28
N HIS D 11 2.37 10.73 42.35
CA HIS D 11 2.76 12.10 42.14
C HIS D 11 1.92 12.75 41.04
N ALA D 12 1.96 14.09 41.00
CA ALA D 12 1.28 14.86 39.98
C ALA D 12 2.10 16.10 39.68
N VAL D 13 1.84 16.71 38.53
CA VAL D 13 2.55 17.93 38.16
C VAL D 13 1.52 19.02 37.93
N PRO D 14 1.91 20.29 38.08
CA PRO D 14 0.93 21.38 37.91
C PRO D 14 0.38 21.54 36.50
N ASN D 15 1.26 21.70 35.51
CA ASN D 15 0.92 21.56 34.10
C ASN D 15 1.30 20.20 33.56
N GLY D 16 0.32 19.45 33.06
CA GLY D 16 0.61 18.20 32.39
C GLY D 16 0.47 18.36 30.88
N THR D 17 0.20 17.28 30.16
CA THR D 17 0.13 17.31 28.72
C THR D 17 -1.08 16.52 28.23
N LEU D 18 -1.74 17.02 27.19
CA LEU D 18 -2.93 16.36 26.67
C LEU D 18 -2.52 15.37 25.58
N VAL D 19 -2.99 14.13 25.72
CA VAL D 19 -2.74 13.08 24.74
C VAL D 19 -4.07 12.43 24.35
N LYS D 20 -4.03 11.67 23.27
CA LYS D 20 -5.20 10.96 22.79
C LYS D 20 -5.10 9.48 23.17
N THR D 21 -6.24 8.88 23.48
CA THR D 21 -6.27 7.46 23.83
C THR D 21 -7.26 6.69 22.96
N ILE D 22 -7.48 5.42 23.28
CA ILE D 22 -8.47 4.64 22.54
C ILE D 22 -9.88 5.11 22.89
N THR D 23 -10.10 5.49 24.15
CA THR D 23 -11.41 5.95 24.60
C THR D 23 -11.53 7.47 24.47
N ASP D 24 -10.67 8.19 25.17
CA ASP D 24 -10.74 9.65 25.21
C ASP D 24 -9.91 10.24 24.07
N ASP D 25 -10.24 11.50 23.73
CA ASP D 25 -9.49 12.24 22.73
C ASP D 25 -8.55 13.25 23.37
N GLN D 26 -8.81 13.68 24.60
CA GLN D 26 -7.96 14.63 25.32
C GLN D 26 -7.91 14.19 26.78
N ILE D 27 -6.82 13.53 27.17
CA ILE D 27 -6.61 13.09 28.53
C ILE D 27 -5.26 13.62 29.01
N GLU D 28 -5.22 14.12 30.24
CA GLU D 28 -4.09 14.87 30.75
C GLU D 28 -3.16 13.94 31.54
N VAL D 29 -1.92 13.81 31.07
CA VAL D 29 -0.92 12.97 31.70
C VAL D 29 0.19 13.87 32.24
N THR D 30 1.13 13.26 32.97
CA THR D 30 2.20 14.03 33.59
C THR D 30 3.32 14.37 32.62
N ASN D 31 3.44 13.66 31.49
CA ASN D 31 4.56 13.87 30.58
C ASN D 31 4.24 13.22 29.24
N ALA D 32 4.78 13.82 28.17
CA ALA D 32 4.61 13.28 26.84
C ALA D 32 5.78 13.71 25.97
N THR D 33 6.03 12.94 24.91
CA THR D 33 7.10 13.20 23.96
C THR D 33 6.55 13.31 22.55
N GLU D 34 7.24 14.09 21.71
CA GLU D 34 6.78 14.33 20.35
C GLU D 34 7.36 13.28 19.41
N LEU D 35 6.54 12.84 18.46
CA LEU D 35 6.93 11.77 17.55
C LEU D 35 7.05 12.21 16.10
N VAL D 36 6.57 13.40 15.74
CA VAL D 36 6.57 13.87 14.36
C VAL D 36 7.53 15.06 14.25
N GLN D 37 8.58 14.89 13.45
CA GLN D 37 9.54 15.96 13.19
C GLN D 37 8.98 16.85 12.08
N SER D 38 8.74 18.12 12.40
CA SER D 38 8.00 18.99 11.48
C SER D 38 8.76 20.28 11.16
N SER D 39 10.06 20.33 11.44
CA SER D 39 10.86 21.50 11.10
C SER D 39 12.16 21.08 10.44
N SER D 40 12.71 21.99 9.64
CA SER D 40 13.97 21.77 8.93
C SER D 40 14.94 22.89 9.26
N THR D 41 16.23 22.60 9.11
CA THR D 41 17.26 23.58 9.42
C THR D 41 17.39 24.63 8.33
N GLY D 42 17.20 24.24 7.07
CA GLY D 42 17.26 25.14 5.94
C GLY D 42 18.48 24.96 5.06
N LYS D 43 19.46 24.18 5.49
CA LYS D 43 20.68 23.95 4.72
C LYS D 43 20.87 22.46 4.49
N ILE D 44 21.65 22.13 3.47
CA ILE D 44 21.96 20.75 3.10
C ILE D 44 23.38 20.45 3.55
N CYS D 45 23.53 19.59 4.55
CA CYS D 45 24.85 19.22 5.04
C CYS D 45 25.54 18.30 4.04
N ASN D 46 26.85 18.47 3.89
CA ASN D 46 27.62 17.71 2.91
C ASN D 46 28.43 16.58 3.56
N ASN D 47 27.88 15.97 4.61
CA ASN D 47 28.50 14.83 5.28
C ASN D 47 27.40 13.98 5.88
N PRO D 48 27.51 12.65 5.81
CA PRO D 48 28.62 11.93 5.18
C PRO D 48 28.36 11.59 3.71
N HIS D 49 27.33 12.20 3.13
CA HIS D 49 27.05 12.01 1.71
C HIS D 49 27.89 12.96 0.87
N ARG D 50 28.08 12.59 -0.40
CA ARG D 50 28.85 13.38 -1.35
C ARG D 50 27.85 14.13 -2.24
N ILE D 51 27.68 15.41 -1.97
CA ILE D 51 26.70 16.24 -2.66
C ILE D 51 27.40 17.02 -3.76
N LEU D 52 26.78 17.07 -4.93
CA LEU D 52 27.28 17.85 -6.06
C LEU D 52 26.27 18.94 -6.39
N ASP D 53 26.75 20.18 -6.47
CA ASP D 53 25.90 21.34 -6.66
C ASP D 53 25.88 21.72 -8.13
N GLY D 54 24.77 21.42 -8.81
CA GLY D 54 24.61 21.77 -10.20
C GLY D 54 24.14 23.20 -10.36
N ILE D 55 25.07 24.15 -10.24
CA ILE D 55 24.69 25.56 -10.07
C ILE D 55 23.82 26.04 -11.22
N ASP D 56 24.38 26.05 -12.44
CA ASP D 56 23.67 26.56 -13.61
C ASP D 56 23.52 25.50 -14.69
N CYS D 57 23.70 24.22 -14.36
CA CYS D 57 23.65 23.14 -15.34
C CYS D 57 22.69 22.06 -14.87
N THR D 58 21.99 21.46 -15.83
CA THR D 58 21.21 20.26 -15.55
C THR D 58 22.10 19.03 -15.73
N LEU D 59 21.51 17.85 -15.53
CA LEU D 59 22.28 16.61 -15.68
C LEU D 59 22.55 16.29 -17.15
N ILE D 60 21.58 16.54 -18.02
CA ILE D 60 21.73 16.16 -19.42
C ILE D 60 22.72 17.08 -20.12
N ASP D 61 22.73 18.36 -19.77
CA ASP D 61 23.70 19.28 -20.37
C ASP D 61 25.11 18.99 -19.87
N ALA D 62 25.25 18.59 -18.60
CA ALA D 62 26.55 18.17 -18.10
C ALA D 62 26.98 16.83 -18.68
N LEU D 63 26.03 16.02 -19.14
CA LEU D 63 26.35 14.78 -19.82
C LEU D 63 26.84 15.05 -21.24
N LEU D 64 26.11 15.88 -22.00
CA LEU D 64 26.46 16.11 -23.40
C LEU D 64 27.73 16.94 -23.55
N GLY D 65 28.03 17.81 -22.59
CA GLY D 65 29.22 18.64 -22.70
C GLY D 65 28.97 20.08 -23.11
N ASP D 66 27.96 20.70 -22.51
CA ASP D 66 27.70 22.11 -22.76
C ASP D 66 28.93 22.94 -22.40
N PRO D 67 29.24 23.99 -23.18
CA PRO D 67 30.49 24.74 -22.95
C PRO D 67 30.53 25.49 -21.62
N HIS D 68 29.38 25.75 -21.00
CA HIS D 68 29.37 26.36 -19.67
C HIS D 68 29.20 25.33 -18.57
N CYS D 69 29.33 24.04 -18.90
CA CYS D 69 29.32 22.95 -17.94
C CYS D 69 30.57 22.09 -18.09
N ASP D 70 31.66 22.68 -18.56
CA ASP D 70 32.89 21.92 -18.76
C ASP D 70 33.62 21.65 -17.44
N VAL D 71 33.20 22.28 -16.35
CA VAL D 71 33.72 21.91 -15.04
C VAL D 71 33.10 20.61 -14.54
N PHE D 72 32.05 20.11 -15.19
CA PHE D 72 31.43 18.86 -14.70
C PHE D 72 31.94 17.61 -15.46
N GLN D 73 33.16 17.62 -15.98
CA GLN D 73 33.68 16.39 -16.63
C GLN D 73 34.16 15.38 -15.58
N ASN D 74 33.73 14.11 -15.69
CA ASN D 74 34.12 13.04 -14.72
C ASN D 74 33.76 13.49 -13.29
N GLU D 75 32.58 14.08 -13.13
CA GLU D 75 32.09 14.36 -11.76
C GLU D 75 31.54 13.06 -11.19
N THR D 76 31.94 12.72 -9.96
CA THR D 76 31.36 11.53 -9.29
C THR D 76 30.48 12.05 -8.16
N TRP D 77 29.19 11.69 -8.18
CA TRP D 77 28.27 12.23 -7.16
C TRP D 77 27.66 11.08 -6.37
N ASP D 78 27.24 11.39 -5.15
CA ASP D 78 26.29 10.56 -4.42
C ASP D 78 24.87 11.11 -4.44
N LEU D 79 24.70 12.42 -4.53
CA LEU D 79 23.38 13.02 -4.75
C LEU D 79 23.56 14.28 -5.58
N PHE D 80 22.94 14.31 -6.76
CA PHE D 80 22.97 15.48 -7.63
C PHE D 80 21.85 16.45 -7.24
N VAL D 81 22.21 17.72 -7.06
CA VAL D 81 21.27 18.78 -6.70
C VAL D 81 21.08 19.67 -7.91
N GLU D 82 19.84 19.77 -8.39
CA GLU D 82 19.51 20.55 -9.57
C GLU D 82 18.81 21.84 -9.15
N ARG D 83 19.34 22.97 -9.61
CA ARG D 83 18.75 24.26 -9.31
C ARG D 83 17.74 24.66 -10.39
N SER D 84 16.90 25.63 -10.06
CA SER D 84 15.88 26.13 -10.98
C SER D 84 16.39 27.22 -11.91
N LYS D 85 17.52 27.84 -11.57
CA LYS D 85 18.14 28.86 -12.42
C LYS D 85 18.96 28.27 -13.56
N ALA D 86 18.79 26.99 -13.87
CA ALA D 86 19.59 26.35 -14.91
C ALA D 86 19.04 26.69 -16.28
N PHE D 87 19.94 26.77 -17.26
CA PHE D 87 19.57 27.07 -18.63
C PHE D 87 20.57 26.41 -19.57
N SER D 88 20.24 26.43 -20.86
CA SER D 88 21.10 25.86 -21.89
C SER D 88 21.58 26.96 -22.82
N ASN D 89 22.83 26.85 -23.26
CA ASN D 89 23.46 27.86 -24.11
C ASN D 89 24.26 27.19 -25.23
N CYS D 90 23.66 26.20 -25.87
CA CYS D 90 24.29 25.51 -26.98
C CYS D 90 23.24 25.24 -28.05
N TYR D 91 23.57 24.35 -28.98
CA TYR D 91 22.65 23.98 -30.05
C TYR D 91 21.33 23.47 -29.47
N PRO D 92 20.18 23.99 -29.91
CA PRO D 92 18.90 23.51 -29.37
C PRO D 92 18.70 22.04 -29.70
N TYR D 93 18.28 21.27 -28.71
CA TYR D 93 18.18 19.82 -28.86
C TYR D 93 16.87 19.33 -28.24
N ASP D 94 16.69 18.02 -28.27
CA ASP D 94 15.45 17.37 -27.86
C ASP D 94 15.75 15.93 -27.53
N VAL D 95 15.13 15.42 -26.47
CA VAL D 95 15.35 14.03 -26.06
C VAL D 95 14.01 13.30 -25.98
N PRO D 96 13.75 12.32 -26.85
CA PRO D 96 12.60 11.44 -26.63
C PRO D 96 12.86 10.52 -25.44
N ASP D 97 11.87 10.43 -24.55
CA ASP D 97 11.99 9.71 -23.28
C ASP D 97 13.07 10.36 -22.41
N TYR D 98 12.84 11.63 -22.10
CA TYR D 98 13.81 12.40 -21.33
C TYR D 98 13.93 11.88 -19.91
N ALA D 99 12.80 11.57 -19.27
CA ALA D 99 12.82 11.14 -17.88
C ALA D 99 13.55 9.82 -17.73
N SER D 100 13.43 8.92 -18.72
CA SER D 100 14.12 7.63 -18.65
C SER D 100 15.63 7.82 -18.62
N LEU D 101 16.15 8.66 -19.52
CA LEU D 101 17.59 8.89 -19.56
C LEU D 101 18.06 9.65 -18.32
N ARG D 102 17.26 10.61 -17.86
CA ARG D 102 17.62 11.36 -16.66
C ARG D 102 17.71 10.45 -15.44
N SER D 103 16.76 9.51 -15.31
CA SER D 103 16.79 8.60 -14.18
C SER D 103 17.84 7.51 -14.35
N LEU D 104 18.19 7.19 -15.59
CA LEU D 104 19.24 6.20 -15.83
C LEU D 104 20.61 6.77 -15.48
N VAL D 105 20.85 8.03 -15.81
CA VAL D 105 22.15 8.63 -15.53
C VAL D 105 22.23 9.12 -14.08
N ALA D 106 21.10 9.55 -13.51
CA ALA D 106 21.11 10.00 -12.12
C ALA D 106 21.46 8.88 -11.17
N SER D 107 20.91 7.69 -11.39
CA SER D 107 21.14 6.56 -10.51
C SER D 107 22.46 5.83 -10.80
N SER D 108 23.20 6.25 -11.83
CA SER D 108 24.47 5.61 -12.10
C SER D 108 25.59 6.19 -11.25
N GLY D 109 25.63 7.51 -11.10
CA GLY D 109 26.52 8.15 -10.16
C GLY D 109 27.86 8.58 -10.72
N THR D 110 28.07 8.46 -12.03
CA THR D 110 29.34 8.84 -12.64
C THR D 110 29.11 9.52 -13.98
N LEU D 111 30.02 10.42 -14.33
CA LEU D 111 30.10 10.98 -15.66
C LEU D 111 31.43 10.62 -16.32
N GLU D 112 31.98 9.46 -15.95
CA GLU D 112 33.28 9.04 -16.47
C GLU D 112 33.14 8.64 -17.94
N PHE D 113 33.92 9.29 -18.79
CA PHE D 113 33.80 9.16 -20.24
C PHE D 113 35.12 8.65 -20.81
N ILE D 114 35.08 7.45 -21.39
CA ILE D 114 36.25 6.87 -22.05
C ILE D 114 36.10 7.15 -23.54
N THR D 115 37.10 7.84 -24.11
CA THR D 115 37.07 8.16 -25.53
C THR D 115 37.55 6.96 -26.35
N GLU D 116 36.92 6.76 -27.50
CA GLU D 116 37.26 5.64 -28.38
C GLU D 116 37.58 6.15 -29.77
N GLY D 117 38.38 5.38 -30.49
CA GLY D 117 38.77 5.76 -31.82
C GLY D 117 37.88 5.19 -32.89
N PHE D 118 36.91 5.98 -33.33
CA PHE D 118 36.09 5.65 -34.48
C PHE D 118 36.76 6.13 -35.76
N THR D 119 36.53 5.43 -36.85
CA THR D 119 37.10 5.77 -38.16
C THR D 119 35.96 6.14 -39.10
N TRP D 120 35.81 7.43 -39.36
CA TRP D 120 34.84 7.95 -40.32
C TRP D 120 35.60 8.43 -41.56
N THR D 121 35.58 7.62 -42.61
CA THR D 121 36.29 7.93 -43.84
C THR D 121 35.31 8.43 -44.89
N GLY D 122 35.64 9.55 -45.52
CA GLY D 122 34.79 10.14 -46.53
C GLY D 122 33.96 11.33 -46.07
N VAL D 123 34.11 11.77 -44.82
CA VAL D 123 33.34 12.86 -44.27
C VAL D 123 34.27 13.82 -43.56
N THR D 124 33.73 14.99 -43.20
CA THR D 124 34.46 16.00 -42.45
C THR D 124 33.99 15.99 -41.00
N GLN D 125 34.94 15.95 -40.07
CA GLN D 125 34.66 15.83 -38.65
C GLN D 125 34.71 17.20 -37.96
N ASN D 126 34.28 17.20 -36.70
CA ASN D 126 34.37 18.36 -35.81
C ASN D 126 33.59 19.55 -36.38
N GLY D 127 32.31 19.32 -36.63
CA GLY D 127 31.44 20.40 -37.03
C GLY D 127 31.14 21.35 -35.89
N GLY D 128 30.91 22.62 -36.23
CA GLY D 128 30.73 23.66 -35.26
C GLY D 128 29.43 24.43 -35.50
N SER D 129 29.15 25.34 -34.58
CA SER D 129 27.94 26.15 -34.63
C SER D 129 28.21 27.48 -33.95
N ASN D 130 27.52 28.51 -34.42
CA ASN D 130 27.68 29.84 -33.82
C ASN D 130 26.73 30.07 -32.65
N ALA D 131 25.92 29.08 -32.30
CA ALA D 131 25.08 29.17 -31.12
C ALA D 131 25.72 28.48 -29.91
N CYS D 132 26.88 27.87 -30.07
CA CYS D 132 27.52 27.13 -29.00
C CYS D 132 29.00 27.51 -28.89
N LYS D 133 29.26 28.81 -28.83
CA LYS D 133 30.64 29.31 -28.76
C LYS D 133 31.36 28.78 -27.53
N ARG D 134 32.46 28.08 -27.77
CA ARG D 134 33.38 27.64 -26.74
C ARG D 134 34.65 28.48 -26.89
N GLY D 135 34.66 29.62 -26.20
CA GLY D 135 35.72 30.59 -26.28
C GLY D 135 35.35 31.74 -27.21
N PRO D 136 36.28 32.17 -28.06
CA PRO D 136 35.98 33.23 -29.03
C PRO D 136 35.47 32.74 -30.38
N GLY D 137 35.52 31.44 -30.65
CA GLY D 137 35.09 30.90 -31.92
C GLY D 137 33.89 29.98 -31.77
N SER D 138 33.46 29.45 -32.91
CA SER D 138 32.32 28.54 -32.92
C SER D 138 32.69 27.22 -32.24
N GLY D 139 31.66 26.50 -31.81
CA GLY D 139 31.88 25.25 -31.11
C GLY D 139 30.68 24.34 -31.18
N PHE D 140 30.71 23.31 -30.34
CA PHE D 140 29.66 22.30 -30.30
C PHE D 140 29.78 21.58 -28.95
N PHE D 141 28.93 20.57 -28.75
CA PHE D 141 29.08 19.68 -27.62
C PHE D 141 30.44 18.98 -27.68
N SER D 142 30.99 18.69 -26.50
CA SER D 142 32.33 18.12 -26.42
C SER D 142 32.33 16.59 -26.46
N ARG D 143 31.16 15.96 -26.39
CA ARG D 143 31.06 14.51 -26.41
C ARG D 143 30.45 13.98 -27.70
N LEU D 144 30.16 14.85 -28.67
CA LEU D 144 29.51 14.46 -29.91
C LEU D 144 30.32 15.00 -31.09
N ASN D 145 30.08 14.41 -32.25
CA ASN D 145 30.85 14.69 -33.47
C ASN D 145 29.87 14.94 -34.60
N TRP D 146 29.89 16.15 -35.16
CA TRP D 146 28.97 16.53 -36.22
C TRP D 146 29.68 16.32 -37.56
N LEU D 147 29.27 15.29 -38.29
CA LEU D 147 29.86 14.94 -39.57
C LEU D 147 29.03 15.50 -40.72
N THR D 148 29.71 16.08 -41.70
CA THR D 148 29.10 16.64 -42.89
C THR D 148 29.85 16.11 -44.12
N LYS D 149 29.38 16.51 -45.30
CA LYS D 149 29.96 16.01 -46.54
C LYS D 149 31.38 16.54 -46.72
N SER D 150 32.20 15.74 -47.39
CA SER D 150 33.61 16.05 -47.61
C SER D 150 33.80 16.40 -49.09
N GLY D 151 33.71 17.69 -49.39
CA GLY D 151 33.87 18.18 -50.75
C GLY D 151 32.62 18.13 -51.59
N SER D 152 32.26 16.95 -52.10
CA SER D 152 31.10 16.84 -52.96
C SER D 152 30.29 15.56 -52.76
N THR D 153 30.63 14.72 -51.80
CA THR D 153 29.95 13.44 -51.61
C THR D 153 29.84 13.12 -50.12
N TYR D 154 28.93 12.21 -49.81
CA TYR D 154 28.71 11.75 -48.44
C TYR D 154 28.45 10.25 -48.51
N PRO D 155 29.49 9.43 -48.33
CA PRO D 155 29.31 7.98 -48.51
C PRO D 155 28.49 7.35 -47.39
N VAL D 156 28.20 6.06 -47.51
CA VAL D 156 27.42 5.35 -46.51
C VAL D 156 28.35 4.91 -45.40
N LEU D 157 28.27 5.59 -44.25
CA LEU D 157 29.09 5.22 -43.11
C LEU D 157 28.63 3.90 -42.53
N ASN D 158 29.59 3.03 -42.22
CA ASN D 158 29.31 1.71 -41.67
C ASN D 158 30.49 1.35 -40.76
N VAL D 159 30.26 1.43 -39.45
CA VAL D 159 31.33 1.28 -38.47
C VAL D 159 30.89 0.27 -37.41
N THR D 160 31.89 -0.30 -36.74
CA THR D 160 31.68 -1.35 -35.76
C THR D 160 32.52 -1.09 -34.52
N MET D 161 32.04 -1.61 -33.39
CA MET D 161 32.74 -1.49 -32.12
C MET D 161 32.39 -2.64 -31.19
N PRO D 162 33.37 -3.49 -30.86
CA PRO D 162 33.10 -4.62 -29.98
C PRO D 162 33.33 -4.26 -28.51
N ASN D 163 32.70 -5.04 -27.64
CA ASN D 163 32.80 -4.86 -26.20
C ASN D 163 33.49 -6.10 -25.63
N ASN D 164 34.78 -5.96 -25.33
CA ASN D 164 35.57 -7.05 -24.76
C ASN D 164 35.79 -6.90 -23.26
N ASP D 165 35.28 -5.83 -22.65
CA ASP D 165 35.49 -5.60 -21.22
C ASP D 165 34.47 -6.43 -20.42
N ASN D 166 34.35 -6.14 -19.12
CA ASN D 166 33.43 -6.85 -18.25
C ASN D 166 32.45 -5.91 -17.58
N PHE D 167 32.11 -4.80 -18.24
CA PHE D 167 31.10 -3.88 -17.76
C PHE D 167 30.26 -3.41 -18.93
N ASP D 168 29.15 -2.74 -18.61
CA ASP D 168 28.26 -2.22 -19.64
C ASP D 168 28.76 -0.88 -20.14
N LYS D 169 28.46 -0.58 -21.41
CA LYS D 169 28.88 0.66 -22.04
C LYS D 169 27.65 1.43 -22.50
N LEU D 170 27.64 2.74 -22.24
CA LEU D 170 26.54 3.61 -22.62
C LEU D 170 27.02 4.55 -23.73
N TYR D 171 26.39 4.46 -24.89
CA TYR D 171 26.71 5.30 -26.04
C TYR D 171 25.59 6.31 -26.23
N ILE D 172 25.96 7.57 -26.46
CA ILE D 172 25.00 8.66 -26.69
C ILE D 172 25.24 9.19 -28.09
N TRP D 173 24.20 9.17 -28.92
CA TRP D 173 24.27 9.65 -30.28
C TRP D 173 23.05 10.52 -30.58
N GLY D 174 22.97 11.03 -31.80
CA GLY D 174 21.85 11.89 -32.13
C GLY D 174 21.63 11.97 -33.63
N ILE D 175 20.57 12.69 -33.98
CA ILE D 175 20.21 12.93 -35.37
C ILE D 175 19.85 14.40 -35.54
N HIS D 176 20.17 14.95 -36.70
CA HIS D 176 20.04 16.38 -36.98
C HIS D 176 18.81 16.60 -37.86
N HIS D 177 17.87 17.40 -37.37
CA HIS D 177 16.69 17.77 -38.15
C HIS D 177 16.92 19.15 -38.75
N PRO D 178 17.11 19.26 -40.07
CA PRO D 178 17.36 20.57 -40.69
C PRO D 178 16.13 21.45 -40.77
N SER D 179 16.29 22.66 -41.31
CA SER D 179 15.22 23.64 -41.36
C SER D 179 14.55 23.71 -42.72
N THR D 180 15.31 23.70 -43.81
CA THR D 180 14.78 23.76 -45.16
C THR D 180 15.28 22.56 -45.96
N ASN D 181 14.80 22.44 -47.19
CA ASN D 181 15.23 21.39 -48.09
C ASN D 181 16.48 21.76 -48.88
N GLN D 182 16.99 22.99 -48.71
CA GLN D 182 18.22 23.42 -49.35
C GLN D 182 19.44 23.16 -48.48
N GLU D 183 19.31 23.33 -47.16
CA GLU D 183 20.43 23.08 -46.26
C GLU D 183 20.64 21.59 -46.00
N GLN D 184 19.65 20.76 -46.31
CA GLN D 184 19.85 19.31 -46.24
C GLN D 184 20.85 18.84 -47.29
N THR D 185 20.62 19.20 -48.55
CA THR D 185 21.48 18.78 -49.64
C THR D 185 22.80 19.54 -49.69
N SER D 186 22.96 20.62 -48.92
CA SER D 186 24.23 21.33 -48.87
C SER D 186 25.15 20.81 -47.78
N LEU D 187 24.64 19.98 -46.88
CA LEU D 187 25.44 19.32 -45.85
C LEU D 187 25.55 17.83 -46.06
N TYR D 188 24.49 17.19 -46.56
CA TYR D 188 24.49 15.77 -46.89
C TYR D 188 23.84 15.63 -48.26
N VAL D 189 24.62 15.24 -49.27
CA VAL D 189 24.18 15.31 -50.66
C VAL D 189 22.90 14.51 -50.91
N GLN D 190 22.57 13.57 -50.03
CA GLN D 190 21.36 12.78 -50.20
C GLN D 190 20.13 13.59 -49.78
N ALA D 191 19.04 13.40 -50.51
CA ALA D 191 17.80 14.12 -50.23
C ALA D 191 17.02 13.56 -49.05
N SER D 192 17.52 12.51 -48.42
CA SER D 192 16.87 11.94 -47.24
C SER D 192 17.90 11.16 -46.45
N GLY D 193 17.89 11.33 -45.12
CA GLY D 193 18.83 10.68 -44.24
C GLY D 193 18.18 9.56 -43.45
N ARG D 194 19.05 8.79 -42.77
CA ARG D 194 18.64 7.63 -42.00
C ARG D 194 19.81 7.17 -41.15
N VAL D 195 19.54 6.84 -39.89
CA VAL D 195 20.56 6.39 -38.96
C VAL D 195 20.09 5.10 -38.31
N THR D 196 20.92 4.05 -38.40
CA THR D 196 20.64 2.76 -37.79
C THR D 196 21.75 2.42 -36.81
N VAL D 197 21.37 2.09 -35.58
CA VAL D 197 22.32 1.67 -34.55
C VAL D 197 21.82 0.34 -34.00
N SER D 198 22.66 -0.68 -34.07
CA SER D 198 22.18 -2.03 -33.80
C SER D 198 23.18 -2.80 -32.94
N THR D 199 22.65 -3.58 -31.99
CA THR D 199 23.39 -4.59 -31.26
C THR D 199 22.91 -5.97 -31.71
N ARG D 200 23.41 -7.02 -31.06
CA ARG D 200 23.00 -8.37 -31.42
C ARG D 200 21.58 -8.70 -31.00
N ARG D 201 20.91 -7.80 -30.26
CA ARG D 201 19.58 -8.09 -29.75
C ARG D 201 18.59 -6.95 -29.90
N SER D 202 19.01 -5.79 -30.40
CA SER D 202 18.12 -4.66 -30.56
C SER D 202 18.59 -3.82 -31.75
N GLN D 203 17.76 -2.85 -32.13
CA GLN D 203 18.06 -1.98 -33.25
C GLN D 203 17.20 -0.73 -33.14
N GLN D 204 17.78 0.40 -33.54
CA GLN D 204 17.07 1.67 -33.59
C GLN D 204 17.37 2.36 -34.91
N THR D 205 16.31 2.71 -35.65
CA THR D 205 16.43 3.42 -36.91
C THR D 205 15.63 4.70 -36.85
N ILE D 206 16.28 5.82 -37.15
CA ILE D 206 15.66 7.14 -37.08
C ILE D 206 15.82 7.83 -38.42
N ILE D 207 14.80 8.59 -38.82
CA ILE D 207 14.85 9.37 -40.09
C ILE D 207 14.56 10.85 -39.82
N PRO D 208 15.39 11.80 -40.31
CA PRO D 208 15.20 13.22 -40.05
C PRO D 208 13.88 13.77 -40.62
N ASN D 209 13.32 14.78 -39.93
CA ASN D 209 12.05 15.40 -40.28
C ASN D 209 12.33 16.85 -40.64
N ILE D 210 12.38 17.14 -41.95
CA ILE D 210 12.64 18.49 -42.42
C ILE D 210 11.41 19.36 -42.15
N GLY D 211 11.64 20.55 -41.63
CA GLY D 211 10.57 21.48 -41.32
C GLY D 211 11.11 22.67 -40.58
N SER D 212 10.23 23.63 -40.34
CA SER D 212 10.60 24.85 -39.61
C SER D 212 10.12 24.75 -38.17
N ARG D 213 10.90 25.35 -37.28
CA ARG D 213 10.64 25.38 -35.85
C ARG D 213 10.75 26.80 -35.35
N PRO D 214 10.29 27.08 -34.12
CA PRO D 214 10.52 28.40 -33.54
C PRO D 214 12.01 28.69 -33.39
N TRP D 215 12.36 29.96 -33.53
CA TRP D 215 13.75 30.39 -33.39
C TRP D 215 14.19 30.27 -31.94
N VAL D 216 15.25 29.52 -31.70
CA VAL D 216 15.84 29.38 -30.37
C VAL D 216 17.32 29.69 -30.48
N ARG D 217 17.74 30.84 -29.95
CA ARG D 217 19.12 31.30 -29.96
C ARG D 217 19.65 31.54 -31.38
N GLY D 218 18.77 31.72 -32.35
CA GLY D 218 19.17 32.04 -33.70
C GLY D 218 19.11 30.89 -34.68
N LEU D 219 18.47 29.77 -34.32
CA LEU D 219 18.43 28.60 -35.16
C LEU D 219 17.01 28.05 -35.18
N SER D 220 16.64 27.44 -36.30
CA SER D 220 15.37 26.72 -36.42
C SER D 220 15.55 25.25 -36.73
N SER D 221 16.78 24.74 -36.67
CA SER D 221 17.05 23.31 -36.78
C SER D 221 17.04 22.69 -35.39
N ARG D 222 17.06 21.36 -35.33
CA ARG D 222 17.01 20.68 -34.05
C ARG D 222 17.94 19.47 -34.05
N ILE D 223 18.16 18.92 -32.86
CA ILE D 223 18.90 17.68 -32.68
C ILE D 223 18.09 16.79 -31.75
N SER D 224 17.95 15.52 -32.12
CA SER D 224 17.30 14.53 -31.26
C SER D 224 18.37 13.58 -30.72
N ILE D 225 18.25 13.26 -29.43
CA ILE D 225 19.29 12.53 -28.70
C ILE D 225 18.77 11.13 -28.36
N TYR D 226 19.56 10.11 -28.70
CA TYR D 226 19.24 8.73 -28.39
C TYR D 226 20.45 8.09 -27.72
N TRP D 227 20.22 6.92 -27.13
CA TRP D 227 21.27 6.21 -26.40
C TRP D 227 21.13 4.72 -26.61
N THR D 228 22.25 4.03 -26.41
CA THR D 228 22.35 2.59 -26.58
C THR D 228 23.20 2.02 -25.45
N ILE D 229 22.89 0.79 -25.04
CA ILE D 229 23.62 0.11 -23.98
C ILE D 229 24.17 -1.20 -24.54
N VAL D 230 25.48 -1.38 -24.44
CA VAL D 230 26.17 -2.57 -24.94
C VAL D 230 26.65 -3.36 -23.73
N LYS D 231 26.23 -4.62 -23.66
CA LYS D 231 26.57 -5.53 -22.58
C LYS D 231 27.81 -6.34 -22.93
N PRO D 232 28.51 -6.89 -21.93
CA PRO D 232 29.76 -7.60 -22.23
C PRO D 232 29.52 -8.79 -23.14
N GLY D 233 30.33 -8.91 -24.18
CA GLY D 233 30.17 -9.94 -25.18
C GLY D 233 29.37 -9.52 -26.40
N ASP D 234 28.77 -8.33 -26.38
CA ASP D 234 27.93 -7.87 -27.47
C ASP D 234 28.79 -7.13 -28.49
N VAL D 235 28.15 -6.43 -29.43
CA VAL D 235 28.82 -5.66 -30.47
C VAL D 235 27.87 -4.53 -30.88
N LEU D 236 28.43 -3.43 -31.35
CA LEU D 236 27.67 -2.28 -31.80
C LEU D 236 28.00 -1.99 -33.25
N VAL D 237 26.98 -1.75 -34.08
CA VAL D 237 27.17 -1.40 -35.48
C VAL D 237 26.37 -0.14 -35.77
N ILE D 238 27.01 0.81 -36.43
CA ILE D 238 26.38 2.08 -36.80
C ILE D 238 26.40 2.20 -38.32
N ASN D 239 25.22 2.37 -38.91
CA ASN D 239 25.05 2.53 -40.34
C ASN D 239 24.32 3.83 -40.60
N SER D 240 24.75 4.57 -41.62
CA SER D 240 24.13 5.87 -41.87
C SER D 240 24.48 6.35 -43.27
N ASN D 241 23.65 7.27 -43.77
CA ASN D 241 23.92 7.95 -45.02
C ASN D 241 23.54 9.44 -44.95
N GLY D 242 23.63 10.02 -43.77
CA GLY D 242 23.36 11.44 -43.58
C GLY D 242 22.63 11.68 -42.27
N ASN D 243 22.81 12.88 -41.73
CA ASN D 243 22.11 13.33 -40.51
C ASN D 243 22.49 12.46 -39.31
N LEU D 244 23.79 12.38 -39.05
CA LEU D 244 24.33 11.59 -37.94
C LEU D 244 25.16 12.48 -37.04
N ILE D 245 24.82 12.48 -35.75
CA ILE D 245 25.65 13.10 -34.72
C ILE D 245 26.36 11.96 -34.01
N ALA D 246 27.58 11.64 -34.46
CA ALA D 246 28.28 10.46 -34.01
C ALA D 246 28.76 10.63 -32.58
N PRO D 247 29.00 9.52 -31.87
CA PRO D 247 29.61 9.60 -30.55
C PRO D 247 31.14 9.63 -30.64
N ARG D 248 31.75 9.96 -29.50
CA ARG D 248 33.21 9.98 -29.37
C ARG D 248 33.72 8.91 -28.43
N GLY D 249 32.84 8.22 -27.72
CA GLY D 249 33.26 7.20 -26.76
C GLY D 249 32.07 6.67 -26.00
N TYR D 250 32.33 6.22 -24.77
CA TYR D 250 31.27 5.63 -23.96
C TYR D 250 31.40 6.08 -22.52
N PHE D 251 30.26 6.13 -21.83
CA PHE D 251 30.24 6.33 -20.39
C PHE D 251 30.24 4.99 -19.69
N LYS D 252 30.92 4.92 -18.54
CA LYS D 252 30.92 3.71 -17.75
C LYS D 252 29.68 3.66 -16.87
N MET D 253 29.00 2.52 -16.86
CA MET D 253 27.76 2.35 -16.14
C MET D 253 28.00 1.55 -14.87
N ARG D 254 27.55 2.09 -13.74
CA ARG D 254 27.71 1.47 -12.44
C ARG D 254 26.34 1.27 -11.81
N THR D 255 26.33 0.55 -10.69
CA THR D 255 25.12 0.34 -9.91
C THR D 255 25.44 0.60 -8.44
N GLY D 256 24.59 1.37 -7.77
CA GLY D 256 24.80 1.66 -6.37
C GLY D 256 23.68 2.51 -5.77
N LYS D 257 24.05 3.37 -4.84
CA LYS D 257 23.13 4.31 -4.21
C LYS D 257 23.45 5.73 -4.67
N SER D 258 22.62 6.26 -5.56
CA SER D 258 22.74 7.61 -6.09
C SER D 258 21.38 8.05 -6.61
N SER D 259 21.16 9.36 -6.61
CA SER D 259 19.87 9.91 -7.04
C SER D 259 20.05 11.39 -7.36
N ILE D 260 18.93 12.06 -7.60
CA ILE D 260 18.91 13.47 -7.99
C ILE D 260 17.73 14.14 -7.29
N MET D 261 17.87 15.44 -7.03
CA MET D 261 16.87 16.16 -6.24
C MET D 261 16.88 17.63 -6.63
N ARG D 262 15.68 18.17 -6.88
CA ARG D 262 15.52 19.59 -7.20
C ARG D 262 15.33 20.37 -5.90
N SER D 263 16.22 21.32 -5.64
CA SER D 263 16.18 22.08 -4.41
C SER D 263 16.97 23.37 -4.58
N ASP D 264 16.51 24.43 -3.92
CA ASP D 264 17.17 25.73 -3.95
C ASP D 264 17.72 26.12 -2.58
N ALA D 265 18.17 25.14 -1.81
CA ALA D 265 18.73 25.37 -0.48
C ALA D 265 20.25 25.37 -0.54
N PRO D 266 20.91 26.25 0.21
CA PRO D 266 22.38 26.28 0.20
C PRO D 266 22.96 25.05 0.88
N ILE D 267 24.29 24.94 0.77
CA ILE D 267 25.03 23.79 1.28
C ILE D 267 26.02 24.25 2.33
N ASP D 268 26.00 23.60 3.49
CA ASP D 268 26.89 23.91 4.61
C ASP D 268 27.70 22.66 4.96
N THR D 269 28.46 22.74 6.04
CA THR D 269 29.40 21.72 6.45
C THR D 269 29.00 21.06 7.76
N CYS D 270 27.71 20.79 7.92
CA CYS D 270 27.22 20.07 9.10
C CYS D 270 27.24 18.57 8.81
N ILE D 271 26.57 17.78 9.66
CA ILE D 271 26.52 16.33 9.50
C ILE D 271 25.08 15.88 9.71
N SER D 272 24.51 15.22 8.70
CA SER D 272 23.16 14.68 8.80
C SER D 272 23.02 13.55 7.79
N GLU D 273 22.17 12.58 8.15
CA GLU D 273 21.97 11.38 7.34
C GLU D 273 20.73 11.43 6.47
N CYS D 274 19.88 12.44 6.64
CA CYS D 274 18.66 12.59 5.85
C CYS D 274 18.68 13.94 5.14
N ILE D 275 18.17 13.97 3.91
CA ILE D 275 18.16 15.18 3.10
C ILE D 275 16.80 15.30 2.42
N THR D 276 16.13 16.43 2.63
CA THR D 276 14.88 16.78 1.98
C THR D 276 15.08 18.04 1.14
N PRO D 277 14.22 18.29 0.16
CA PRO D 277 14.34 19.52 -0.65
C PRO D 277 14.27 20.81 0.16
N ASN D 278 13.91 20.75 1.45
CA ASN D 278 13.95 21.91 2.31
C ASN D 278 15.27 22.08 3.05
N GLY D 279 16.13 21.07 3.01
CA GLY D 279 17.34 21.00 3.80
C GLY D 279 17.42 19.69 4.54
N SER D 280 18.43 19.58 5.40
CA SER D 280 18.62 18.37 6.18
C SER D 280 17.73 18.41 7.41
N ILE D 281 17.15 17.27 7.76
CA ILE D 281 16.32 17.16 8.96
C ILE D 281 16.87 16.04 9.83
N PRO D 282 16.85 16.20 11.15
CA PRO D 282 17.26 15.09 12.03
C PRO D 282 16.31 13.90 11.90
N ASN D 283 16.80 12.76 12.35
CA ASN D 283 16.11 11.48 12.22
C ASN D 283 16.10 10.75 13.55
N ASP D 284 15.71 11.47 14.61
CA ASP D 284 15.53 10.83 15.90
C ASP D 284 14.13 10.31 16.11
N LYS D 285 13.13 10.84 15.38
CA LYS D 285 11.72 10.51 15.43
C LYS D 285 11.34 9.61 14.27
N PRO D 286 10.31 8.75 14.42
CA PRO D 286 9.99 7.80 13.35
C PRO D 286 9.24 8.44 12.20
N PHE D 287 8.58 9.57 12.41
CA PHE D 287 7.72 10.19 11.43
C PHE D 287 8.15 11.63 11.19
N GLN D 288 7.71 12.19 10.06
CA GLN D 288 8.09 13.54 9.65
C GLN D 288 6.95 14.12 8.83
N ASN D 289 6.80 15.44 8.90
CA ASN D 289 5.76 16.15 8.15
C ASN D 289 6.36 17.38 7.47
N VAL D 290 7.45 17.18 6.74
CA VAL D 290 8.15 18.26 6.04
C VAL D 290 8.04 18.11 4.52
N ASN D 291 8.53 16.99 3.99
CA ASN D 291 8.45 16.73 2.55
C ASN D 291 8.35 15.23 2.32
N LYS D 292 7.66 14.86 1.26
CA LYS D 292 7.54 13.45 0.87
C LYS D 292 8.66 12.99 -0.05
N ILE D 293 9.56 13.89 -0.44
CA ILE D 293 10.76 13.54 -1.20
C ILE D 293 11.94 13.55 -0.25
N THR D 294 12.64 12.43 -0.14
CA THR D 294 13.66 12.26 0.88
C THR D 294 14.79 11.40 0.35
N TYR D 295 15.98 11.61 0.89
CA TYR D 295 17.15 10.82 0.54
C TYR D 295 17.88 10.45 1.83
N GLY D 296 18.22 9.19 1.97
CA GLY D 296 18.96 8.71 3.12
C GLY D 296 18.09 7.89 4.04
N ALA D 297 18.48 7.86 5.32
CA ALA D 297 17.70 7.18 6.35
C ALA D 297 16.71 8.19 6.91
N CYS D 298 15.59 8.35 6.19
CA CYS D 298 14.68 9.40 6.60
C CYS D 298 13.41 8.83 7.25
N PRO D 299 12.84 9.56 8.20
CA PRO D 299 11.51 9.20 8.72
C PRO D 299 10.44 9.25 7.64
N LYS D 300 9.30 8.63 7.94
CA LYS D 300 8.19 8.56 7.00
C LYS D 300 7.31 9.80 7.05
N TYR D 301 6.81 10.18 5.88
CA TYR D 301 5.96 11.36 5.74
C TYR D 301 4.53 11.00 6.09
N VAL D 302 3.98 11.69 7.10
CA VAL D 302 2.61 11.50 7.54
C VAL D 302 1.85 12.81 7.28
N LYS D 303 0.52 12.73 7.37
CA LYS D 303 -0.30 13.91 7.14
C LYS D 303 -0.59 14.68 8.42
N GLN D 304 -0.38 14.05 9.58
CA GLN D 304 -0.64 14.74 10.85
C GLN D 304 0.51 15.67 11.16
N ASN D 305 0.18 16.80 11.82
CA ASN D 305 1.18 17.78 12.17
C ASN D 305 1.72 17.62 13.59
N THR D 306 1.07 16.82 14.44
CA THR D 306 1.57 16.56 15.77
C THR D 306 1.02 15.22 16.26
N LEU D 307 1.87 14.45 16.92
CA LEU D 307 1.45 13.20 17.56
C LEU D 307 2.28 13.02 18.82
N LYS D 308 1.63 13.03 19.98
CA LYS D 308 2.30 12.96 21.26
C LYS D 308 2.10 11.59 21.89
N LEU D 309 3.18 11.01 22.41
CA LEU D 309 3.17 9.71 23.05
C LEU D 309 3.38 9.90 24.55
N ALA D 310 2.52 9.28 25.36
CA ALA D 310 2.59 9.46 26.81
C ALA D 310 3.72 8.63 27.39
N THR D 311 4.53 9.25 28.24
CA THR D 311 5.60 8.56 28.97
C THR D 311 5.44 8.73 30.47
N GLY D 312 4.21 8.88 30.94
CA GLY D 312 3.94 9.01 32.35
C GLY D 312 2.52 8.59 32.68
N MET D 313 2.17 8.71 33.95
CA MET D 313 0.84 8.34 34.41
C MET D 313 -0.13 9.50 34.21
N ARG D 314 -1.37 9.31 34.64
CA ARG D 314 -2.37 10.36 34.53
C ARG D 314 -2.14 11.44 35.57
N ASN D 315 -2.57 12.65 35.25
CA ASN D 315 -2.31 13.84 36.05
C ASN D 315 -3.61 14.21 36.78
N VAL D 316 -3.63 14.01 38.09
CA VAL D 316 -4.73 14.41 38.94
C VAL D 316 -4.21 15.37 39.99
N PRO D 317 -4.32 16.67 39.76
CA PRO D 317 -3.79 17.65 40.71
C PRO D 317 -4.71 17.81 41.91
N GLU D 318 -4.22 18.57 42.89
CA GLU D 318 -4.99 18.89 44.09
C GLU D 318 -6.32 19.56 43.74
N GLY E 1 0.65 -9.99 33.12
CA GLY E 1 1.40 -9.31 34.16
C GLY E 1 0.69 -8.08 34.70
N LEU E 2 -0.56 -7.89 34.27
CA LEU E 2 -1.33 -6.73 34.71
C LEU E 2 -2.02 -6.99 36.04
N PHE E 3 -2.30 -8.25 36.37
CA PHE E 3 -2.99 -8.60 37.60
C PHE E 3 -2.04 -8.97 38.73
N GLY E 4 -0.79 -9.29 38.43
CA GLY E 4 0.19 -9.57 39.47
C GLY E 4 0.05 -10.93 40.11
N ALA E 5 -0.53 -11.91 39.40
CA ALA E 5 -0.69 -13.26 39.94
C ALA E 5 0.50 -14.14 39.55
N ILE E 6 0.72 -14.30 38.25
CA ILE E 6 1.90 -15.02 37.76
C ILE E 6 3.09 -14.08 37.79
N ALA E 7 4.21 -14.56 38.31
CA ALA E 7 5.40 -13.74 38.55
C ALA E 7 5.12 -12.58 39.50
N GLY E 8 4.04 -12.66 40.27
CA GLY E 8 3.69 -11.63 41.22
C GLY E 8 3.76 -12.14 42.65
N PHE E 9 2.61 -12.38 43.27
CA PHE E 9 2.61 -12.93 44.63
C PHE E 9 2.72 -14.44 44.65
N ILE E 10 2.85 -15.08 43.49
CA ILE E 10 3.20 -16.50 43.40
C ILE E 10 4.63 -16.58 42.92
N GLU E 11 5.51 -17.09 43.77
CA GLU E 11 6.96 -16.93 43.58
C GLU E 11 7.43 -17.62 42.31
N ASN E 12 7.19 -18.93 42.21
CA ASN E 12 7.68 -19.71 41.08
C ASN E 12 6.59 -20.66 40.60
N GLY E 13 6.90 -21.41 39.54
CA GLY E 13 6.01 -22.42 39.02
C GLY E 13 6.29 -23.79 39.58
N TRP E 14 5.43 -24.74 39.21
CA TRP E 14 5.54 -26.12 39.67
C TRP E 14 5.89 -27.01 38.47
N GLU E 15 7.16 -27.42 38.40
CA GLU E 15 7.63 -28.25 37.30
C GLU E 15 7.17 -29.70 37.41
N GLY E 16 6.66 -30.11 38.57
CA GLY E 16 6.07 -31.43 38.73
C GLY E 16 4.63 -31.54 38.32
N MET E 17 4.07 -30.47 37.78
CA MET E 17 2.67 -30.43 37.35
C MET E 17 2.61 -30.86 35.89
N ILE E 18 2.02 -32.02 35.63
CA ILE E 18 1.92 -32.56 34.27
C ILE E 18 0.50 -32.86 33.85
N ASP E 19 -0.48 -32.70 34.75
CA ASP E 19 -1.86 -32.98 34.38
C ASP E 19 -2.49 -31.80 33.65
N GLY E 20 -2.40 -30.60 34.23
CA GLY E 20 -2.97 -29.40 33.64
C GLY E 20 -2.07 -28.20 33.76
N TRP E 21 -2.61 -27.01 33.49
CA TRP E 21 -1.84 -25.78 33.62
C TRP E 21 -1.96 -25.18 35.02
N TYR E 22 -3.15 -25.23 35.61
CA TYR E 22 -3.38 -24.73 36.95
C TYR E 22 -3.84 -25.89 37.84
N GLY E 23 -3.46 -25.82 39.11
CA GLY E 23 -3.79 -26.90 40.03
C GLY E 23 -3.60 -26.48 41.46
N PHE E 24 -3.83 -27.44 42.36
CA PHE E 24 -3.75 -27.23 43.80
C PHE E 24 -2.65 -28.09 44.38
N ARG E 25 -2.32 -27.82 45.64
CA ARG E 25 -1.35 -28.63 46.38
C ARG E 25 -1.57 -28.35 47.85
N HIS E 26 -2.06 -29.34 48.58
CA HIS E 26 -2.50 -29.19 49.96
C HIS E 26 -1.55 -29.90 50.91
N GLN E 27 -1.50 -29.41 52.15
CA GLN E 27 -0.71 -30.00 53.22
C GLN E 27 -1.66 -30.23 54.38
N ASN E 28 -1.96 -31.49 54.67
CA ASN E 28 -3.07 -31.84 55.53
C ASN E 28 -2.57 -32.47 56.83
N SER E 29 -3.50 -32.93 57.66
CA SER E 29 -3.15 -33.70 58.84
C SER E 29 -2.89 -35.17 58.54
N GLU E 30 -3.08 -35.63 57.30
CA GLU E 30 -2.81 -37.01 56.94
C GLU E 30 -1.67 -37.17 55.95
N GLY E 31 -1.08 -36.08 55.50
CA GLY E 31 0.02 -36.10 54.55
C GLY E 31 -0.11 -34.94 53.59
N THR E 32 0.52 -35.09 52.44
CA THR E 32 0.47 -34.10 51.37
C THR E 32 -0.21 -34.69 50.15
N GLY E 33 -0.46 -33.83 49.16
CA GLY E 33 -1.11 -34.27 47.94
C GLY E 33 -0.96 -33.22 46.85
N GLN E 34 -1.58 -33.52 45.71
CA GLN E 34 -1.55 -32.62 44.56
C GLN E 34 -2.64 -33.03 43.58
N ALA E 35 -3.17 -32.04 42.87
CA ALA E 35 -4.22 -32.28 41.89
C ALA E 35 -4.22 -31.11 40.91
N ALA E 36 -5.17 -31.14 39.97
CA ALA E 36 -5.33 -30.08 38.98
C ALA E 36 -6.79 -29.63 38.92
N ASP E 37 -6.99 -28.52 38.23
CA ASP E 37 -8.32 -27.94 38.01
C ASP E 37 -8.55 -27.85 36.51
N LEU E 38 -9.57 -28.55 36.01
CA LEU E 38 -9.75 -28.67 34.57
C LEU E 38 -10.36 -27.42 33.95
N LYS E 39 -11.17 -26.67 34.69
CA LYS E 39 -11.96 -25.60 34.08
C LYS E 39 -11.09 -24.42 33.65
N SER E 40 -10.19 -23.96 34.52
CA SER E 40 -9.33 -22.85 34.15
C SER E 40 -8.41 -23.22 32.99
N THR E 41 -7.80 -24.41 33.08
CA THR E 41 -6.95 -24.88 32.00
C THR E 41 -7.72 -24.96 30.69
N GLN E 42 -8.97 -25.45 30.74
CA GLN E 42 -9.77 -25.56 29.54
C GLN E 42 -10.12 -24.20 28.97
N ALA E 43 -10.45 -23.24 29.83
CA ALA E 43 -10.77 -21.89 29.34
C ALA E 43 -9.56 -21.28 28.64
N ALA E 44 -8.38 -21.39 29.27
CA ALA E 44 -7.17 -20.83 28.67
C ALA E 44 -6.85 -21.52 27.34
N ILE E 45 -6.94 -22.86 27.31
CA ILE E 45 -6.61 -23.59 26.10
C ILE E 45 -7.58 -23.23 24.97
N ASP E 46 -8.88 -23.14 25.28
CA ASP E 46 -9.86 -22.78 24.26
C ASP E 46 -9.62 -21.38 23.73
N GLN E 47 -9.32 -20.42 24.61
CA GLN E 47 -9.06 -19.06 24.15
C GLN E 47 -7.82 -18.99 23.27
N ILE E 48 -6.75 -19.66 23.68
CA ILE E 48 -5.51 -19.58 22.91
C ILE E 48 -5.65 -20.30 21.58
N ASN E 49 -6.35 -21.44 21.56
CA ASN E 49 -6.59 -22.14 20.31
C ASN E 49 -7.48 -21.32 19.37
N GLY E 50 -8.54 -20.71 19.91
CA GLY E 50 -9.37 -19.85 19.08
C GLY E 50 -8.58 -18.73 18.44
N LYS E 51 -7.75 -18.04 19.24
CA LYS E 51 -6.88 -17.00 18.69
C LYS E 51 -5.97 -17.54 17.59
N LEU E 52 -5.27 -18.63 17.88
CA LEU E 52 -4.31 -19.19 16.94
C LEU E 52 -4.99 -19.55 15.63
N ASN E 53 -6.02 -20.38 15.68
CA ASN E 53 -6.72 -20.77 14.47
C ASN E 53 -7.51 -19.62 13.85
N ARG E 54 -7.67 -18.51 14.57
CA ARG E 54 -8.20 -17.28 13.97
C ARG E 54 -7.18 -16.65 13.04
N VAL E 55 -5.93 -16.56 13.46
CA VAL E 55 -4.98 -15.80 12.65
C VAL E 55 -4.45 -16.59 11.45
N ILE E 56 -4.34 -17.92 11.55
CA ILE E 56 -3.55 -18.66 10.56
C ILE E 56 -4.36 -19.11 9.34
N GLU E 57 -5.67 -18.90 9.33
CA GLU E 57 -6.41 -19.23 8.12
C GLU E 57 -6.08 -18.24 7.00
N LYS E 58 -6.08 -18.77 5.78
CA LYS E 58 -5.52 -18.11 4.61
C LYS E 58 -6.53 -17.14 4.01
N THR E 59 -6.02 -16.14 3.28
CA THR E 59 -6.90 -15.16 2.65
C THR E 59 -6.54 -14.85 1.21
N ASN E 60 -5.33 -15.16 0.74
CA ASN E 60 -4.88 -14.71 -0.56
C ASN E 60 -4.75 -15.87 -1.52
N GLU E 61 -4.93 -15.57 -2.81
CA GLU E 61 -4.74 -16.54 -3.89
C GLU E 61 -4.48 -15.73 -5.15
N LYS E 62 -3.21 -15.68 -5.59
CA LYS E 62 -2.78 -14.87 -6.71
C LYS E 62 -2.24 -15.77 -7.80
N PHE E 63 -2.62 -15.49 -9.04
CA PHE E 63 -2.24 -16.30 -10.19
C PHE E 63 -1.37 -15.53 -11.17
N HIS E 64 -1.81 -14.38 -11.67
CA HIS E 64 -1.01 -13.56 -12.55
C HIS E 64 -0.71 -12.23 -11.88
N GLN E 65 0.53 -11.79 -12.00
CA GLN E 65 1.01 -10.58 -11.33
C GLN E 65 1.93 -9.84 -12.29
N ILE E 66 2.71 -8.92 -11.75
CA ILE E 66 3.64 -8.13 -12.53
C ILE E 66 5.02 -8.77 -12.44
N GLU E 67 5.93 -8.32 -13.29
CA GLU E 67 7.32 -8.78 -13.23
C GLU E 67 8.05 -8.09 -12.09
N LYS E 68 8.86 -8.87 -11.37
CA LYS E 68 9.57 -8.37 -10.20
C LYS E 68 11.08 -8.55 -10.30
N GLU E 69 11.59 -9.17 -11.37
CA GLU E 69 13.03 -9.29 -11.59
C GLU E 69 13.31 -8.97 -13.05
N PHE E 70 14.25 -8.04 -13.26
CA PHE E 70 14.55 -7.52 -14.59
C PHE E 70 16.02 -7.76 -14.92
N SER E 71 16.32 -7.87 -16.21
CA SER E 71 17.68 -8.12 -16.67
C SER E 71 18.32 -6.91 -17.33
N GLU E 72 17.55 -5.86 -17.59
CA GLU E 72 18.00 -4.65 -18.26
C GLU E 72 17.78 -3.45 -17.34
N VAL E 73 18.15 -2.28 -17.83
CA VAL E 73 17.72 -1.00 -17.26
C VAL E 73 16.93 -0.26 -18.34
N GLU E 74 15.70 0.11 -18.00
CA GLU E 74 14.74 0.60 -18.99
C GLU E 74 14.28 2.02 -18.72
N GLY E 75 13.77 2.30 -17.52
CA GLY E 75 13.29 3.64 -17.25
C GLY E 75 12.13 3.77 -16.29
N ARG E 76 11.08 4.47 -16.72
CA ARG E 76 10.01 4.87 -15.81
C ARG E 76 9.20 3.67 -15.33
N ILE E 77 8.83 2.76 -16.24
CA ILE E 77 7.94 1.67 -15.87
C ILE E 77 8.61 0.75 -14.87
N GLN E 78 9.89 0.44 -15.09
CA GLN E 78 10.63 -0.42 -14.16
C GLN E 78 10.78 0.24 -12.79
N ASP E 79 11.04 1.55 -12.77
CA ASP E 79 11.12 2.27 -11.51
C ASP E 79 9.80 2.21 -10.76
N LEU E 80 8.68 2.40 -11.47
CA LEU E 80 7.39 2.38 -10.80
C LEU E 80 7.06 0.99 -10.27
N GLU E 81 7.41 -0.06 -11.03
CA GLU E 81 7.18 -1.42 -10.56
C GLU E 81 8.00 -1.72 -9.31
N LYS E 82 9.27 -1.34 -9.31
CA LYS E 82 10.10 -1.58 -8.13
C LYS E 82 9.61 -0.80 -6.93
N TYR E 83 9.12 0.44 -7.15
CA TYR E 83 8.58 1.22 -6.05
C TYR E 83 7.33 0.56 -5.48
N VAL E 84 6.44 0.08 -6.35
CA VAL E 84 5.22 -0.60 -5.90
C VAL E 84 5.56 -1.81 -5.05
N GLU E 85 6.52 -2.62 -5.53
CA GLU E 85 6.88 -3.83 -4.79
C GLU E 85 7.50 -3.49 -3.46
N ASP E 86 8.39 -2.48 -3.43
CA ASP E 86 9.01 -2.12 -2.16
C ASP E 86 7.97 -1.60 -1.17
N THR E 87 7.02 -0.79 -1.63
CA THR E 87 5.97 -0.28 -0.76
C THR E 87 5.11 -1.41 -0.21
N LYS E 88 4.73 -2.36 -1.06
CA LYS E 88 3.89 -3.47 -0.60
C LYS E 88 4.63 -4.31 0.45
N ILE E 89 5.90 -4.62 0.21
CA ILE E 89 6.65 -5.44 1.16
C ILE E 89 6.80 -4.71 2.50
N ASP E 90 7.17 -3.43 2.43
CA ASP E 90 7.37 -2.65 3.66
C ASP E 90 6.07 -2.47 4.44
N LEU E 91 4.93 -2.38 3.73
CA LEU E 91 3.66 -2.23 4.42
C LEU E 91 3.13 -3.53 4.99
N TRP E 92 3.51 -4.67 4.42
CA TRP E 92 3.07 -5.94 5.00
C TRP E 92 3.94 -6.41 6.14
N SER E 93 5.24 -6.09 6.12
CA SER E 93 6.11 -6.50 7.22
C SER E 93 5.72 -5.80 8.54
N TYR E 94 5.30 -4.55 8.46
CA TYR E 94 4.87 -3.83 9.66
C TYR E 94 3.65 -4.49 10.29
N ASN E 95 2.67 -4.89 9.47
CA ASN E 95 1.50 -5.59 9.98
C ASN E 95 1.90 -6.93 10.60
N ALA E 96 2.78 -7.67 9.91
CA ALA E 96 3.26 -8.94 10.46
C ALA E 96 3.87 -8.76 11.84
N GLU E 97 4.63 -7.68 12.03
CA GLU E 97 5.27 -7.44 13.32
C GLU E 97 4.24 -7.05 14.38
N LEU E 98 3.36 -6.10 14.05
CA LEU E 98 2.43 -5.55 15.04
C LEU E 98 1.42 -6.57 15.50
N LEU E 99 0.94 -7.44 14.60
CA LEU E 99 -0.04 -8.46 15.00
C LEU E 99 0.53 -9.36 16.08
N VAL E 100 1.76 -9.86 15.86
CA VAL E 100 2.39 -10.74 16.84
C VAL E 100 2.65 -10.00 18.14
N ALA E 101 3.15 -8.75 18.04
CA ALA E 101 3.46 -8.00 19.25
C ALA E 101 2.22 -7.78 20.10
N LEU E 102 1.06 -7.52 19.48
CA LEU E 102 -0.15 -7.31 20.26
C LEU E 102 -0.68 -8.62 20.84
N GLU E 103 -0.70 -9.68 20.02
CA GLU E 103 -1.32 -10.92 20.46
C GLU E 103 -0.50 -11.61 21.56
N ASN E 104 0.83 -11.48 21.54
CA ASN E 104 1.61 -12.08 22.62
C ASN E 104 1.29 -11.42 23.96
N GLN E 105 1.17 -10.08 23.96
CA GLN E 105 0.81 -9.37 25.17
C GLN E 105 -0.56 -9.79 25.66
N HIS E 106 -1.53 -9.91 24.75
CA HIS E 106 -2.87 -10.30 25.19
C HIS E 106 -2.90 -11.73 25.72
N THR E 107 -2.13 -12.63 25.10
CA THR E 107 -2.06 -14.00 25.59
C THR E 107 -1.48 -14.06 26.99
N ILE E 108 -0.35 -13.35 27.20
CA ILE E 108 0.27 -13.33 28.52
C ILE E 108 -0.69 -12.79 29.57
N ASP E 109 -1.39 -11.70 29.23
CA ASP E 109 -2.27 -11.08 30.21
C ASP E 109 -3.47 -11.97 30.54
N LEU E 110 -3.99 -12.69 29.55
CA LEU E 110 -5.15 -13.55 29.82
C LEU E 110 -4.74 -14.78 30.62
N THR E 111 -3.57 -15.36 30.31
CA THR E 111 -3.09 -16.48 31.10
C THR E 111 -2.69 -16.04 32.52
N ASP E 112 -2.38 -14.77 32.71
CA ASP E 112 -2.20 -14.25 34.06
C ASP E 112 -3.53 -14.01 34.76
N SER E 113 -4.56 -13.60 34.01
CA SER E 113 -5.86 -13.30 34.61
C SER E 113 -6.56 -14.56 35.07
N GLU E 114 -6.37 -15.67 34.36
CA GLU E 114 -7.06 -16.91 34.76
C GLU E 114 -6.62 -17.35 36.15
N MET E 115 -5.34 -17.20 36.47
CA MET E 115 -4.84 -17.57 37.79
C MET E 115 -5.48 -16.72 38.88
N ASN E 116 -5.54 -15.40 38.65
CA ASN E 116 -6.17 -14.52 39.63
C ASN E 116 -7.65 -14.85 39.80
N LYS E 117 -8.32 -15.22 38.71
CA LYS E 117 -9.73 -15.60 38.82
C LYS E 117 -9.90 -16.84 39.67
N LEU E 118 -9.05 -17.85 39.45
CA LEU E 118 -9.12 -19.06 40.26
C LEU E 118 -8.84 -18.76 41.73
N PHE E 119 -7.83 -17.93 42.00
CA PHE E 119 -7.50 -17.56 43.37
C PHE E 119 -8.67 -16.86 44.03
N GLU E 120 -9.29 -15.91 43.33
CA GLU E 120 -10.38 -15.14 43.93
C GLU E 120 -11.60 -16.02 44.18
N LYS E 121 -11.87 -16.97 43.27
CA LYS E 121 -12.96 -17.92 43.50
C LYS E 121 -12.69 -18.76 44.75
N THR E 122 -11.45 -19.27 44.88
CA THR E 122 -11.12 -20.09 46.04
C THR E 122 -11.20 -19.27 47.32
N ARG E 123 -10.85 -17.98 47.26
CA ARG E 123 -10.98 -17.12 48.43
C ARG E 123 -12.44 -16.90 48.78
N ARG E 124 -13.29 -16.71 47.77
CA ARG E 124 -14.71 -16.48 48.02
C ARG E 124 -15.39 -17.73 48.56
N GLN E 125 -14.85 -18.91 48.26
CA GLN E 125 -15.47 -20.13 48.77
C GLN E 125 -15.27 -20.26 50.28
N LEU E 126 -14.03 -20.16 50.74
CA LEU E 126 -13.72 -20.17 52.17
C LEU E 126 -14.06 -18.81 52.76
N ARG E 127 -15.30 -18.67 53.22
CA ARG E 127 -15.85 -17.36 53.58
C ARG E 127 -15.07 -16.72 54.71
N GLU E 128 -15.12 -17.31 55.90
CA GLU E 128 -14.35 -16.80 57.03
C GLU E 128 -13.67 -17.92 57.82
N ASN E 129 -13.45 -19.08 57.21
CA ASN E 129 -12.70 -20.16 57.84
C ASN E 129 -11.24 -20.20 57.41
N ALA E 130 -10.79 -19.26 56.59
CA ALA E 130 -9.43 -19.27 56.07
C ALA E 130 -8.85 -17.86 56.09
N GLU E 131 -7.52 -17.81 56.11
CA GLU E 131 -6.78 -16.55 56.01
C GLU E 131 -5.73 -16.69 54.91
N GLU E 132 -5.55 -15.63 54.14
CA GLU E 132 -4.57 -15.64 53.05
C GLU E 132 -3.19 -15.31 53.63
N MET E 133 -2.22 -16.21 53.40
CA MET E 133 -0.89 -16.08 53.97
C MET E 133 0.04 -15.23 53.12
N GLY E 134 -0.44 -14.70 52.00
CA GLY E 134 0.31 -13.71 51.24
C GLY E 134 1.21 -14.26 50.16
N ASN E 135 1.43 -15.58 50.10
CA ASN E 135 2.31 -16.17 49.10
C ASN E 135 1.59 -17.16 48.19
N GLY E 136 0.26 -17.13 48.17
CA GLY E 136 -0.52 -18.01 47.32
C GLY E 136 -1.26 -19.11 48.03
N CYS E 137 -1.04 -19.29 49.33
CA CYS E 137 -1.66 -20.36 50.10
C CYS E 137 -2.67 -19.79 51.08
N PHE E 138 -3.64 -20.63 51.45
CA PHE E 138 -4.61 -20.30 52.47
C PHE E 138 -4.35 -21.15 53.71
N LYS E 139 -4.40 -20.52 54.87
CA LYS E 139 -4.37 -21.21 56.16
C LYS E 139 -5.82 -21.41 56.60
N ILE E 140 -6.25 -22.66 56.65
CA ILE E 140 -7.61 -23.03 57.02
C ILE E 140 -7.62 -23.34 58.50
N TYR E 141 -8.45 -22.65 59.27
CA TYR E 141 -8.34 -22.65 60.72
C TYR E 141 -9.19 -23.73 61.37
N HIS E 142 -9.83 -24.59 60.59
CA HIS E 142 -10.42 -25.82 61.10
C HIS E 142 -9.72 -27.01 60.47
N LYS E 143 -10.05 -28.20 60.97
CA LYS E 143 -9.32 -29.42 60.62
C LYS E 143 -10.09 -30.19 59.55
N CYS E 144 -9.49 -30.32 58.37
CA CYS E 144 -10.05 -31.06 57.25
C CYS E 144 -9.40 -32.42 57.07
N ASP E 145 -10.10 -33.28 56.33
CA ASP E 145 -9.61 -34.57 55.87
C ASP E 145 -9.24 -34.45 54.40
N ASN E 146 -8.80 -35.57 53.81
CA ASN E 146 -8.62 -35.63 52.36
C ASN E 146 -9.94 -35.50 51.61
N ALA E 147 -11.07 -35.61 52.29
CA ALA E 147 -12.38 -35.39 51.71
C ALA E 147 -12.87 -33.96 51.89
N CYS E 148 -12.27 -33.19 52.80
CA CYS E 148 -12.60 -31.78 52.94
C CYS E 148 -11.94 -30.92 51.87
N ILE E 149 -10.69 -31.22 51.52
CA ILE E 149 -10.04 -30.48 50.45
C ILE E 149 -10.70 -30.76 49.10
N GLU E 150 -11.18 -31.99 48.89
CA GLU E 150 -11.82 -32.29 47.62
C GLU E 150 -13.18 -31.63 47.50
N SER E 151 -13.82 -31.29 48.63
CA SER E 151 -15.06 -30.53 48.53
C SER E 151 -14.78 -29.08 48.13
N ILE E 152 -13.61 -28.58 48.53
CA ILE E 152 -13.19 -27.24 48.12
C ILE E 152 -12.75 -27.25 46.65
N ARG E 153 -12.32 -28.41 46.15
CA ARG E 153 -11.83 -28.46 44.77
C ARG E 153 -12.96 -28.58 43.75
N ASN E 154 -14.01 -29.34 44.05
CA ASN E 154 -15.13 -29.50 43.12
C ASN E 154 -16.30 -28.59 43.46
N GLY E 155 -16.06 -27.52 44.22
CA GLY E 155 -17.03 -26.45 44.39
C GLY E 155 -18.30 -26.79 45.15
N THR E 156 -18.18 -27.50 46.27
CA THR E 156 -19.32 -27.78 47.13
C THR E 156 -18.94 -27.69 48.60
N TYR E 157 -18.01 -26.81 48.94
CA TYR E 157 -17.63 -26.59 50.32
C TYR E 157 -18.74 -25.89 51.09
N ASP E 158 -19.10 -26.45 52.25
CA ASP E 158 -20.12 -25.90 53.12
C ASP E 158 -19.42 -25.20 54.28
N HIS E 159 -19.41 -23.86 54.25
CA HIS E 159 -18.62 -23.10 55.22
C HIS E 159 -19.29 -23.04 56.59
N ASP E 160 -20.61 -23.16 56.67
CA ASP E 160 -21.31 -22.92 57.92
C ASP E 160 -21.20 -24.08 58.89
N VAL E 161 -20.71 -25.24 58.45
CA VAL E 161 -20.55 -26.36 59.37
C VAL E 161 -19.32 -26.20 60.25
N TYR E 162 -18.26 -25.56 59.74
CA TYR E 162 -17.02 -25.39 60.47
C TYR E 162 -16.83 -23.96 60.96
N ARG E 163 -17.90 -23.17 60.95
CA ARG E 163 -17.76 -21.74 61.21
C ARG E 163 -17.39 -21.48 62.67
N ASP E 164 -18.11 -22.11 63.60
CA ASP E 164 -17.88 -21.84 65.01
C ASP E 164 -16.49 -22.28 65.45
N GLU E 165 -16.06 -23.45 64.99
CA GLU E 165 -14.73 -23.96 65.33
C GLU E 165 -13.63 -23.07 64.77
N ALA E 166 -13.77 -22.65 63.50
CA ALA E 166 -12.76 -21.78 62.90
C ALA E 166 -12.72 -20.42 63.58
N LEU E 167 -13.89 -19.85 63.91
CA LEU E 167 -13.92 -18.55 64.55
C LEU E 167 -13.30 -18.61 65.94
N ASN E 168 -13.55 -19.69 66.69
CA ASN E 168 -12.89 -19.81 67.99
C ASN E 168 -11.40 -20.11 67.84
N ASN E 169 -10.98 -20.71 66.73
CA ASN E 169 -9.56 -21.03 66.54
C ASN E 169 -8.73 -19.84 66.08
N ARG E 170 -9.30 -18.94 65.27
CA ARG E 170 -8.50 -17.92 64.62
C ARG E 170 -8.48 -16.62 65.40
N PHE E 171 -9.56 -16.32 66.12
CA PHE E 171 -9.79 -15.05 66.79
C PHE E 171 -9.53 -15.14 68.28
N GLN E 172 -9.41 -16.35 68.81
CA GLN E 172 -9.06 -16.61 70.20
C GLN E 172 -8.13 -17.80 70.32
N GLY F 1 -6.99 3.16 33.96
CA GLY F 1 -8.30 3.46 34.51
C GLY F 1 -9.20 2.24 34.60
N LEU F 2 -8.63 1.07 34.30
CA LEU F 2 -9.41 -0.16 34.34
C LEU F 2 -9.50 -0.75 35.74
N PHE F 3 -8.51 -0.45 36.60
CA PHE F 3 -8.49 -0.98 37.95
C PHE F 3 -9.09 -0.03 38.98
N GLY F 4 -9.24 1.25 38.65
CA GLY F 4 -9.87 2.18 39.56
C GLY F 4 -9.02 2.63 40.72
N ALA F 5 -7.69 2.59 40.57
CA ALA F 5 -6.79 3.03 41.63
C ALA F 5 -6.43 4.49 41.47
N ILE F 6 -5.83 4.85 40.34
CA ILE F 6 -5.55 6.25 40.02
C ILE F 6 -6.82 6.88 39.48
N ALA F 7 -7.15 8.07 39.99
CA ALA F 7 -8.41 8.75 39.70
C ALA F 7 -9.63 7.93 40.10
N GLY F 8 -9.43 6.95 40.99
CA GLY F 8 -10.52 6.12 41.47
C GLY F 8 -10.77 6.32 42.96
N PHE F 9 -10.35 5.37 43.79
CA PHE F 9 -10.50 5.52 45.22
C PHE F 9 -9.36 6.30 45.86
N ILE F 10 -8.41 6.78 45.06
CA ILE F 10 -7.39 7.73 45.51
C ILE F 10 -7.73 9.08 44.90
N GLU F 11 -8.07 10.05 45.75
CA GLU F 11 -8.74 11.27 45.29
C GLU F 11 -7.84 12.08 44.38
N ASN F 12 -6.66 12.46 44.86
CA ASN F 12 -5.75 13.32 44.09
C ASN F 12 -4.33 12.79 44.22
N GLY F 13 -3.41 13.47 43.53
CA GLY F 13 -2.00 13.16 43.60
C GLY F 13 -1.28 13.99 44.64
N TRP F 14 0.01 13.68 44.83
CA TRP F 14 0.86 14.36 45.79
C TRP F 14 1.93 15.15 45.03
N GLU F 15 1.75 16.45 44.95
CA GLU F 15 2.69 17.31 44.23
C GLU F 15 3.98 17.56 44.99
N GLY F 16 4.02 17.22 46.29
CA GLY F 16 5.25 17.27 47.06
C GLY F 16 6.12 16.06 46.95
N MET F 17 5.75 15.11 46.10
CA MET F 17 6.51 13.87 45.92
C MET F 17 7.51 14.10 44.78
N ILE F 18 8.79 14.11 45.12
CA ILE F 18 9.85 14.35 44.14
C ILE F 18 10.88 13.23 44.09
N ASP F 19 10.78 12.24 44.98
CA ASP F 19 11.75 11.15 44.97
C ASP F 19 11.41 10.11 43.91
N GLY F 20 10.17 9.62 43.93
CA GLY F 20 9.72 8.60 42.99
C GLY F 20 8.32 8.85 42.47
N TRP F 21 7.73 7.86 41.81
CA TRP F 21 6.37 7.99 41.30
C TRP F 21 5.33 7.53 42.33
N TYR F 22 5.63 6.45 43.06
CA TYR F 22 4.75 5.94 44.10
C TYR F 22 5.48 6.00 45.44
N GLY F 23 4.71 6.23 46.50
CA GLY F 23 5.30 6.37 47.82
C GLY F 23 4.27 6.27 48.91
N PHE F 24 4.74 6.44 50.13
CA PHE F 24 3.92 6.32 51.33
C PHE F 24 3.87 7.66 52.05
N ARG F 25 2.97 7.76 53.03
CA ARG F 25 2.88 8.94 53.87
C ARG F 25 2.10 8.53 55.12
N HIS F 26 2.79 8.49 56.25
CA HIS F 26 2.25 7.96 57.49
C HIS F 26 2.00 9.07 58.50
N GLN F 27 1.05 8.81 59.40
CA GLN F 27 0.71 9.72 60.49
C GLN F 27 0.79 8.90 61.77
N ASN F 28 1.79 9.19 62.60
CA ASN F 28 2.18 8.29 63.67
C ASN F 28 1.88 8.95 65.03
N SER F 29 2.29 8.28 66.10
CA SER F 29 2.25 8.87 67.43
C SER F 29 3.42 9.78 67.74
N GLU F 30 4.41 9.88 66.83
CA GLU F 30 5.54 10.76 67.05
C GLU F 30 5.61 11.91 66.05
N GLY F 31 4.69 11.97 65.11
CA GLY F 31 4.65 13.01 64.11
C GLY F 31 4.20 12.45 62.78
N THR F 32 4.56 13.14 61.71
CA THR F 32 4.25 12.71 60.36
C THR F 32 5.55 12.44 59.60
N GLY F 33 5.40 11.91 58.39
CA GLY F 33 6.56 11.59 57.57
C GLY F 33 6.14 11.32 56.14
N GLN F 34 7.13 10.97 55.32
CA GLN F 34 6.91 10.67 53.92
C GLN F 34 8.13 9.93 53.38
N ALA F 35 7.89 9.06 52.40
CA ALA F 35 8.94 8.27 51.77
C ALA F 35 8.45 7.82 50.41
N ALA F 36 9.29 7.04 49.72
CA ALA F 36 8.94 6.48 48.42
C ALA F 36 9.24 4.99 48.39
N ASP F 37 8.74 4.34 47.34
CA ASP F 37 8.94 2.92 47.10
C ASP F 37 9.62 2.76 45.74
N LEU F 38 10.83 2.20 45.75
CA LEU F 38 11.63 2.17 44.53
C LEU F 38 11.16 1.10 43.53
N LYS F 39 10.60 -0.01 44.01
CA LYS F 39 10.35 -1.15 43.15
C LYS F 39 9.24 -0.87 42.13
N SER F 40 8.11 -0.33 42.59
CA SER F 40 7.01 -0.04 41.67
C SER F 40 7.42 1.02 40.66
N THR F 41 8.06 2.09 41.13
CA THR F 41 8.56 3.13 40.23
C THR F 41 9.51 2.55 39.20
N GLN F 42 10.40 1.65 39.64
CA GLN F 42 11.37 1.06 38.72
C GLN F 42 10.68 0.18 37.69
N ALA F 43 9.69 -0.60 38.12
CA ALA F 43 8.97 -1.45 37.17
C ALA F 43 8.27 -0.61 36.11
N ALA F 44 7.58 0.45 36.55
CA ALA F 44 6.88 1.31 35.60
C ALA F 44 7.86 1.99 34.65
N ILE F 45 8.97 2.51 35.18
CA ILE F 45 9.95 3.20 34.34
C ILE F 45 10.56 2.24 33.33
N ASP F 46 10.91 1.02 33.76
CA ASP F 46 11.49 0.05 32.85
C ASP F 46 10.51 -0.33 31.75
N GLN F 47 9.24 -0.54 32.10
CA GLN F 47 8.25 -0.90 31.09
C GLN F 47 8.05 0.23 30.08
N ILE F 48 7.94 1.46 30.57
CA ILE F 48 7.68 2.59 29.66
C ILE F 48 8.90 2.86 28.78
N ASN F 49 10.11 2.74 29.34
CA ASN F 49 11.31 2.91 28.54
C ASN F 49 11.45 1.81 27.50
N GLY F 50 11.18 0.57 27.88
CA GLY F 50 11.21 -0.51 26.90
C GLY F 50 10.26 -0.27 25.75
N LYS F 51 9.02 0.12 26.06
CA LYS F 51 8.06 0.45 25.00
C LYS F 51 8.58 1.57 24.10
N LEU F 52 9.01 2.66 24.72
CA LEU F 52 9.45 3.83 23.95
C LEU F 52 10.59 3.46 23.02
N ASN F 53 11.69 2.92 23.58
CA ASN F 53 12.82 2.54 22.75
C ASN F 53 12.51 1.36 21.83
N ARG F 54 11.39 0.67 22.04
CA ARG F 54 10.90 -0.31 21.08
C ARG F 54 10.36 0.35 19.83
N VAL F 55 9.58 1.42 19.98
CA VAL F 55 8.92 1.97 18.80
C VAL F 55 9.84 2.87 17.97
N ILE F 56 10.81 3.56 18.59
CA ILE F 56 11.49 4.65 17.89
C ILE F 56 12.72 4.21 17.11
N GLU F 57 13.12 2.94 17.20
CA GLU F 57 14.22 2.50 16.36
C GLU F 57 13.79 2.42 14.90
N LYS F 58 14.73 2.73 14.02
CA LYS F 58 14.47 3.00 12.62
C LYS F 58 14.40 1.70 11.82
N THR F 59 13.71 1.75 10.68
CA THR F 59 13.58 0.57 9.84
C THR F 59 13.81 0.84 8.36
N ASN F 60 13.74 2.08 7.89
CA ASN F 60 13.76 2.36 6.46
C ASN F 60 15.05 3.05 6.07
N GLU F 61 15.45 2.83 4.81
CA GLU F 61 16.60 3.51 4.21
C GLU F 61 16.40 3.45 2.69
N LYS F 62 16.01 4.57 2.11
CA LYS F 62 15.66 4.67 0.70
C LYS F 62 16.63 5.62 0.01
N PHE F 63 17.10 5.23 -1.17
CA PHE F 63 18.08 6.00 -1.92
C PHE F 63 17.52 6.49 -3.24
N HIS F 64 17.02 5.61 -4.11
CA HIS F 64 16.41 6.02 -5.35
C HIS F 64 14.93 5.64 -5.34
N GLN F 65 14.10 6.56 -5.82
CA GLN F 65 12.66 6.39 -5.78
C GLN F 65 12.08 6.96 -7.09
N ILE F 66 10.79 7.20 -7.10
CA ILE F 66 10.11 7.72 -8.26
C ILE F 66 9.99 9.24 -8.12
N GLU F 67 9.60 9.89 -9.21
CA GLU F 67 9.36 11.33 -9.17
C GLU F 67 8.00 11.61 -8.53
N LYS F 68 7.95 12.64 -7.69
CA LYS F 68 6.75 12.99 -6.95
C LYS F 68 6.28 14.41 -7.19
N GLU F 69 7.02 15.20 -7.96
CA GLU F 69 6.60 16.54 -8.33
C GLU F 69 6.86 16.75 -9.81
N PHE F 70 5.81 17.18 -10.53
CA PHE F 70 5.85 17.30 -11.98
C PHE F 70 5.56 18.74 -12.39
N SER F 71 6.07 19.13 -13.55
CA SER F 71 5.89 20.49 -14.06
C SER F 71 4.94 20.55 -15.25
N GLU F 72 4.56 19.40 -15.80
CA GLU F 72 3.69 19.31 -16.96
C GLU F 72 2.44 18.51 -16.61
N VAL F 73 1.56 18.35 -17.59
CA VAL F 73 0.49 17.37 -17.55
C VAL F 73 0.72 16.39 -18.70
N GLU F 74 0.80 15.11 -18.37
CA GLU F 74 1.25 14.10 -19.32
C GLU F 74 0.20 13.03 -19.60
N GLY F 75 -0.33 12.38 -18.56
CA GLY F 75 -1.31 11.34 -18.80
C GLY F 75 -1.31 10.18 -17.81
N ARG F 76 -1.24 8.96 -18.33
CA ARG F 76 -1.49 7.77 -17.52
C ARG F 76 -0.40 7.55 -16.48
N ILE F 77 0.87 7.69 -16.87
CA ILE F 77 1.96 7.36 -15.96
C ILE F 77 1.96 8.31 -14.77
N GLN F 78 1.75 9.61 -15.02
CA GLN F 78 1.72 10.60 -13.95
C GLN F 78 0.54 10.36 -13.02
N ASP F 79 -0.63 10.00 -13.58
CA ASP F 79 -1.78 9.67 -12.76
C ASP F 79 -1.50 8.47 -11.86
N LEU F 80 -0.86 7.43 -12.41
CA LEU F 80 -0.57 6.24 -11.61
C LEU F 80 0.43 6.55 -10.51
N GLU F 81 1.44 7.37 -10.81
CA GLU F 81 2.42 7.75 -9.79
C GLU F 81 1.76 8.54 -8.66
N LYS F 82 0.92 9.50 -9.01
CA LYS F 82 0.24 10.29 -7.97
C LYS F 82 -0.70 9.41 -7.15
N TYR F 83 -1.37 8.45 -7.78
CA TYR F 83 -2.24 7.55 -7.04
C TYR F 83 -1.43 6.69 -6.07
N VAL F 84 -0.29 6.17 -6.52
CA VAL F 84 0.57 5.35 -5.65
C VAL F 84 1.02 6.16 -4.45
N GLU F 85 1.46 7.39 -4.68
CA GLU F 85 1.94 8.22 -3.58
C GLU F 85 0.82 8.54 -2.60
N ASP F 86 -0.37 8.88 -3.12
CA ASP F 86 -1.47 9.19 -2.23
C ASP F 86 -1.86 7.98 -1.39
N THR F 87 -1.90 6.79 -2.02
CA THR F 87 -2.23 5.57 -1.28
C THR F 87 -1.21 5.27 -0.19
N LYS F 88 0.08 5.41 -0.50
CA LYS F 88 1.11 5.15 0.49
C LYS F 88 1.00 6.11 1.67
N ILE F 89 0.82 7.39 1.40
CA ILE F 89 0.73 8.38 2.48
C ILE F 89 -0.49 8.11 3.35
N ASP F 90 -1.64 7.86 2.72
CA ASP F 90 -2.86 7.62 3.47
C ASP F 90 -2.79 6.34 4.28
N LEU F 91 -2.07 5.32 3.78
CA LEU F 91 -1.95 4.07 4.52
C LEU F 91 -0.94 4.15 5.65
N TRP F 92 0.06 5.04 5.55
CA TRP F 92 1.00 5.17 6.66
C TRP F 92 0.49 6.10 7.76
N SER F 93 -0.30 7.12 7.42
CA SER F 93 -0.83 8.01 8.44
C SER F 93 -1.78 7.28 9.39
N TYR F 94 -2.57 6.34 8.87
CA TYR F 94 -3.48 5.57 9.72
C TYR F 94 -2.70 4.73 10.73
N ASN F 95 -1.61 4.09 10.30
CA ASN F 95 -0.78 3.33 11.22
C ASN F 95 -0.16 4.25 12.28
N ALA F 96 0.35 5.41 11.84
CA ALA F 96 0.92 6.37 12.78
C ALA F 96 -0.09 6.75 13.86
N GLU F 97 -1.35 6.95 13.47
CA GLU F 97 -2.38 7.32 14.43
C GLU F 97 -2.71 6.16 15.38
N LEU F 98 -2.94 4.98 14.81
CA LEU F 98 -3.41 3.84 15.62
C LEU F 98 -2.36 3.37 16.61
N LEU F 99 -1.08 3.38 16.22
CA LEU F 99 -0.03 2.95 17.14
C LEU F 99 -0.03 3.79 18.41
N VAL F 100 -0.06 5.12 18.24
CA VAL F 100 -0.06 6.03 19.38
C VAL F 100 -1.33 5.85 20.20
N ALA F 101 -2.48 5.73 19.54
CA ALA F 101 -3.74 5.60 20.26
C ALA F 101 -3.76 4.34 21.12
N LEU F 102 -3.20 3.23 20.63
CA LEU F 102 -3.18 2.01 21.41
C LEU F 102 -2.17 2.09 22.56
N GLU F 103 -0.96 2.59 22.27
CA GLU F 103 0.10 2.58 23.27
C GLU F 103 -0.19 3.55 24.41
N ASN F 104 -0.86 4.68 24.15
CA ASN F 104 -1.19 5.58 25.25
C ASN F 104 -2.15 4.92 26.22
N GLN F 105 -3.16 4.22 25.69
CA GLN F 105 -4.10 3.49 26.54
C GLN F 105 -3.39 2.44 27.36
N HIS F 106 -2.48 1.67 26.73
CA HIS F 106 -1.78 0.63 27.48
C HIS F 106 -0.88 1.22 28.55
N THR F 107 -0.22 2.34 28.26
CA THR F 107 0.63 2.98 29.25
C THR F 107 -0.19 3.46 30.45
N ILE F 108 -1.32 4.13 30.18
CA ILE F 108 -2.18 4.60 31.26
C ILE F 108 -2.65 3.43 32.11
N ASP F 109 -3.08 2.34 31.48
CA ASP F 109 -3.62 1.21 32.23
C ASP F 109 -2.53 0.52 33.06
N LEU F 110 -1.30 0.44 32.55
CA LEU F 110 -0.26 -0.22 33.32
C LEU F 110 0.20 0.65 34.49
N THR F 111 0.30 1.97 34.28
CA THR F 111 0.62 2.85 35.38
C THR F 111 -0.50 2.93 36.41
N ASP F 112 -1.73 2.61 36.01
CA ASP F 112 -2.81 2.47 36.99
C ASP F 112 -2.73 1.14 37.71
N SER F 113 -2.29 0.08 37.02
CA SER F 113 -2.23 -1.25 37.63
C SER F 113 -1.14 -1.34 38.67
N GLU F 114 -0.02 -0.63 38.46
CA GLU F 114 1.08 -0.71 39.43
C GLU F 114 0.64 -0.21 40.80
N MET F 115 -0.18 0.85 40.84
CA MET F 115 -0.66 1.38 42.11
C MET F 115 -1.54 0.37 42.82
N ASN F 116 -2.46 -0.27 42.08
CA ASN F 116 -3.32 -1.28 42.69
C ASN F 116 -2.50 -2.46 43.20
N LYS F 117 -1.44 -2.83 42.47
CA LYS F 117 -0.59 -3.94 42.93
C LYS F 117 0.11 -3.57 44.24
N LEU F 118 0.63 -2.35 44.33
CA LEU F 118 1.28 -1.91 45.57
C LEU F 118 0.27 -1.88 46.72
N PHE F 119 -0.93 -1.37 46.47
CA PHE F 119 -1.96 -1.33 47.50
C PHE F 119 -2.30 -2.73 47.98
N GLU F 120 -2.48 -3.67 47.05
CA GLU F 120 -2.89 -5.01 47.44
C GLU F 120 -1.77 -5.72 48.20
N LYS F 121 -0.52 -5.49 47.81
CA LYS F 121 0.59 -6.04 48.58
C LYS F 121 0.61 -5.49 50.00
N THR F 122 0.44 -4.17 50.14
CA THR F 122 0.43 -3.58 51.47
C THR F 122 -0.74 -4.10 52.31
N ARG F 123 -1.88 -4.35 51.67
CA ARG F 123 -3.02 -4.93 52.39
C ARG F 123 -2.73 -6.36 52.82
N ARG F 124 -2.08 -7.14 51.95
CA ARG F 124 -1.76 -8.52 52.29
C ARG F 124 -0.71 -8.60 53.40
N GLN F 125 0.12 -7.57 53.54
CA GLN F 125 1.13 -7.60 54.60
C GLN F 125 0.50 -7.46 55.97
N LEU F 126 -0.32 -6.43 56.16
CA LEU F 126 -1.06 -6.23 57.41
C LEU F 126 -2.25 -7.17 57.43
N ARG F 127 -2.03 -8.38 57.96
CA ARG F 127 -2.98 -9.48 57.82
C ARG F 127 -4.33 -9.14 58.47
N GLU F 128 -4.35 -8.99 59.79
CA GLU F 128 -5.57 -8.59 60.48
C GLU F 128 -5.32 -7.54 61.55
N ASN F 129 -4.23 -6.77 61.44
CA ASN F 129 -3.97 -5.66 62.34
C ASN F 129 -4.37 -4.31 61.76
N ALA F 130 -4.96 -4.29 60.57
CA ALA F 130 -5.31 -3.04 59.91
C ALA F 130 -6.68 -3.16 59.26
N GLU F 131 -7.30 -2.00 59.06
CA GLU F 131 -8.56 -1.90 58.34
C GLU F 131 -8.43 -0.83 57.25
N GLU F 132 -9.01 -1.10 56.08
CA GLU F 132 -8.95 -0.15 54.98
C GLU F 132 -10.04 0.90 55.15
N MET F 133 -9.65 2.16 55.17
CA MET F 133 -10.57 3.27 55.45
C MET F 133 -11.28 3.76 54.20
N GLY F 134 -11.00 3.17 53.02
CA GLY F 134 -11.77 3.45 51.83
C GLY F 134 -11.25 4.56 50.95
N ASN F 135 -10.28 5.35 51.41
CA ASN F 135 -9.76 6.46 50.62
C ASN F 135 -8.26 6.31 50.33
N GLY F 136 -7.70 5.12 50.49
CA GLY F 136 -6.30 4.86 50.20
C GLY F 136 -5.43 4.66 51.42
N CYS F 137 -5.95 4.86 52.63
CA CYS F 137 -5.17 4.73 53.84
C CYS F 137 -5.61 3.52 54.64
N PHE F 138 -4.70 3.00 55.46
CA PHE F 138 -4.98 1.93 56.40
C PHE F 138 -4.96 2.47 57.81
N LYS F 139 -5.95 2.07 58.61
CA LYS F 139 -5.96 2.34 60.04
C LYS F 139 -5.38 1.11 60.74
N ILE F 140 -4.23 1.28 61.36
CA ILE F 140 -3.52 0.21 62.04
C ILE F 140 -3.91 0.26 63.51
N TYR F 141 -4.44 -0.85 64.03
CA TYR F 141 -5.11 -0.84 65.32
C TYR F 141 -4.18 -1.14 66.48
N HIS F 142 -2.88 -1.28 66.23
CA HIS F 142 -1.88 -1.29 67.28
C HIS F 142 -0.96 -0.09 67.10
N LYS F 143 -0.10 0.12 68.08
CA LYS F 143 0.71 1.33 68.17
C LYS F 143 2.12 1.06 67.64
N CYS F 144 2.47 1.72 66.55
CA CYS F 144 3.79 1.62 65.94
C CYS F 144 4.68 2.83 66.24
N ASP F 145 5.98 2.62 66.04
CA ASP F 145 6.98 3.67 66.08
C ASP F 145 7.37 4.04 64.65
N ASN F 146 8.33 4.96 64.53
CA ASN F 146 8.93 5.23 63.22
C ASN F 146 9.73 4.05 62.67
N ALA F 147 9.99 3.05 63.51
CA ALA F 147 10.62 1.81 63.08
C ALA F 147 9.63 0.72 62.74
N CYS F 148 8.37 0.87 63.14
CA CYS F 148 7.33 -0.07 62.73
C CYS F 148 6.83 0.20 61.32
N ILE F 149 6.68 1.47 60.94
CA ILE F 149 6.28 1.79 59.58
C ILE F 149 7.37 1.40 58.58
N GLU F 150 8.64 1.53 58.97
CA GLU F 150 9.71 1.17 58.05
C GLU F 150 9.82 -0.33 57.87
N SER F 151 9.33 -1.13 58.84
CA SER F 151 9.31 -2.57 58.61
C SER F 151 8.22 -2.93 57.62
N ILE F 152 7.13 -2.15 57.59
CA ILE F 152 6.08 -2.34 56.61
C ILE F 152 6.53 -1.86 55.24
N ARG F 153 7.49 -0.93 55.19
CA ARG F 153 7.92 -0.39 53.91
C ARG F 153 8.94 -1.28 53.21
N ASN F 154 9.86 -1.89 53.95
CA ASN F 154 10.87 -2.76 53.34
C ASN F 154 10.50 -4.24 53.45
N GLY F 155 9.22 -4.55 53.65
CA GLY F 155 8.73 -5.90 53.50
C GLY F 155 9.19 -6.92 54.51
N THR F 156 9.21 -6.57 55.80
CA THR F 156 9.55 -7.51 56.84
C THR F 156 8.68 -7.31 58.07
N TYR F 157 7.45 -6.88 57.88
CA TYR F 157 6.50 -6.73 58.98
C TYR F 157 6.10 -8.08 59.55
N ASP F 158 6.18 -8.21 60.87
CA ASP F 158 5.80 -9.43 61.57
C ASP F 158 4.45 -9.19 62.22
N HIS F 159 3.39 -9.78 61.64
CA HIS F 159 2.04 -9.47 62.09
C HIS F 159 1.67 -10.16 63.39
N ASP F 160 2.30 -11.30 63.70
CA ASP F 160 1.86 -12.11 64.83
C ASP F 160 2.31 -11.55 66.17
N VAL F 161 3.22 -10.57 66.19
CA VAL F 161 3.65 -9.97 67.44
C VAL F 161 2.61 -9.00 67.98
N TYR F 162 1.87 -8.32 67.11
CA TYR F 162 0.88 -7.33 67.52
C TYR F 162 -0.54 -7.83 67.33
N ARG F 163 -0.72 -9.14 67.14
CA ARG F 163 -2.02 -9.67 66.78
C ARG F 163 -3.02 -9.55 67.92
N ASP F 164 -2.62 -9.96 69.13
CA ASP F 164 -3.55 -9.96 70.25
C ASP F 164 -3.98 -8.55 70.62
N GLU F 165 -3.03 -7.61 70.63
CA GLU F 165 -3.34 -6.22 70.95
C GLU F 165 -4.27 -5.61 69.91
N ALA F 166 -4.00 -5.84 68.62
CA ALA F 166 -4.85 -5.30 67.57
C ALA F 166 -6.24 -5.91 67.61
N LEU F 167 -6.33 -7.23 67.84
CA LEU F 167 -7.65 -7.87 67.89
C LEU F 167 -8.46 -7.37 69.07
N ASN F 168 -7.82 -7.16 70.23
CA ASN F 168 -8.58 -6.60 71.35
C ASN F 168 -8.91 -5.12 71.13
N ASN F 169 -8.14 -4.41 70.30
CA ASN F 169 -8.40 -3.00 70.06
C ASN F 169 -9.50 -2.77 69.04
N ARG F 170 -9.61 -3.62 68.02
CA ARG F 170 -10.49 -3.33 66.89
C ARG F 170 -11.87 -3.94 67.06
N PHE F 171 -11.95 -5.08 67.73
CA PHE F 171 -13.16 -5.89 67.84
C PHE F 171 -13.85 -5.72 69.19
N GLN F 172 -13.17 -5.09 70.14
CA GLN F 172 -13.72 -4.76 71.45
C GLN F 172 -13.22 -3.38 71.90
C1 NAG G . 7.82 30.15 -40.99
C2 NAG G . 8.97 30.97 -41.59
C3 NAG G . 9.94 31.42 -40.51
C4 NAG G . 9.20 32.15 -39.40
C5 NAG G . 8.06 31.27 -38.87
C6 NAG G . 7.22 31.97 -37.83
C7 NAG G . 9.63 30.49 -43.91
C8 NAG G . 10.41 29.59 -44.81
N2 NAG G . 9.67 30.20 -42.60
O3 NAG G . 10.93 32.28 -41.07
O4 NAG G . 10.09 32.47 -38.34
O5 NAG G . 7.19 30.92 -39.95
O6 NAG G . 6.48 33.05 -38.39
O7 NAG G . 8.99 31.45 -44.34
C1 NAG G . 10.47 33.68 -37.80
C2 NAG G . 10.82 33.87 -36.33
C3 NAG G . 11.43 35.24 -36.11
C4 NAG G . 12.63 35.44 -37.03
C5 NAG G . 12.23 35.16 -38.48
C6 NAG G . 13.41 35.20 -39.43
C7 NAG G . 9.48 32.63 -34.69
C8 NAG G . 8.22 32.61 -33.89
N2 NAG G . 9.65 33.69 -35.48
O3 NAG G . 11.82 35.39 -34.75
O4 NAG G . 13.12 36.76 -36.92
O5 NAG G . 11.64 33.86 -38.60
O6 NAG G . 13.22 36.17 -40.46
O7 NAG G . 10.30 31.73 -34.62
C1 BMA G . 14.14 37.23 -36.11
C2 BMA G . 14.73 38.52 -36.71
C3 BMA G . 16.00 38.90 -35.94
C4 BMA G . 15.74 38.91 -34.44
C5 BMA G . 15.21 37.54 -34.01
C6 BMA G . 14.94 37.45 -32.51
O2 BMA G . 13.82 39.60 -36.57
O3 BMA G . 16.51 40.16 -36.36
O4 BMA G . 16.95 39.19 -33.73
O5 BMA G . 13.98 37.32 -34.71
O6 BMA G . 14.03 38.48 -32.16
C1 MAN G . 17.46 39.49 -37.10
C2 MAN G . 17.75 40.97 -37.41
C3 MAN G . 17.18 41.33 -38.78
C4 MAN G . 17.66 40.34 -39.84
C5 MAN G . 17.31 38.90 -39.44
C6 MAN G . 17.83 37.85 -40.40
O2 MAN G . 19.16 41.22 -37.49
O3 MAN G . 17.52 42.67 -39.14
O4 MAN G . 17.06 40.64 -41.10
O5 MAN G . 17.87 38.62 -38.13
O6 MAN G . 19.04 37.33 -39.86
C1 MAN G . 12.85 38.39 -31.47
C2 MAN G . 11.91 39.17 -32.43
C3 MAN G . 12.29 40.66 -32.45
C4 MAN G . 12.46 41.22 -31.04
C5 MAN G . 13.50 40.37 -30.28
C6 MAN G . 13.70 40.84 -28.86
O2 MAN G . 10.56 39.12 -31.98
O3 MAN G . 11.33 41.43 -33.17
O4 MAN G . 12.92 42.56 -31.10
O5 MAN G . 13.03 39.01 -30.23
O6 MAN G . 14.66 39.99 -28.24
C1 NAG H . -22.59 -2.13 -8.27
C2 NAG H . -23.09 -3.47 -7.72
C3 NAG H . -22.10 -4.59 -8.03
C4 NAG H . -21.79 -4.63 -9.52
C5 NAG H . -21.32 -3.26 -9.98
C6 NAG H . -21.08 -3.19 -11.47
C7 NAG H . -24.51 -3.11 -5.75
C8 NAG H . -24.56 -3.05 -4.24
N2 NAG H . -23.32 -3.37 -6.28
O3 NAG H . -22.65 -5.84 -7.62
O4 NAG H . -20.79 -5.59 -9.79
O5 NAG H . -22.32 -2.27 -9.68
O6 NAG H . -22.30 -3.23 -12.20
O7 NAG H . -25.51 -2.92 -6.43
C1 NAG H . -21.03 -6.76 -10.47
C2 NAG H . -19.76 -7.48 -10.94
C3 NAG H . -20.14 -8.71 -11.78
C4 NAG H . -21.09 -9.60 -10.99
C5 NAG H . -22.30 -8.79 -10.51
C6 NAG H . -23.22 -9.59 -9.61
C7 NAG H . -17.74 -6.14 -11.28
C8 NAG H . -17.31 -6.62 -9.92
N2 NAG H . -18.92 -6.58 -11.71
O3 NAG H . -18.97 -9.42 -12.13
O4 NAG H . -21.56 -10.66 -11.83
O5 NAG H . -21.84 -7.67 -9.73
O6 NAG H . -22.57 -9.96 -8.40
O7 NAG H . -17.03 -5.38 -11.94
C1 NAG I . -28.73 9.87 50.56
C2 NAG I . -29.35 11.26 50.67
C3 NAG I . -29.91 11.50 52.06
C4 NAG I . -30.86 10.37 52.45
C5 NAG I . -30.16 9.03 52.30
C6 NAG I . -31.06 7.85 52.58
C7 NAG I . -28.21 12.75 49.08
C8 NAG I . -27.16 13.81 48.91
N2 NAG I . -28.38 12.30 50.32
O3 NAG I . -30.59 12.74 52.10
O4 NAG I . -31.28 10.52 53.80
O5 NAG I . -29.69 8.87 50.95
O6 NAG I . -31.05 7.49 53.96
O7 NAG I . -28.85 12.31 48.14
C1 NAG I . -32.33 10.61 54.69
C2 NAG I . -32.37 10.41 56.20
C3 NAG I . -33.76 10.70 56.74
C4 NAG I . -34.22 12.09 56.30
C5 NAG I . -34.12 12.21 54.78
C6 NAG I . -34.44 13.60 54.28
C7 NAG I . -30.68 8.74 56.81
C8 NAG I . -30.43 7.30 57.16
N2 NAG I . -31.95 9.07 56.56
O3 NAG I . -33.75 10.64 58.16
O4 NAG I . -35.58 12.29 56.68
O5 NAG I . -32.77 11.94 54.37
O6 NAG I . -34.16 14.59 55.25
O7 NAG I . -29.76 9.56 56.75
C1 NAG J . -9.23 -4.14 -50.38
C2 NAG J . -10.10 -3.44 -51.44
C3 NAG J . -11.34 -2.85 -50.78
C4 NAG J . -12.08 -3.91 -49.98
C5 NAG J . -11.13 -4.55 -48.98
C6 NAG J . -11.76 -5.68 -48.20
C7 NAG J . -9.00 -2.51 -53.42
C8 NAG J . -8.23 -1.35 -53.98
N2 NAG J . -9.35 -2.40 -52.13
O3 NAG J . -12.20 -2.32 -51.79
O4 NAG J . -13.17 -3.32 -49.28
O5 NAG J . -10.02 -5.11 -49.68
O6 NAG J . -12.05 -6.79 -49.04
O7 NAG J . -9.31 -3.47 -54.11
C1 NAG J . -14.53 -3.56 -49.35
C2 NAG J . -15.47 -3.42 -48.16
C3 NAG J . -16.91 -3.51 -48.63
C4 NAG J . -17.19 -2.47 -49.70
C5 NAG J . -16.18 -2.61 -50.84
C6 NAG J . -16.30 -1.53 -51.88
C7 NAG J . -14.63 -4.16 -45.98
C8 NAG J . -14.42 -5.33 -45.06
N2 NAG J . -15.20 -4.44 -47.16
O3 NAG J . -17.78 -3.30 -47.52
O4 NAG J . -18.50 -2.63 -50.22
O5 NAG J . -14.84 -2.56 -50.33
O6 NAG J . -16.54 -2.06 -53.18
O7 NAG J . -14.29 -3.02 -45.66
C1 BMA J . -19.65 -2.00 -49.84
C2 BMA J . -20.67 -2.00 -50.99
C3 BMA J . -21.85 -1.10 -50.65
C4 BMA J . -22.41 -1.42 -49.26
C5 BMA J . -21.27 -1.30 -48.23
C6 BMA J . -21.73 -1.59 -46.81
O2 BMA J . -21.20 -3.31 -51.18
O3 BMA J . -22.88 -1.18 -51.62
O4 BMA J . -23.45 -0.51 -48.92
O5 BMA J . -20.27 -2.25 -48.59
O6 BMA J . -22.31 -2.89 -46.78
C1 MAN J . -22.45 0.01 -52.14
C2 MAN J . -23.61 -0.38 -53.07
C3 MAN J . -23.07 -0.96 -54.36
C4 MAN J . -22.03 -0.02 -55.00
C5 MAN J . -20.91 0.27 -53.98
C6 MAN J . -19.89 1.28 -54.49
O2 MAN J . -24.37 0.76 -53.46
O3 MAN J . -24.10 -1.25 -55.30
O4 MAN J . -21.47 -0.62 -56.15
O5 MAN J . -21.50 0.82 -52.77
O6 MAN J . -20.23 2.56 -53.97
C1 MAN J . -22.03 -3.94 -45.95
C2 MAN J . -21.83 -5.07 -47.00
C3 MAN J . -23.16 -5.41 -47.69
C4 MAN J . -24.29 -5.59 -46.67
C5 MAN J . -24.40 -4.33 -45.79
C6 MAN J . -25.47 -4.45 -44.73
O2 MAN J . -21.40 -6.28 -46.38
O3 MAN J . -23.05 -6.57 -48.50
O4 MAN J . -25.52 -5.79 -47.34
O5 MAN J . -23.14 -4.14 -45.12
O6 MAN J . -25.47 -3.24 -43.97
C1 NAG K . 15.29 -18.66 -3.21
C2 NAG K . 16.32 -18.54 -2.09
C3 NAG K . 16.92 -17.14 -2.05
C4 NAG K . 17.47 -16.76 -3.43
C5 NAG K . 16.37 -16.93 -4.47
C6 NAG K . 16.86 -16.65 -5.88
C7 NAG K . 15.80 -20.09 -0.24
C8 NAG K . 15.12 -20.25 1.08
N2 NAG K . 15.72 -18.87 -0.80
O3 NAG K . 17.96 -17.09 -1.08
O4 NAG K . 17.91 -15.41 -3.41
O5 NAG K . 15.90 -18.27 -4.46
O6 NAG K . 17.73 -17.67 -6.34
O7 NAG K . 16.38 -21.02 -0.80
C1 NAG K . 19.24 -15.05 -3.51
C2 NAG K . 19.47 -13.59 -3.83
C3 NAG K . 20.96 -13.31 -4.02
C4 NAG K . 21.75 -13.81 -2.81
C5 NAG K . 21.41 -15.27 -2.52
C6 NAG K . 22.06 -15.78 -1.25
C7 NAG K . 17.68 -12.35 -4.98
C8 NAG K . 17.29 -11.84 -3.62
N2 NAG K . 18.73 -13.18 -5.02
O3 NAG K . 21.18 -11.92 -4.21
O4 NAG K . 23.14 -13.69 -3.06
O5 NAG K . 19.99 -15.42 -2.35
O6 NAG K . 21.54 -15.12 -0.10
O7 NAG K . 17.07 -12.03 -5.99
C1 NAG L . 29.39 -3.05 -42.12
C2 NAG L . 29.69 -4.08 -43.21
C3 NAG L . 29.51 -5.50 -42.68
C4 NAG L . 30.33 -5.69 -41.41
C5 NAG L . 29.96 -4.62 -40.39
C6 NAG L . 30.80 -4.69 -39.13
C7 NAG L . 29.32 -3.43 -45.55
C8 NAG L . 28.30 -3.26 -46.65
N2 NAG L . 28.85 -3.86 -44.38
O3 NAG L . 29.93 -6.43 -43.67
O4 NAG L . 30.07 -6.97 -40.85
O5 NAG L . 30.19 -3.32 -40.96
O6 NAG L . 32.16 -4.36 -39.39
O7 NAG L . 30.51 -3.18 -45.73
C1 NAG L . 30.90 -8.04 -40.62
C2 NAG L . 30.71 -9.01 -39.46
C3 NAG L . 31.63 -10.21 -39.61
C4 NAG L . 31.42 -10.87 -40.96
C5 NAG L . 31.55 -9.84 -42.08
C6 NAG L . 31.22 -10.39 -43.45
C7 NAG L . 29.95 -8.07 -37.32
C8 NAG L . 30.37 -7.39 -36.05
N2 NAG L . 30.93 -8.35 -38.18
O3 NAG L . 31.39 -11.14 -38.57
O4 NAG L . 32.36 -11.91 -41.16
O5 NAG L . 30.68 -8.73 -41.86
O6 NAG L . 32.31 -10.26 -44.35
O7 NAG L . 28.78 -8.35 -37.56
C1 BMA L . 32.23 -13.25 -40.90
C2 BMA L . 33.20 -14.05 -41.78
C3 BMA L . 32.88 -15.55 -41.66
C4 BMA L . 32.78 -15.98 -40.19
C5 BMA L . 31.73 -15.11 -39.49
C6 BMA L . 31.55 -15.47 -38.03
O2 BMA L . 34.53 -13.88 -41.34
O3 BMA L . 33.84 -16.35 -42.34
O4 BMA L . 32.41 -17.34 -40.11
O5 BMA L . 32.17 -13.75 -39.58
O6 BMA L . 32.81 -15.36 -37.38
C1 MAN L . 32.93 -16.51 -43.37
C2 MAN L . 34.16 -17.27 -43.86
C3 MAN L . 34.94 -16.43 -44.87
C4 MAN L . 34.00 -15.92 -45.98
C5 MAN L . 32.83 -15.15 -45.36
C6 MAN L . 31.80 -14.70 -46.39
O2 MAN L . 33.79 -18.46 -44.56
O3 MAN L . 36.03 -17.13 -45.44
O4 MAN L . 34.71 -15.07 -46.87
O5 MAN L . 32.14 -16.00 -44.42
O6 MAN L . 30.74 -15.63 -46.40
C1 MAN L . 33.14 -14.67 -36.25
C2 MAN L . 34.38 -13.89 -36.76
C3 MAN L . 35.54 -14.85 -37.04
C4 MAN L . 35.76 -15.82 -35.87
C5 MAN L . 34.46 -16.56 -35.58
C6 MAN L . 34.58 -17.53 -34.41
O2 MAN L . 34.87 -12.97 -35.77
O3 MAN L . 36.75 -14.13 -37.31
O4 MAN L . 36.77 -16.76 -36.21
O5 MAN L . 33.44 -15.60 -35.24
O6 MAN L . 33.31 -18.15 -34.22
C1 NAG M . 9.14 22.19 2.49
C2 NAG M . 8.08 22.97 3.31
C3 NAG M . 6.71 22.82 2.66
C4 NAG M . 6.76 23.21 1.19
C5 NAG M . 7.83 22.40 0.48
C6 NAG M . 8.00 22.79 -0.97
C7 NAG M . 8.73 23.12 5.66
C8 NAG M . 8.59 22.52 7.03
N2 NAG M . 8.06 22.52 4.68
O3 NAG M . 5.78 23.65 3.36
O4 NAG M . 5.50 22.96 0.58
O5 NAG M . 9.09 22.62 1.13
O6 NAG M . 8.61 24.08 -1.09
O7 NAG M . 9.43 24.10 5.46
C1 NAG M . 4.66 23.96 0.14
C2 NAG M . 3.54 23.48 -0.79
C3 NAG M . 2.74 24.67 -1.29
C4 NAG M . 2.24 25.52 -0.13
C5 NAG M . 3.41 25.90 0.79
C6 NAG M . 2.96 26.62 2.05
C7 NAG M . 3.90 21.40 -2.04
C8 NAG M . 3.09 20.73 -0.97
N2 NAG M . 4.08 22.72 -1.90
O3 NAG M . 1.63 24.21 -2.06
O4 NAG M . 1.62 26.70 -0.60
O5 NAG M . 4.10 24.72 1.22
O6 NAG M . 2.19 25.78 2.88
O7 NAG M . 4.36 20.78 -2.99
C1 NAG N . -17.13 -33.35 45.52
C2 NAG N . -18.01 -34.55 45.13
C3 NAG N . -18.56 -35.24 46.38
C4 NAG N . -17.42 -35.60 47.34
C5 NAG N . -16.60 -34.35 47.65
C6 NAG N . -15.40 -34.64 48.52
C7 NAG N . -18.98 -34.11 42.93
C8 NAG N . -20.21 -33.65 42.19
N2 NAG N . -19.09 -34.14 44.27
O3 NAG N . -19.26 -36.42 46.00
O4 NAG N . -17.94 -36.13 48.54
O5 NAG N . -16.10 -33.79 46.43
O6 NAG N . -15.73 -34.55 49.90
O7 NAG N . -17.96 -34.42 42.35
C1 NAG N . -17.94 -37.16 49.46
C2 NAG N . -18.43 -37.19 50.90
C3 NAG N . -18.28 -38.60 51.48
C4 NAG N . -18.98 -39.62 50.57
C5 NAG N . -18.47 -39.48 49.14
C6 NAG N . -19.20 -40.37 48.17
C7 NAG N . -18.10 -34.97 51.90
C8 NAG N . -17.24 -34.12 52.77
N2 NAG N . -17.71 -36.24 51.72
O3 NAG N . -18.85 -38.64 52.78
O4 NAG N . -18.71 -40.94 51.04
O5 NAG N . -18.66 -38.12 48.68
O6 NAG N . -20.53 -40.63 48.59
O7 NAG N . -19.13 -34.53 51.37
C1 NAG O . 13.74 -2.96 57.39
C2 NAG O . 15.23 -3.18 57.66
C3 NAG O . 15.47 -3.43 59.15
C4 NAG O . 14.85 -2.32 59.99
C5 NAG O . 13.38 -2.17 59.63
C6 NAG O . 12.71 -1.02 60.36
C7 NAG O . 16.25 -4.13 55.64
C8 NAG O . 16.74 -5.38 54.97
N2 NAG O . 15.74 -4.29 56.86
O3 NAG O . 16.86 -3.52 59.39
O4 NAG O . 14.97 -2.63 61.37
O5 NAG O . 13.24 -1.90 58.22
O6 NAG O . 12.19 -1.43 61.60
O7 NAG O . 16.31 -3.03 55.11
C1 NAG O . 15.39 -2.21 62.61
C2 NAG O . 14.99 -2.72 64.00
C3 NAG O . 15.80 -1.99 65.08
C4 NAG O . 17.29 -2.10 64.78
C5 NAG O . 17.59 -1.63 63.37
C6 NAG O . 19.03 -1.82 62.97
C7 NAG O . 12.67 -3.50 63.93
C8 NAG O . 11.23 -3.15 64.23
N2 NAG O . 13.57 -2.56 64.23
O3 NAG O . 15.51 -2.57 66.35
O4 NAG O . 18.02 -1.30 65.71
O5 NAG O . 16.80 -2.37 62.44
O6 NAG O . 19.62 -2.91 63.65
O7 NAG O . 12.99 -4.56 63.42
C1 NAG P . -28.09 0.19 20.09
C2 NAG P . -29.36 0.69 20.77
C3 NAG P . -30.11 1.67 19.86
C4 NAG P . -29.18 2.79 19.40
C5 NAG P . -27.91 2.20 18.79
C6 NAG P . -26.89 3.27 18.43
C7 NAG P . -30.95 -0.43 22.26
C8 NAG P . -31.78 -1.65 22.49
N2 NAG P . -30.22 -0.41 21.14
O3 NAG P . -31.22 2.22 20.56
O4 NAG P . -29.83 3.60 18.44
O5 NAG P . -27.28 1.31 19.71
O6 NAG P . -25.57 2.75 18.48
O7 NAG P . -30.96 0.51 23.05
C1 NAG Q . -17.45 29.82 -25.29
C2 NAG Q . -18.32 30.52 -26.32
C3 NAG Q . -17.49 31.49 -27.14
C4 NAG Q . -16.77 32.45 -26.22
C5 NAG Q . -15.94 31.68 -25.19
C6 NAG Q . -15.28 32.64 -24.22
C7 NAG Q . -20.14 29.78 -27.74
C8 NAG Q . -20.93 28.56 -28.09
N2 NAG Q . -18.94 29.57 -27.20
O3 NAG Q . -18.34 32.22 -28.02
O4 NAG Q . -15.89 33.29 -26.99
O5 NAG Q . -16.77 30.77 -24.47
O6 NAG Q . -16.25 33.16 -23.29
O7 NAG Q . -20.57 30.92 -27.92
C1 NAG R . 3.55 -26.33 22.15
C2 NAG R . 3.39 -27.73 22.75
C3 NAG R . 3.35 -28.78 21.64
C4 NAG R . 2.25 -28.43 20.63
C5 NAG R . 2.44 -26.99 20.13
C6 NAG R . 1.32 -26.54 19.22
C7 NAG R . 4.33 -28.74 24.78
C8 NAG R . 5.57 -28.94 25.61
N2 NAG R . 4.48 -28.02 23.66
O3 NAG R . 3.09 -30.06 22.20
O4 NAG R . 2.30 -29.33 19.53
O5 NAG R . 2.47 -26.09 21.23
O6 NAG R . 1.13 -25.14 19.28
O7 NAG R . 3.25 -29.21 25.11
C1 NAG S . -4.87 -27.45 -32.40
C2 NAG S . -4.61 -28.48 -33.50
C3 NAG S . -5.38 -28.12 -34.76
C4 NAG S . -6.86 -27.96 -34.43
C5 NAG S . -7.05 -26.94 -33.31
C6 NAG S . -8.51 -26.84 -32.93
C7 NAG S . -2.64 -29.69 -34.21
C8 NAG S . -1.17 -29.81 -33.90
N2 NAG S . -3.21 -28.54 -33.82
O3 NAG S . -5.22 -29.16 -35.73
O4 NAG S . -7.57 -27.52 -35.60
O5 NAG S . -6.28 -27.32 -32.17
O6 NAG S . -8.91 -28.00 -32.17
O7 NAG S . -3.26 -30.56 -34.78
C1 NAG T . 9.49 13.84 30.25
C2 NAG T . 10.38 14.33 31.38
C3 NAG T . 11.71 14.86 30.82
C4 NAG T . 12.36 13.79 29.94
C5 NAG T . 11.39 13.32 28.87
C6 NAG T . 11.94 12.18 28.04
C7 NAG T . 9.87 15.49 33.48
C8 NAG T . 9.10 16.61 34.11
N2 NAG T . 9.72 15.36 32.15
O3 NAG T . 12.57 15.20 31.89
O4 NAG T . 13.52 14.34 29.30
O5 NAG T . 10.19 12.84 29.49
O6 NAG T . 10.90 11.35 27.54
O7 NAG T . 10.59 14.74 34.13
C1 NAG U . 37.78 10.64 -17.06
C2 NAG U . 38.93 11.44 -17.67
C3 NAG U . 39.55 10.68 -18.83
C4 NAG U . 39.95 9.29 -18.38
C5 NAG U . 38.76 8.57 -17.75
C6 NAG U . 39.18 7.21 -17.23
C7 NAG U . 39.27 13.79 -18.12
C8 NAG U . 38.58 15.12 -18.01
N2 NAG U . 38.48 12.73 -18.14
O3 NAG U . 40.69 11.38 -19.30
O4 NAG U . 40.43 8.54 -19.49
O5 NAG U . 38.21 9.35 -16.69
O6 NAG U . 39.93 7.36 -16.02
O7 NAG U . 40.49 13.71 -18.17
#